data_7KC0
#
_entry.id   7KC0
#
_cell.length_a   1.00
_cell.length_b   1.00
_cell.length_c   1.00
_cell.angle_alpha   90.00
_cell.angle_beta   90.00
_cell.angle_gamma   90.00
#
_symmetry.space_group_name_H-M   'P 1'
#
loop_
_entity.id
_entity.type
_entity.pdbx_description
1 polymer "DNA (5'-D(P*AP*TP*GP*AP*CP*CP*AP*TP*GP*AP*TP*TP*AP*CP*GP*AP*AP*TP*TP*GP*C)-3')"
2 polymer 'DNA (25-MER)'
3 polymer 'Proliferating cell nuclear antigen'
4 polymer 'DNA polymerase'
5 polymer 'POL31 isoform 1'
6 polymer 'POL32 isoform 1'
7 non-polymer 'MAGNESIUM ION'
8 non-polymer 'IRON/SULFUR CLUSTER'
9 non-polymer "2',3'-DIDEOXY-THYMIDINE-5'-TRIPHOSPHATE"
10 non-polymer 'ZINC ION'
#
loop_
_entity_poly.entity_id
_entity_poly.type
_entity_poly.pdbx_seq_one_letter_code
_entity_poly.pdbx_strand_id
1 'polydeoxyribonucleotide'
;(DA)(DG)(DC)(DT)(DA)(DT)(DG)(DA)(DC)(DC)(DA)(DT)(DG)(DA)(DT)(DT)(DA)(DC)(DG)(DA)
(DA)(DT)(DT)(DG)(DC)
;
P
2 'polydeoxyribonucleotide'
;(DC)(DT)(DG)(DC)(DA)(DC)(DG)(DA)(DA)(DT)(DT)(DA)(DA)(DG)(DC)(DA)(DA)(DT)(DT)(DC)
(DG)(DT)(DA)(DA)(DT)(DC)(DA)(DT)(DG)(DG)(DT)(DC)(DA)(DT)(DA)(DG)(DC)(DT)
;
T
3 'polypeptide(L)'
;MLEAKFEEASLFKRIIDGFKDCVQLVNFQCKEDGIIAQAVDDSRVLLVSLEIGVEAFQEYRCDHPVTLGMDLTSLSKILR
CGNNTDTLTLIADNTPDSIILLFEDTKKDRIAEYSLKLMDIDADFLKIEELQYDSTLSLPSSEFSKIVRDLSQLSDSINI
MITKETIKFVADGDIGSGSVIIKPFVDMEHPETSIKLEMDQPVDLTFGAKYLLDIIKGSSLSDRVGIRLSSEAPALFQFD
LKSGFLQFFLAPKFNDEE
;
F,E,G
4 'polypeptide(L)'
;MSEKRSLPMVDVKIDDEDTPQLEKKIKRQSIDHGVGSEPVSTIEIIPSDSFRKYNSQGFKAKDTDLMGTQLESTFEQELS
QMEHDMADQEEHDLSSFERKKLPTDFDPSLYDISFQQIDAEQSVLNGIKDENTSTVVRFFGVTSEGHSVLCNVTGFKNYL
YVPAPNSSDANDQEQINKFVHYLNETFDHAIDSIEVVSKQSIWGYSGDTKLPFWKIYVTYPHMVNKLRTAFERGHLSFNS
WFSNGTTTYDNIAYTLRLMVDCGIVGMSWITLPKGKYSMIEPNNRVSSCQLEVSINYRNLIAHPAEGDWSHTAPLRIMSF
SISCAGRIGVFPEPEYDPVIQIANVVSIAGAKKPFIRNVFTLNTCSPITGSMIFSHATEEEMLSNWRNFIIKVDPDVIIG
YNTTNFDIPYLLNRAKALKVNDFPYFGRLKTVKQEIKESVFSSKAYGTRETKNVNIDGRLQLDLLQFIQREYKLRSYTLN
AVSAHFLGEQKEDVHYSIISDLQNGDSETRRRLAVYCLKDAYLPLRLMEKLMALVNYTEMARVTGVPFSYLLARGQQIKV
VSQLFRKCLEIDTVIPNMQSQASDDQYEGATVIEPIRGYYDVPIATLDFNSLYPSIMMAHNLCYTTLCNKATVERLNLKI
DEDYVITPNGDYFVTTKRRRGILPIILDELISARKRAKKDLRDEKDPFKRDVLNGRQLALKISANSVYGFTGATVGKLPC
LAISSSVTAYGRTMILKTKTAVQEKYCIKNGYKHDAVVVYGDTDSVMVKFGTTDLKEAMDLGTEAAKYVSTLFKHPINLE
FEKAYFPYLLINKKRYAGLFWTNPDKFDKLDQKGLASVRRDSCSLVSIVMNKVLKKILIERNVDGALAFVRETINDILHN
RVDISKLIISKTLAPNYTNPQPHAVLAERMKRREGVGPNVGDRVDYVIIGGNDKLYNRAEDPLFVLENNIQVDSRYYLTN
QLQNPIISIVAPIIGDKQANGMFVVKSIKINTGSQKGGLMSFIKKVEACKSCKGPLRKGEGPLCSNCLARSGELYIKALY
DVRDLEEKYSRLWTQCQRCAGNLHSEVLCSNKNCDIFYMRVKVKKELQEKVEQLSKW
;
A
5 'polypeptide(L)'
;MDALLTKFNEDRSLQDENLSQPRTRVRIVDDNLYNKSNPFQLCYKKRDYGSQYYHIYQYRLKTFRERVLKECDKRWDAGF
TLNGQLVLKKDKVLDIQGNQPCWCVGSIYCEMKYKPNVLDEVINDTYGAPDLTKSYTDKEGGSDEIMLEDESGRVLLVGD
FIRSTPFITGVVVGILGMEAEAGTFQVLDICYPTPLPQNPFPAPIATCPTRGKIALVSGLNLNNTSPDRLLRLEILREFL
MGRINNKIDDISLIGRLLICGNSVDFDIKSVNKDELMISLTEFSKFLHNILPSISVDIMPGTNDPSDKSLPQQPFHKSLF
DKSLESYFNGSNKEILNLVTNPYEFSYNGVDVLAVSGKNINDICKYVIPSNDNGESENKVEEGESNDFKDDIEHRLDLME
CTMKWQNIAPTAPDTLWCYPYTDKDPFVLDKWPHVYIVANQPYFGTRVVEIGGKNIKIISVPEFSSTGMIILLDLETLEA
ETVKIDI
;
B
6 'polypeptide(L)'
;MDQKASYFINEKLFTEVKPVLFTDLIHHLKIGPSMAKKLMFDYYKQTTNAKYNCVVICCYKDQTIKIIHDLSNIPQQDSI
IDCFIYAFNPMDSFIPYYDIIDQKDCLTIKNSYELKVSESSKIIERTKTLEEKSKPLVRPTARSKTTPEETTGRKSKSKD
MGLRSTALLAKMKKDRDDKETSRQNELRKRKEENLQKINKQNPEREAQMKELNNLFVEDDLDTEEVNGGSKPNSPKETDS
NDKDKNNDDLEDLLETTAEDSLMDVPKIQQTKPSETEHSKEPKSEEEPSSFIDEDGYIVTKRPATSTPPRKPSPVVKRAL
SSSKKQETPSSNKRLKKQGTLESFFKRKAK
;
C
#
# COMPACT_ATOMS: atom_id res chain seq x y z
N MET C 1 -6.80 29.29 -30.39
CA MET C 1 -5.51 28.72 -30.77
C MET C 1 -4.37 29.52 -30.18
N LEU C 2 -3.57 28.88 -29.33
CA LEU C 2 -2.40 29.53 -28.74
C LEU C 2 -1.21 29.40 -29.66
N GLU C 3 -0.49 30.51 -29.82
CA GLU C 3 0.76 30.51 -30.59
C GLU C 3 1.69 31.52 -29.93
N ALA C 4 2.54 31.01 -29.04
CA ALA C 4 3.48 31.84 -28.29
C ALA C 4 4.86 31.62 -28.89
N LYS C 5 5.28 32.56 -29.74
CA LYS C 5 6.61 32.53 -30.32
C LYS C 5 7.55 33.32 -29.41
N PHE C 6 8.57 32.64 -28.88
CA PHE C 6 9.54 33.23 -27.98
C PHE C 6 10.56 34.03 -28.77
N GLU C 7 11.65 34.43 -28.10
CA GLU C 7 12.80 35.03 -28.74
C GLU C 7 14.05 34.16 -28.65
N GLU C 8 14.11 33.25 -27.68
CA GLU C 8 15.27 32.39 -27.48
C GLU C 8 14.84 31.24 -26.59
N ALA C 9 15.17 30.01 -26.99
CA ALA C 9 14.72 28.84 -26.23
C ALA C 9 15.39 28.74 -24.87
N SER C 10 16.58 29.33 -24.70
CA SER C 10 17.27 29.23 -23.41
C SER C 10 16.44 29.88 -22.30
N LEU C 11 15.71 30.93 -22.63
CA LEU C 11 14.84 31.58 -21.64
C LEU C 11 13.85 30.59 -21.06
N PHE C 12 13.08 29.91 -21.92
CA PHE C 12 12.09 28.97 -21.43
C PHE C 12 12.74 27.75 -20.79
N LYS C 13 13.87 27.31 -21.31
CA LYS C 13 14.56 26.17 -20.71
C LYS C 13 14.96 26.48 -19.26
N ARG C 14 15.53 27.66 -19.03
CA ARG C 14 15.88 28.05 -17.67
C ARG C 14 14.63 28.26 -16.82
N ILE C 15 13.59 28.83 -17.41
CA ILE C 15 12.33 29.04 -16.69
C ILE C 15 11.82 27.72 -16.13
N ILE C 16 11.86 26.67 -16.95
CA ILE C 16 11.36 25.38 -16.52
C ILE C 16 12.33 24.72 -15.53
N ASP C 17 13.62 24.72 -15.85
CA ASP C 17 14.60 24.09 -14.99
C ASP C 17 14.72 24.78 -13.63
N GLY C 18 14.19 25.99 -13.49
CA GLY C 18 14.20 26.65 -12.19
C GLY C 18 13.33 25.95 -11.16
N PHE C 19 12.26 25.29 -11.60
CA PHE C 19 11.36 24.62 -10.66
C PHE C 19 10.91 23.25 -11.16
N LYS C 20 11.63 22.64 -12.09
CA LYS C 20 11.27 21.32 -12.58
C LYS C 20 11.53 20.22 -11.57
N ASP C 21 12.26 20.50 -10.49
CA ASP C 21 12.63 19.50 -9.50
C ASP C 21 11.71 19.49 -8.29
N CYS C 22 11.41 20.66 -7.73
CA CYS C 22 10.51 20.74 -6.58
C CYS C 22 9.14 20.19 -6.94
N VAL C 23 8.50 20.80 -7.94
CA VAL C 23 7.24 20.30 -8.46
C VAL C 23 7.52 19.55 -9.76
N GLN C 24 6.56 18.74 -10.18
CA GLN C 24 6.72 17.92 -11.38
C GLN C 24 5.55 17.99 -12.35
N LEU C 25 4.36 18.38 -11.90
CA LEU C 25 3.18 18.47 -12.75
C LEU C 25 2.50 19.79 -12.50
N VAL C 26 2.40 20.63 -13.52
CA VAL C 26 1.79 21.95 -13.38
C VAL C 26 0.72 22.15 -14.43
N ASN C 27 -0.09 23.18 -14.22
CA ASN C 27 -1.12 23.60 -15.16
C ASN C 27 -0.76 24.99 -15.66
N PHE C 28 -0.33 25.08 -16.91
CA PHE C 28 0.00 26.36 -17.52
C PHE C 28 -1.28 26.97 -18.08
N GLN C 29 -1.62 28.16 -17.59
CA GLN C 29 -2.85 28.86 -17.98
C GLN C 29 -2.47 29.94 -18.99
N CYS C 30 -2.60 29.61 -20.27
CA CYS C 30 -2.34 30.56 -21.34
C CYS C 30 -3.59 31.41 -21.53
N LYS C 31 -3.63 32.52 -20.80
CA LYS C 31 -4.74 33.46 -20.87
C LYS C 31 -4.44 34.56 -21.89
N GLU C 32 -5.22 35.63 -21.86
CA GLU C 32 -5.13 36.70 -22.84
C GLU C 32 -4.09 37.76 -22.51
N ASP C 33 -3.23 37.52 -21.51
CA ASP C 33 -2.16 38.47 -21.20
C ASP C 33 -0.86 37.75 -20.86
N GLY C 34 -0.67 36.55 -21.39
CA GLY C 34 0.54 35.79 -21.12
C GLY C 34 0.26 34.42 -20.55
N ILE C 35 1.20 33.89 -19.78
CA ILE C 35 1.09 32.56 -19.18
C ILE C 35 1.29 32.70 -17.69
N ILE C 36 0.51 31.93 -16.92
CA ILE C 36 0.61 31.92 -15.47
C ILE C 36 0.39 30.49 -14.99
N ALA C 37 1.27 30.02 -14.10
CA ALA C 37 1.16 28.66 -13.60
C ALA C 37 1.66 28.59 -12.16
N GLN C 38 0.83 28.09 -11.26
CA GLN C 38 1.21 27.90 -9.87
C GLN C 38 1.00 26.45 -9.48
N ALA C 39 1.84 25.97 -8.57
CA ALA C 39 1.76 24.60 -8.10
C ALA C 39 2.34 24.51 -6.70
N VAL C 40 2.08 23.39 -6.04
CA VAL C 40 2.59 23.13 -4.69
C VAL C 40 3.29 21.78 -4.70
N ASP C 41 4.36 21.67 -3.93
CA ASP C 41 5.07 20.41 -3.82
C ASP C 41 4.28 19.42 -2.98
N ASP C 42 4.75 18.17 -2.97
CA ASP C 42 4.06 17.14 -2.20
C ASP C 42 4.18 17.40 -0.70
N SER C 43 5.26 18.04 -0.26
CA SER C 43 5.42 18.40 1.14
C SER C 43 4.52 19.54 1.57
N ARG C 44 3.90 20.26 0.63
CA ARG C 44 2.90 21.28 0.91
C ARG C 44 3.47 22.40 1.77
N VAL C 45 4.72 22.78 1.53
CA VAL C 45 5.32 23.90 2.23
C VAL C 45 5.97 24.81 1.21
N LEU C 46 6.04 24.36 -0.04
CA LEU C 46 6.61 25.13 -1.14
C LEU C 46 5.58 25.32 -2.22
N LEU C 47 5.35 26.58 -2.59
CA LEU C 47 4.40 26.94 -3.64
C LEU C 47 5.15 27.73 -4.72
N VAL C 48 5.29 27.15 -5.89
CA VAL C 48 5.90 27.85 -7.02
C VAL C 48 4.80 28.60 -7.75
N SER C 49 5.14 29.81 -8.23
CA SER C 49 4.18 30.60 -9.01
C SER C 49 4.94 31.40 -10.05
N LEU C 50 4.66 31.12 -11.32
CA LEU C 50 5.36 31.71 -12.44
C LEU C 50 4.39 32.53 -13.27
N GLU C 51 4.82 33.73 -13.67
CA GLU C 51 4.05 34.60 -14.55
C GLU C 51 4.96 35.13 -15.64
N ILE C 52 4.68 34.76 -16.88
CA ILE C 52 5.38 35.29 -18.05
C ILE C 52 4.40 36.17 -18.80
N GLY C 53 4.59 37.49 -18.70
CA GLY C 53 3.76 38.40 -19.44
C GLY C 53 4.04 38.33 -20.93
N VAL C 54 3.09 38.86 -21.71
CA VAL C 54 3.19 38.83 -23.16
C VAL C 54 4.38 39.63 -23.69
N GLU C 55 4.96 40.50 -22.86
CA GLU C 55 6.11 41.29 -23.31
C GLU C 55 7.34 40.42 -23.51
N ALA C 56 7.51 39.39 -22.69
CA ALA C 56 8.68 38.52 -22.81
C ALA C 56 8.66 37.75 -24.12
N PHE C 57 7.47 37.36 -24.59
CA PHE C 57 7.35 36.64 -25.84
C PHE C 57 7.63 37.56 -27.02
N GLN C 58 7.64 36.97 -28.22
CA GLN C 58 7.71 37.73 -29.45
C GLN C 58 6.36 37.79 -30.16
N GLU C 59 5.61 36.71 -30.14
CA GLU C 59 4.26 36.67 -30.70
C GLU C 59 3.34 35.87 -29.79
N TYR C 60 2.06 36.25 -29.78
CA TYR C 60 1.09 35.60 -28.91
C TYR C 60 -0.26 35.64 -29.62
N ARG C 61 -0.69 34.49 -30.14
CA ARG C 61 -1.93 34.38 -30.88
C ARG C 61 -3.05 33.73 -30.07
N CYS C 62 -2.80 33.41 -28.80
CA CYS C 62 -3.84 32.81 -27.97
C CYS C 62 -4.98 33.78 -27.75
N ASP C 63 -6.15 33.44 -28.27
CA ASP C 63 -7.34 34.27 -28.13
C ASP C 63 -8.35 33.75 -27.12
N HIS C 64 -8.23 32.49 -26.71
CA HIS C 64 -9.11 31.90 -25.72
C HIS C 64 -8.27 31.29 -24.61
N PRO C 65 -8.61 31.54 -23.34
CA PRO C 65 -7.80 31.00 -22.24
C PRO C 65 -7.75 29.48 -22.29
N VAL C 66 -6.55 28.94 -22.47
CA VAL C 66 -6.36 27.51 -22.57
C VAL C 66 -5.52 27.04 -21.39
N THR C 67 -5.57 25.74 -21.11
CA THR C 67 -4.81 25.14 -20.03
C THR C 67 -4.00 23.97 -20.57
N LEU C 68 -2.76 23.86 -20.10
CA LEU C 68 -1.85 22.81 -20.53
C LEU C 68 -1.38 22.04 -19.31
N GLY C 69 -1.68 20.74 -19.26
CA GLY C 69 -1.27 19.89 -18.17
C GLY C 69 0.15 19.39 -18.32
N MET C 70 1.13 20.25 -18.01
CA MET C 70 2.51 19.94 -18.31
C MET C 70 3.13 19.03 -17.26
N ASP C 71 3.81 17.99 -17.72
CA ASP C 71 4.68 17.17 -16.89
C ASP C 71 6.11 17.67 -17.09
N LEU C 72 6.73 18.11 -16.00
CA LEU C 72 7.97 18.89 -16.14
C LEU C 72 9.14 18.04 -16.60
N THR C 73 9.15 16.74 -16.30
CA THR C 73 10.27 15.90 -16.73
C THR C 73 10.26 15.72 -18.24
N SER C 74 9.09 15.39 -18.81
CA SER C 74 9.00 15.23 -20.25
C SER C 74 9.26 16.55 -20.97
N LEU C 75 8.71 17.65 -20.45
CA LEU C 75 8.94 18.94 -21.09
C LEU C 75 10.38 19.37 -20.99
N SER C 76 11.07 19.02 -19.89
CA SER C 76 12.50 19.32 -19.82
C SER C 76 13.30 18.46 -20.78
N LYS C 77 12.89 17.20 -20.96
CA LYS C 77 13.51 16.36 -21.99
C LYS C 77 13.36 17.00 -23.36
N ILE C 78 12.17 17.52 -23.66
CA ILE C 78 11.93 18.14 -24.95
C ILE C 78 12.78 19.40 -25.09
N LEU C 79 12.81 20.24 -24.05
CA LEU C 79 13.56 21.49 -24.10
C LEU C 79 15.07 21.27 -24.19
N ARG C 80 15.57 20.15 -23.64
CA ARG C 80 16.98 19.83 -23.80
C ARG C 80 17.35 19.56 -25.25
N CYS C 81 16.35 19.35 -26.12
CA CYS C 81 16.56 19.13 -27.54
C CYS C 81 16.58 20.45 -28.33
N GLY C 82 16.81 21.56 -27.66
CA GLY C 82 16.81 22.87 -28.30
C GLY C 82 18.21 23.43 -28.41
N ASN C 83 18.43 24.26 -29.43
CA ASN C 83 19.71 24.88 -29.67
C ASN C 83 19.79 26.21 -28.92
N ASN C 84 20.80 27.01 -29.22
CA ASN C 84 20.93 28.36 -28.69
C ASN C 84 20.84 29.40 -29.81
N THR C 85 20.18 29.03 -30.91
CA THR C 85 19.95 29.94 -32.03
C THR C 85 18.56 29.75 -32.62
N ASP C 86 17.61 29.30 -31.81
CA ASP C 86 16.29 28.91 -32.27
C ASP C 86 15.22 29.77 -31.61
N THR C 87 14.16 30.07 -32.36
CA THR C 87 13.01 30.82 -31.84
C THR C 87 11.90 29.81 -31.55
N LEU C 88 11.97 29.22 -30.35
CA LEU C 88 10.98 28.23 -29.95
C LEU C 88 9.59 28.84 -29.89
N THR C 89 8.63 28.18 -30.54
CA THR C 89 7.25 28.61 -30.54
C THR C 89 6.38 27.45 -30.03
N LEU C 90 5.49 27.77 -29.09
CA LEU C 90 4.54 26.81 -28.54
C LEU C 90 3.19 27.06 -29.20
N ILE C 91 2.70 26.04 -29.90
CA ILE C 91 1.41 26.11 -30.59
C ILE C 91 0.47 25.09 -29.97
N ALA C 92 -0.81 25.47 -29.88
CA ALA C 92 -1.84 24.61 -29.34
C ALA C 92 -3.15 24.95 -30.01
N ASP C 93 -3.92 23.91 -30.37
CA ASP C 93 -5.19 24.10 -31.06
C ASP C 93 -6.27 24.48 -30.04
N ASN C 94 -7.53 24.43 -30.48
CA ASN C 94 -8.64 24.81 -29.62
C ASN C 94 -8.74 23.88 -28.41
N THR C 95 -8.98 22.60 -28.66
CA THR C 95 -9.00 21.59 -27.59
C THR C 95 -7.67 20.85 -27.63
N PRO C 96 -6.73 21.16 -26.73
CA PRO C 96 -5.37 20.64 -26.86
C PRO C 96 -5.27 19.21 -26.38
N ASP C 97 -4.94 18.30 -27.31
CA ASP C 97 -4.53 16.95 -26.95
C ASP C 97 -3.02 16.89 -26.76
N SER C 98 -2.28 17.55 -27.64
CA SER C 98 -0.84 17.69 -27.52
C SER C 98 -0.46 19.13 -27.82
N ILE C 99 0.77 19.48 -27.49
CA ILE C 99 1.31 20.81 -27.76
C ILE C 99 2.46 20.68 -28.73
N ILE C 100 2.58 21.64 -29.65
CA ILE C 100 3.62 21.67 -30.65
C ILE C 100 4.71 22.64 -30.21
N LEU C 101 5.96 22.22 -30.30
CA LEU C 101 7.10 23.07 -29.97
C LEU C 101 8.02 23.10 -31.18
N LEU C 102 8.27 24.28 -31.73
CA LEU C 102 9.10 24.42 -32.92
C LEU C 102 10.31 25.30 -32.62
N PHE C 103 11.49 24.69 -32.64
CA PHE C 103 12.75 25.42 -32.50
C PHE C 103 13.32 25.82 -33.85
N GLU C 104 12.51 26.50 -34.66
CA GLU C 104 12.95 26.91 -35.99
C GLU C 104 14.14 27.85 -35.90
N ASP C 105 15.27 27.43 -36.46
CA ASP C 105 16.47 28.25 -36.41
C ASP C 105 16.26 29.54 -37.20
N THR C 106 16.86 30.63 -36.74
CA THR C 106 16.72 31.92 -37.40
C THR C 106 17.18 31.84 -38.85
N LYS C 107 18.44 31.46 -39.07
CA LYS C 107 18.89 31.15 -40.42
C LYS C 107 18.16 29.91 -40.90
N LYS C 108 17.85 29.87 -42.21
CA LYS C 108 17.03 28.79 -42.74
C LYS C 108 17.73 27.45 -42.55
N ASP C 109 17.21 26.65 -41.62
CA ASP C 109 17.81 25.36 -41.29
C ASP C 109 16.69 24.46 -40.78
N ARG C 110 17.09 23.38 -40.12
CA ARG C 110 16.16 22.32 -39.72
C ARG C 110 15.22 22.84 -38.64
N ILE C 111 13.92 22.87 -38.94
CA ILE C 111 12.93 23.18 -37.91
C ILE C 111 12.70 21.93 -37.07
N ALA C 112 12.50 22.13 -35.78
CA ALA C 112 12.37 21.03 -34.82
C ALA C 112 10.96 21.06 -34.25
N GLU C 113 10.06 20.27 -34.84
CA GLU C 113 8.65 20.23 -34.46
C GLU C 113 8.42 19.01 -33.58
N TYR C 114 8.28 19.24 -32.29
CA TYR C 114 8.00 18.18 -31.32
C TYR C 114 6.55 18.27 -30.87
N SER C 115 5.89 17.13 -30.74
CA SER C 115 4.52 17.06 -30.26
C SER C 115 4.52 16.37 -28.91
N LEU C 116 4.36 17.16 -27.85
CA LEU C 116 4.36 16.64 -26.48
C LEU C 116 2.93 16.41 -26.02
N LYS C 117 2.65 15.19 -25.57
CA LYS C 117 1.32 14.87 -25.07
C LYS C 117 1.02 15.66 -23.80
N LEU C 118 -0.25 15.97 -23.60
CA LEU C 118 -0.70 16.71 -22.44
C LEU C 118 -1.56 15.83 -21.54
N MET C 119 -1.61 16.19 -20.27
CA MET C 119 -2.44 15.50 -19.28
C MET C 119 -3.41 16.51 -18.66
N ASP C 120 -4.24 16.01 -17.76
CA ASP C 120 -5.22 16.82 -17.02
C ASP C 120 -4.95 16.56 -15.54
N ILE C 121 -4.19 17.47 -14.91
CA ILE C 121 -3.73 17.25 -13.55
C ILE C 121 -4.87 17.52 -12.57
N ASP C 122 -5.98 18.06 -13.07
CA ASP C 122 -7.21 18.24 -12.29
C ASP C 122 -6.95 18.88 -10.93
N ALA C 123 -5.99 19.81 -10.86
CA ALA C 123 -5.65 20.43 -9.60
C ALA C 123 -6.38 21.76 -9.46
N ASP C 124 -6.21 22.38 -8.29
CA ASP C 124 -6.80 23.68 -8.00
C ASP C 124 -5.79 24.77 -8.31
N PHE C 125 -6.31 25.92 -8.74
CA PHE C 125 -5.49 27.09 -9.04
C PHE C 125 -5.47 27.98 -7.81
N LEU C 126 -4.30 28.07 -7.17
CA LEU C 126 -4.16 28.73 -5.88
C LEU C 126 -3.55 30.12 -6.05
N LYS C 127 -3.60 30.89 -4.98
CA LYS C 127 -3.04 32.23 -4.95
C LYS C 127 -2.75 32.60 -3.51
N ILE C 128 -1.63 33.29 -3.29
CA ILE C 128 -1.23 33.65 -1.94
C ILE C 128 -2.16 34.71 -1.39
N GLU C 129 -2.52 34.58 -0.11
CA GLU C 129 -3.24 35.62 0.61
C GLU C 129 -2.22 36.67 1.04
N GLU C 130 -2.14 37.76 0.28
CA GLU C 130 -1.07 38.72 0.44
C GLU C 130 -1.14 39.40 1.81
N LEU C 131 -0.01 40.01 2.18
CA LEU C 131 0.14 40.69 3.46
C LEU C 131 1.43 41.50 3.41
N GLN C 132 1.45 42.61 4.13
CA GLN C 132 2.63 43.47 4.16
C GLN C 132 3.76 42.72 4.87
N TYR C 133 4.77 42.31 4.10
CA TYR C 133 5.86 41.52 4.66
C TYR C 133 6.69 42.35 5.63
N ASP C 134 7.33 41.65 6.57
CA ASP C 134 8.11 42.33 7.60
C ASP C 134 9.41 42.90 7.02
N SER C 135 9.95 42.29 5.97
CA SER C 135 11.19 42.79 5.38
C SER C 135 11.28 42.30 3.94
N THR C 136 11.33 43.22 3.00
CA THR C 136 11.47 42.90 1.57
C THR C 136 12.90 43.28 1.16
N LEU C 137 13.81 42.32 1.29
CA LEU C 137 15.21 42.52 0.99
C LEU C 137 15.52 42.12 -0.45
N SER C 138 16.48 42.81 -1.06
CA SER C 138 16.98 42.46 -2.37
C SER C 138 18.45 42.05 -2.26
N LEU C 139 18.82 40.97 -2.94
CA LEU C 139 20.17 40.45 -2.78
C LEU C 139 20.64 39.79 -4.07
N PRO C 140 21.89 40.01 -4.48
CA PRO C 140 22.41 39.33 -5.68
C PRO C 140 22.20 37.83 -5.60
N SER C 141 21.66 37.26 -6.68
CA SER C 141 21.17 35.88 -6.64
C SER C 141 22.32 34.88 -6.52
N SER C 142 23.45 35.15 -7.17
CA SER C 142 24.58 34.22 -7.11
C SER C 142 25.11 34.10 -5.69
N GLU C 143 25.21 35.24 -4.99
CA GLU C 143 25.68 35.21 -3.60
C GLU C 143 24.73 34.43 -2.72
N PHE C 144 23.42 34.65 -2.89
CA PHE C 144 22.44 33.91 -2.10
C PHE C 144 22.54 32.41 -2.37
N SER C 145 22.70 32.03 -3.64
CA SER C 145 22.82 30.60 -3.96
C SER C 145 24.06 30.01 -3.33
N LYS C 146 25.19 30.71 -3.40
CA LYS C 146 26.42 30.21 -2.79
C LYS C 146 26.28 30.08 -1.28
N ILE C 147 25.62 31.05 -0.65
CA ILE C 147 25.41 31.02 0.79
C ILE C 147 24.57 29.80 1.17
N VAL C 148 23.45 29.59 0.47
CA VAL C 148 22.61 28.44 0.76
C VAL C 148 23.39 27.14 0.56
N ARG C 149 24.19 27.08 -0.51
CA ARG C 149 24.93 25.84 -0.79
C ARG C 149 25.91 25.51 0.32
N ASP C 150 26.81 26.46 0.65
CA ASP C 150 27.86 26.14 1.60
C ASP C 150 27.29 25.97 3.01
N LEU C 151 26.18 26.65 3.32
CA LEU C 151 25.57 26.44 4.63
C LEU C 151 24.88 25.09 4.72
N SER C 152 24.10 24.74 3.69
CA SER C 152 23.43 23.44 3.67
C SER C 152 24.42 22.29 3.63
N GLN C 153 25.65 22.54 3.18
CA GLN C 153 26.68 21.51 3.29
C GLN C 153 26.89 21.07 4.73
N LEU C 154 26.68 21.97 5.69
CA LEU C 154 26.91 21.64 7.10
C LEU C 154 25.71 20.92 7.70
N SER C 155 24.56 21.59 7.75
CA SER C 155 23.37 21.06 8.40
C SER C 155 22.20 21.01 7.42
N ASP C 156 21.04 20.62 7.93
CA ASP C 156 19.81 20.52 7.14
C ASP C 156 18.73 21.48 7.64
N SER C 157 19.13 22.59 8.25
CA SER C 157 18.18 23.56 8.77
C SER C 157 18.88 24.92 8.81
N ILE C 158 18.58 25.76 7.83
CA ILE C 158 19.16 27.10 7.74
C ILE C 158 18.24 28.09 8.44
N ASN C 159 18.84 29.03 9.15
CA ASN C 159 18.10 30.08 9.85
C ASN C 159 18.54 31.44 9.31
N ILE C 160 17.58 32.36 9.25
CA ILE C 160 17.83 33.72 8.79
C ILE C 160 17.47 34.68 9.91
N MET C 161 18.35 35.65 10.17
CA MET C 161 18.17 36.63 11.24
C MET C 161 18.29 38.03 10.62
N ILE C 162 17.15 38.68 10.42
CA ILE C 162 17.12 40.03 9.89
C ILE C 162 16.92 41.00 11.04
N THR C 163 18.02 41.51 11.59
CA THR C 163 17.95 42.40 12.74
C THR C 163 18.92 43.56 12.54
N LYS C 164 18.54 44.73 13.08
CA LYS C 164 19.40 45.91 13.17
C LYS C 164 20.13 46.21 11.86
N GLU C 165 19.48 45.90 10.74
CA GLU C 165 19.99 46.17 9.41
C GLU C 165 21.33 45.46 9.18
N THR C 166 21.29 44.13 9.31
CA THR C 166 22.38 43.28 8.85
C THR C 166 21.81 41.88 8.64
N ILE C 167 21.68 41.49 7.37
CA ILE C 167 21.14 40.17 7.07
C ILE C 167 22.13 39.11 7.54
N LYS C 168 21.61 38.12 8.27
CA LYS C 168 22.45 37.10 8.88
C LYS C 168 21.84 35.73 8.65
N PHE C 169 22.67 34.81 8.14
CA PHE C 169 22.32 33.40 8.07
C PHE C 169 23.13 32.64 9.11
N VAL C 170 22.49 31.70 9.79
CA VAL C 170 23.17 30.83 10.74
C VAL C 170 22.73 29.40 10.50
N ALA C 171 23.62 28.47 10.80
CA ALA C 171 23.30 27.05 10.71
C ALA C 171 24.11 26.31 11.77
N ASP C 172 23.43 25.59 12.64
CA ASP C 172 24.07 24.84 13.71
C ASP C 172 23.90 23.35 13.43
N GLY C 173 24.99 22.70 13.02
CA GLY C 173 24.97 21.30 12.68
C GLY C 173 25.69 20.44 13.70
N ASP C 174 25.92 19.19 13.29
CA ASP C 174 26.60 18.24 14.18
C ASP C 174 28.11 18.35 14.08
N ILE C 175 28.64 18.53 12.87
CA ILE C 175 30.08 18.68 12.70
C ILE C 175 30.58 20.05 13.12
N GLY C 176 29.68 20.99 13.37
CA GLY C 176 30.06 22.33 13.75
C GLY C 176 28.96 23.33 13.51
N SER C 177 29.32 24.48 12.94
CA SER C 177 28.33 25.51 12.65
C SER C 177 28.89 26.42 11.57
N GLY C 178 28.01 27.27 11.04
CA GLY C 178 28.38 28.26 10.05
C GLY C 178 27.50 29.48 10.13
N SER C 179 28.11 30.66 10.24
CA SER C 179 27.37 31.91 10.43
C SER C 179 27.90 32.94 9.44
N VAL C 180 27.06 33.30 8.47
CA VAL C 180 27.38 34.33 7.50
C VAL C 180 26.66 35.61 7.88
N ILE C 181 27.41 36.71 7.99
CA ILE C 181 26.87 38.00 8.40
C ILE C 181 27.23 38.99 7.30
N ILE C 182 26.31 39.20 6.36
CA ILE C 182 26.50 40.15 5.27
C ILE C 182 25.84 41.46 5.65
N LYS C 183 26.58 42.56 5.49
CA LYS C 183 26.03 43.87 5.77
C LYS C 183 25.21 44.37 4.58
N PRO C 184 24.27 45.29 4.80
CA PRO C 184 23.54 45.87 3.68
C PRO C 184 24.46 46.65 2.76
N PHE C 185 24.64 46.15 1.54
CA PHE C 185 25.59 46.71 0.60
C PHE C 185 24.87 47.47 -0.51
N VAL C 186 25.53 48.51 -1.00
CA VAL C 186 25.02 49.32 -2.10
C VAL C 186 26.20 49.94 -2.84
N ASP C 187 26.16 49.89 -4.16
CA ASP C 187 27.24 50.43 -4.97
C ASP C 187 26.69 50.88 -6.31
N MET C 188 27.39 51.83 -6.93
CA MET C 188 27.00 52.35 -8.23
C MET C 188 27.64 51.58 -9.38
N GLU C 189 28.79 50.96 -9.15
CA GLU C 189 29.46 50.21 -10.21
C GLU C 189 28.73 48.91 -10.53
N HIS C 190 28.48 48.10 -9.50
CA HIS C 190 27.80 46.82 -9.66
C HIS C 190 26.39 46.92 -9.09
N PRO C 191 25.36 47.14 -9.92
CA PRO C 191 23.99 47.21 -9.38
C PRO C 191 23.47 45.88 -8.87
N GLU C 192 24.02 44.76 -9.35
CA GLU C 192 23.57 43.46 -8.86
C GLU C 192 23.96 43.26 -7.40
N THR C 193 25.18 43.65 -7.03
CA THR C 193 25.65 43.57 -5.65
C THR C 193 25.03 44.73 -4.87
N SER C 194 23.74 44.57 -4.56
CA SER C 194 22.99 45.59 -3.83
C SER C 194 22.11 44.90 -2.79
N ILE C 195 22.25 45.32 -1.54
CA ILE C 195 21.53 44.72 -0.43
C ILE C 195 21.03 45.87 0.46
N LYS C 196 19.72 46.12 0.46
CA LYS C 196 19.12 47.20 1.22
C LYS C 196 18.06 46.60 2.15
N LEU C 197 18.41 46.43 3.42
CA LEU C 197 17.49 45.83 4.38
C LEU C 197 16.41 46.82 4.80
N GLU C 198 15.34 46.27 5.37
CA GLU C 198 14.21 47.04 5.88
C GLU C 198 14.12 46.83 7.38
N MET C 199 14.12 47.93 8.15
CA MET C 199 14.00 47.89 9.59
C MET C 199 12.54 47.87 10.06
N ASP C 200 11.61 47.42 9.21
CA ASP C 200 10.20 47.39 9.59
C ASP C 200 9.99 46.47 10.80
N GLN C 201 10.49 45.24 10.74
CA GLN C 201 10.35 44.29 11.83
C GLN C 201 11.56 43.36 11.85
N PRO C 202 12.08 43.05 13.03
CA PRO C 202 13.14 42.04 13.11
C PRO C 202 12.58 40.66 12.83
N VAL C 203 13.30 39.89 12.01
CA VAL C 203 12.85 38.58 11.57
C VAL C 203 13.91 37.55 11.94
N ASP C 204 13.50 36.53 12.70
CA ASP C 204 14.36 35.40 13.03
C ASP C 204 13.59 34.13 12.66
N LEU C 205 13.88 33.60 11.47
CA LEU C 205 13.17 32.45 10.95
C LEU C 205 14.15 31.38 10.49
N THR C 206 13.71 30.13 10.59
CA THR C 206 14.53 28.98 10.19
C THR C 206 13.75 28.16 9.18
N PHE C 207 14.37 27.92 8.03
CA PHE C 207 13.76 27.14 6.96
C PHE C 207 14.55 25.84 6.75
N GLY C 208 13.86 24.84 6.22
CA GLY C 208 14.56 23.62 5.84
C GLY C 208 15.45 23.84 4.64
N ALA C 209 16.67 23.33 4.72
CA ALA C 209 17.61 23.47 3.62
C ALA C 209 17.23 22.61 2.42
N LYS C 210 16.46 21.54 2.62
CA LYS C 210 16.02 20.69 1.53
C LYS C 210 15.12 21.42 0.54
N TYR C 211 14.52 22.53 0.95
CA TYR C 211 13.73 23.35 0.05
C TYR C 211 14.50 24.55 -0.51
N LEU C 212 15.41 25.12 0.27
CA LEU C 212 16.25 26.18 -0.26
C LEU C 212 17.19 25.66 -1.33
N LEU C 213 17.60 24.39 -1.23
CA LEU C 213 18.41 23.79 -2.28
C LEU C 213 17.67 23.72 -3.61
N ASP C 214 16.34 23.70 -3.57
CA ASP C 214 15.53 23.79 -4.80
C ASP C 214 15.22 25.23 -5.17
N ILE C 215 15.09 26.10 -4.18
CA ILE C 215 14.87 27.53 -4.45
C ILE C 215 16.04 28.09 -5.25
N ILE C 216 17.27 27.76 -4.83
CA ILE C 216 18.45 28.35 -5.44
C ILE C 216 18.71 27.86 -6.86
N LYS C 217 17.90 26.92 -7.36
CA LYS C 217 18.13 26.44 -8.72
C LYS C 217 17.65 27.44 -9.77
N GLY C 218 16.64 28.23 -9.45
CA GLY C 218 16.16 29.25 -10.36
C GLY C 218 16.93 30.55 -10.22
N SER C 219 18.22 30.45 -9.94
CA SER C 219 19.07 31.61 -9.70
C SER C 219 19.66 32.19 -10.98
N SER C 220 19.49 31.53 -12.12
CA SER C 220 20.06 31.99 -13.38
C SER C 220 19.16 32.97 -14.12
N LEU C 221 17.84 32.85 -13.94
CA LEU C 221 16.91 33.75 -14.62
C LEU C 221 17.06 35.17 -14.11
N SER C 222 16.98 35.35 -12.81
CA SER C 222 17.10 36.67 -12.18
C SER C 222 18.51 36.83 -11.62
N ASP C 223 19.17 37.92 -12.01
CA ASP C 223 20.48 38.23 -11.48
C ASP C 223 20.43 38.59 -9.99
N ARG C 224 19.28 39.02 -9.50
CA ARG C 224 19.09 39.30 -8.09
C ARG C 224 17.72 38.80 -7.66
N VAL C 225 17.63 38.39 -6.40
CA VAL C 225 16.44 37.77 -5.84
C VAL C 225 15.89 38.67 -4.73
N GLY C 226 14.57 38.78 -4.68
CA GLY C 226 13.92 39.52 -3.61
C GLY C 226 13.28 38.61 -2.58
N ILE C 227 13.81 38.60 -1.36
CA ILE C 227 13.31 37.76 -0.29
C ILE C 227 12.44 38.61 0.62
N ARG C 228 11.17 38.26 0.72
CA ARG C 228 10.24 38.89 1.63
C ARG C 228 9.99 37.97 2.82
N LEU C 229 10.19 38.49 4.02
CA LEU C 229 10.16 37.69 5.24
C LEU C 229 9.17 38.30 6.23
N SER C 230 8.50 37.43 6.97
CA SER C 230 7.57 37.81 8.02
C SER C 230 7.48 36.68 9.03
N SER C 231 7.44 37.04 10.32
CA SER C 231 7.44 36.03 11.37
C SER C 231 6.19 35.16 11.36
N GLU C 232 5.09 35.66 10.79
CA GLU C 232 3.85 34.90 10.67
C GLU C 232 3.56 34.50 9.23
N ALA C 233 3.63 35.45 8.30
CA ALA C 233 3.39 35.15 6.90
C ALA C 233 4.54 34.30 6.34
N PRO C 234 4.26 33.46 5.35
CA PRO C 234 5.33 32.62 4.77
C PRO C 234 6.25 33.43 3.87
N ALA C 235 7.53 33.12 3.95
CA ALA C 235 8.54 33.85 3.19
C ALA C 235 8.36 33.65 1.70
N LEU C 236 8.79 34.64 0.93
CA LEU C 236 8.69 34.65 -0.52
C LEU C 236 10.08 34.89 -1.10
N PHE C 237 10.41 34.14 -2.14
CA PHE C 237 11.64 34.35 -2.91
C PHE C 237 11.24 34.66 -4.34
N GLN C 238 11.40 35.92 -4.74
CA GLN C 238 10.97 36.39 -6.06
C GLN C 238 12.19 36.50 -6.96
N PHE C 239 12.20 35.67 -8.00
CA PHE C 239 13.16 35.79 -9.10
C PHE C 239 12.46 36.55 -10.22
N ASP C 240 12.85 37.80 -10.42
CA ASP C 240 12.19 38.64 -11.40
C ASP C 240 12.55 38.23 -12.81
N LEU C 241 11.59 38.36 -13.71
CA LEU C 241 11.73 38.01 -15.11
C LEU C 241 11.72 39.28 -15.96
N LYS C 242 11.79 39.09 -17.28
CA LYS C 242 11.68 40.23 -18.19
C LYS C 242 10.30 40.86 -18.14
N SER C 243 9.26 40.04 -18.05
CA SER C 243 7.89 40.54 -17.93
C SER C 243 7.06 39.71 -16.97
N GLY C 244 7.69 39.14 -15.93
CA GLY C 244 6.99 38.32 -14.98
C GLY C 244 7.81 38.00 -13.74
N PHE C 245 7.69 36.78 -13.23
CA PHE C 245 8.45 36.35 -12.07
C PHE C 245 8.32 34.85 -11.91
N LEU C 246 9.21 34.28 -11.09
CA LEU C 246 9.23 32.86 -10.76
C LEU C 246 9.23 32.67 -9.24
N GLN C 247 8.28 33.31 -8.56
CA GLN C 247 8.38 33.45 -7.12
C GLN C 247 7.95 32.18 -6.40
N PHE C 248 8.75 31.80 -5.41
CA PHE C 248 8.47 30.68 -4.53
C PHE C 248 7.92 31.18 -3.19
N PHE C 249 7.07 30.38 -2.58
CA PHE C 249 6.50 30.65 -1.27
C PHE C 249 6.86 29.50 -0.36
N LEU C 250 7.66 29.78 0.67
CA LEU C 250 8.12 28.76 1.61
C LEU C 250 7.69 29.14 3.02
N ALA C 251 7.32 28.14 3.81
CA ALA C 251 6.89 28.36 5.17
C ALA C 251 7.93 27.80 6.13
N PRO C 252 8.34 28.56 7.16
CA PRO C 252 9.30 28.02 8.13
C PRO C 252 8.74 26.80 8.83
N LYS C 253 9.59 25.79 9.00
CA LYS C 253 9.18 24.56 9.64
C LYS C 253 8.81 24.80 11.10
N PHE C 254 7.80 24.07 11.57
CA PHE C 254 7.33 24.20 12.94
C PHE C 254 6.55 22.96 13.36
N LEU D 94 -19.37 -18.93 45.43
CA LEU D 94 -20.76 -18.49 45.51
C LEU D 94 -21.70 -19.59 45.06
N SER D 95 -21.54 -20.78 45.65
CA SER D 95 -22.39 -21.95 45.42
C SER D 95 -22.34 -22.41 43.97
N SER D 96 -21.52 -21.79 43.15
CA SER D 96 -21.35 -22.20 41.77
C SER D 96 -19.91 -22.12 41.27
N PHE D 97 -18.96 -21.77 42.13
CA PHE D 97 -17.57 -21.59 41.73
C PHE D 97 -16.70 -22.78 42.08
N GLU D 98 -16.76 -23.25 43.33
CA GLU D 98 -15.90 -24.34 43.75
C GLU D 98 -16.20 -25.61 42.98
N ARG D 99 -15.17 -26.44 42.81
CA ARG D 99 -15.31 -27.70 42.09
C ARG D 99 -16.13 -28.69 42.92
N LYS D 100 -16.35 -29.87 42.36
CA LYS D 100 -17.08 -30.91 43.07
C LYS D 100 -16.19 -31.50 44.15
N LYS D 101 -16.67 -31.47 45.39
CA LYS D 101 -15.90 -32.02 46.50
C LYS D 101 -15.93 -33.54 46.44
N LEU D 102 -14.74 -34.15 46.49
CA LEU D 102 -14.62 -35.59 46.50
C LEU D 102 -15.36 -36.17 47.71
N PRO D 103 -15.83 -37.41 47.62
CA PRO D 103 -16.62 -37.98 48.72
C PRO D 103 -15.86 -37.94 50.04
N THR D 104 -16.58 -37.57 51.10
CA THR D 104 -15.98 -37.45 52.42
C THR D 104 -15.52 -38.78 53.00
N ASP D 105 -15.98 -39.90 52.44
CA ASP D 105 -15.48 -41.20 52.85
C ASP D 105 -14.19 -41.52 52.12
N PHE D 106 -13.23 -40.59 52.19
CA PHE D 106 -11.96 -40.72 51.52
C PHE D 106 -10.86 -41.00 52.52
N ASP D 107 -9.76 -41.54 52.02
CA ASP D 107 -8.61 -41.88 52.85
C ASP D 107 -7.40 -42.06 51.94
N PRO D 108 -6.19 -41.91 52.45
CA PRO D 108 -5.00 -42.13 51.63
C PRO D 108 -4.89 -43.57 51.12
N SER D 109 -5.81 -44.44 51.54
CA SER D 109 -5.92 -45.79 51.03
C SER D 109 -7.28 -45.97 50.37
N LEU D 110 -7.51 -47.16 49.82
CA LEU D 110 -8.76 -47.56 49.21
C LEU D 110 -9.21 -46.65 48.08
N TYR D 111 -8.32 -45.84 47.53
CA TYR D 111 -8.65 -44.95 46.41
C TYR D 111 -7.40 -44.74 45.57
N ASP D 112 -7.59 -44.76 44.25
CA ASP D 112 -6.51 -44.53 43.29
C ASP D 112 -6.75 -43.17 42.63
N ILE D 113 -5.92 -42.19 42.97
CA ILE D 113 -6.06 -40.84 42.44
C ILE D 113 -5.41 -40.78 41.06
N SER D 114 -6.19 -41.06 40.02
CA SER D 114 -5.72 -40.95 38.64
C SER D 114 -6.04 -39.57 38.12
N PHE D 115 -5.01 -38.83 37.72
CA PHE D 115 -5.19 -37.43 37.33
C PHE D 115 -4.29 -37.11 36.17
N GLN D 116 -4.74 -36.16 35.34
CA GLN D 116 -3.99 -35.67 34.20
C GLN D 116 -3.27 -34.40 34.61
N GLN D 117 -1.95 -34.46 34.70
CA GLN D 117 -1.16 -33.31 35.12
C GLN D 117 -1.25 -32.19 34.10
N ILE D 118 -1.17 -30.96 34.59
CA ILE D 118 -1.05 -29.78 33.74
C ILE D 118 0.24 -29.02 34.01
N ASP D 119 0.65 -28.89 35.27
CA ASP D 119 1.81 -28.11 35.61
C ASP D 119 2.79 -28.94 36.44
N ALA D 120 4.08 -28.63 36.29
CA ALA D 120 5.13 -29.30 37.03
C ALA D 120 6.11 -28.26 37.54
N GLU D 121 6.45 -28.33 38.83
CA GLU D 121 7.33 -27.32 39.41
C GLU D 121 8.13 -27.92 40.56
N GLN D 122 9.44 -27.72 40.56
CA GLN D 122 10.30 -28.22 41.62
C GLN D 122 10.37 -27.22 42.76
N SER D 123 10.37 -27.73 43.99
CA SER D 123 10.51 -26.89 45.17
C SER D 123 10.82 -27.79 46.37
N VAL D 124 11.38 -27.18 47.42
CA VAL D 124 11.66 -27.92 48.64
C VAL D 124 10.35 -28.35 49.30
N LEU D 125 10.39 -29.50 49.97
CA LEU D 125 9.17 -30.05 50.57
C LEU D 125 8.99 -29.64 52.02
N ASN D 126 9.93 -30.03 52.87
CA ASN D 126 9.86 -29.76 54.30
C ASN D 126 11.22 -30.09 54.91
N GLY D 127 11.29 -30.07 56.24
CA GLY D 127 12.49 -30.52 56.92
C GLY D 127 12.71 -32.01 56.84
N ILE D 128 11.65 -32.78 56.55
CA ILE D 128 11.80 -34.21 56.37
C ILE D 128 12.50 -34.50 55.04
N LYS D 129 13.12 -35.66 54.95
CA LYS D 129 13.86 -36.07 53.76
C LYS D 129 13.51 -37.50 53.41
N ASP D 130 13.15 -37.72 52.15
CA ASP D 130 12.88 -39.05 51.62
C ASP D 130 13.94 -39.41 50.59
N GLU D 131 14.40 -40.66 50.64
CA GLU D 131 15.49 -41.14 49.78
C GLU D 131 16.72 -40.25 49.91
N ASN D 132 16.93 -39.70 51.12
CA ASN D 132 18.07 -38.83 51.41
C ASN D 132 18.06 -37.58 50.53
N THR D 133 16.90 -36.95 50.42
CA THR D 133 16.75 -35.67 49.73
C THR D 133 15.41 -35.06 50.13
N SER D 134 15.32 -33.75 49.96
CA SER D 134 14.13 -33.00 50.37
C SER D 134 13.35 -32.40 49.21
N THR D 135 14.04 -31.96 48.15
CA THR D 135 13.36 -31.33 47.03
C THR D 135 12.37 -32.29 46.38
N VAL D 136 11.26 -31.74 45.89
CA VAL D 136 10.19 -32.52 45.27
C VAL D 136 9.77 -31.81 43.99
N VAL D 137 9.01 -32.55 43.19
CA VAL D 137 8.38 -32.01 41.99
C VAL D 137 6.88 -32.08 42.19
N ARG D 138 6.25 -30.91 42.31
CA ARG D 138 4.81 -30.82 42.43
C ARG D 138 4.18 -30.93 41.06
N PHE D 139 3.20 -31.83 40.94
CA PHE D 139 2.48 -32.09 39.70
C PHE D 139 1.05 -31.60 39.88
N PHE D 140 0.81 -30.33 39.57
CA PHE D 140 -0.54 -29.80 39.60
C PHE D 140 -1.35 -30.43 38.48
N GLY D 141 -2.41 -31.15 38.83
CA GLY D 141 -3.25 -31.77 37.83
C GLY D 141 -4.70 -31.80 38.29
N VAL D 142 -5.55 -32.41 37.47
CA VAL D 142 -6.96 -32.59 37.79
C VAL D 142 -7.39 -33.98 37.38
N THR D 143 -8.15 -34.64 38.24
CA THR D 143 -8.56 -36.02 37.98
C THR D 143 -9.70 -36.04 36.96
N SER D 144 -10.24 -37.24 36.72
CA SER D 144 -11.29 -37.40 35.73
C SER D 144 -12.65 -36.86 36.18
N GLU D 145 -12.77 -36.44 37.45
CA GLU D 145 -14.01 -35.88 37.96
C GLU D 145 -13.97 -34.38 38.17
N GLY D 146 -12.80 -33.82 38.47
CA GLY D 146 -12.68 -32.39 38.66
C GLY D 146 -12.04 -32.00 39.97
N HIS D 147 -11.38 -32.95 40.62
CA HIS D 147 -10.69 -32.70 41.89
C HIS D 147 -9.24 -32.34 41.61
N SER D 148 -8.85 -31.12 41.98
CA SER D 148 -7.49 -30.66 41.73
C SER D 148 -6.51 -31.34 42.68
N VAL D 149 -5.43 -31.90 42.13
CA VAL D 149 -4.48 -32.70 42.87
C VAL D 149 -3.10 -32.06 42.79
N LEU D 150 -2.35 -32.20 43.88
CA LEU D 150 -1.00 -31.64 44.04
C LEU D 150 -0.03 -32.77 44.41
N CYS D 151 -0.01 -33.82 43.60
CA CYS D 151 0.92 -34.91 43.81
C CYS D 151 2.35 -34.42 43.92
N ASN D 152 2.96 -34.57 45.09
CA ASN D 152 4.37 -34.29 45.27
C ASN D 152 5.18 -35.55 44.97
N VAL D 153 6.07 -35.48 44.00
CA VAL D 153 7.00 -36.56 43.71
C VAL D 153 8.27 -36.28 44.51
N THR D 154 8.55 -37.13 45.48
CA THR D 154 9.64 -36.97 46.43
C THR D 154 10.68 -38.05 46.19
N GLY D 155 11.90 -37.78 46.63
CA GLY D 155 12.95 -38.78 46.62
C GLY D 155 13.63 -38.99 45.30
N PHE D 156 13.79 -37.94 44.50
CA PHE D 156 14.51 -38.01 43.24
C PHE D 156 15.68 -37.06 43.30
N LYS D 157 16.88 -37.59 43.10
CA LYS D 157 18.12 -36.81 43.15
C LYS D 157 18.66 -36.64 41.73
N ASN D 158 19.07 -35.42 41.42
CA ASN D 158 19.55 -35.07 40.08
C ASN D 158 20.91 -35.72 39.86
N TYR D 159 20.94 -36.84 39.14
CA TYR D 159 22.19 -37.53 38.88
C TYR D 159 22.94 -36.90 37.72
N LEU D 160 24.26 -37.05 37.73
CA LEU D 160 25.14 -36.50 36.72
C LEU D 160 26.07 -37.60 36.23
N TYR D 161 26.10 -37.82 34.92
CA TYR D 161 26.96 -38.83 34.32
C TYR D 161 28.28 -38.21 33.92
N VAL D 162 29.38 -38.80 34.38
CA VAL D 162 30.71 -38.37 33.98
C VAL D 162 31.49 -39.61 33.52
N PRO D 163 32.47 -39.46 32.64
CA PRO D 163 33.30 -40.61 32.26
C PRO D 163 34.14 -41.08 33.44
N ALA D 164 34.00 -42.34 33.80
CA ALA D 164 34.77 -42.90 34.91
C ALA D 164 36.26 -42.80 34.58
N PRO D 165 37.09 -42.37 35.53
CA PRO D 165 38.52 -42.22 35.23
C PRO D 165 39.16 -43.57 34.92
N ASN D 166 39.94 -43.61 33.85
CA ASN D 166 40.58 -44.84 33.41
C ASN D 166 41.88 -45.07 34.16
N SER D 167 41.82 -45.08 35.48
CA SER D 167 42.98 -45.32 36.34
C SER D 167 42.81 -46.64 37.08
N SER D 168 43.94 -47.22 37.49
CA SER D 168 43.89 -48.47 38.22
C SER D 168 43.22 -48.31 39.57
N ASP D 169 43.48 -47.19 40.25
CA ASP D 169 42.87 -46.91 41.54
C ASP D 169 41.48 -46.30 41.45
N ALA D 170 40.83 -46.41 40.29
CA ALA D 170 39.48 -45.91 40.12
C ALA D 170 38.42 -46.98 40.31
N ASN D 171 38.74 -48.25 40.05
CA ASN D 171 37.82 -49.34 40.32
C ASN D 171 37.83 -49.77 41.78
N ASP D 172 38.67 -49.14 42.61
CA ASP D 172 38.70 -49.44 44.03
C ASP D 172 37.47 -48.84 44.71
N GLN D 173 36.97 -49.56 45.71
CA GLN D 173 35.82 -49.07 46.46
C GLN D 173 36.23 -48.00 47.46
N GLU D 174 37.32 -48.22 48.18
CA GLU D 174 37.78 -47.24 49.16
C GLU D 174 38.22 -45.95 48.50
N GLN D 175 38.79 -46.03 47.29
CA GLN D 175 39.18 -44.82 46.59
C GLN D 175 37.96 -44.00 46.19
N ILE D 176 36.91 -44.67 45.70
CA ILE D 176 35.66 -43.99 45.39
C ILE D 176 35.07 -43.37 46.65
N ASN D 177 35.20 -44.07 47.78
CA ASN D 177 34.68 -43.54 49.05
C ASN D 177 35.43 -42.30 49.47
N LYS D 178 36.76 -42.31 49.36
CA LYS D 178 37.54 -41.12 49.68
C LYS D 178 37.24 -39.98 48.71
N PHE D 179 36.97 -40.30 47.45
CA PHE D 179 36.64 -39.24 46.49
C PHE D 179 35.30 -38.61 46.80
N VAL D 180 34.29 -39.42 47.12
CA VAL D 180 32.99 -38.86 47.45
C VAL D 180 33.06 -38.11 48.78
N HIS D 181 33.92 -38.56 49.69
CA HIS D 181 34.15 -37.80 50.92
C HIS D 181 34.76 -36.44 50.61
N TYR D 182 35.74 -36.41 49.70
CA TYR D 182 36.33 -35.14 49.29
C TYR D 182 35.31 -34.23 48.63
N LEU D 183 34.44 -34.81 47.80
CA LEU D 183 33.38 -34.03 47.16
C LEU D 183 32.44 -33.44 48.21
N ASN D 184 32.08 -34.22 49.22
CA ASN D 184 31.23 -33.71 50.29
C ASN D 184 31.94 -32.58 51.04
N GLU D 185 33.22 -32.76 51.36
CA GLU D 185 33.97 -31.71 52.04
C GLU D 185 34.16 -30.47 51.17
N THR D 186 34.00 -30.60 49.86
CA THR D 186 34.22 -29.45 48.98
C THR D 186 33.02 -28.50 48.98
N PHE D 187 31.80 -29.04 49.00
CA PHE D 187 30.59 -28.22 48.95
C PHE D 187 29.70 -28.42 50.17
N ASP D 188 30.27 -28.89 51.29
CA ASP D 188 29.54 -29.11 52.54
C ASP D 188 28.41 -30.11 52.35
N HIS D 189 28.80 -31.34 52.04
CA HIS D 189 27.92 -32.51 52.08
C HIS D 189 26.70 -32.35 51.19
N ALA D 190 26.96 -32.27 49.88
CA ALA D 190 25.90 -32.24 48.89
C ALA D 190 25.74 -33.55 48.14
N ILE D 191 26.85 -34.23 47.83
CA ILE D 191 26.79 -35.46 47.06
C ILE D 191 26.31 -36.60 47.95
N ASP D 192 25.55 -37.52 47.35
CA ASP D 192 24.98 -38.65 48.06
C ASP D 192 25.76 -39.94 47.80
N SER D 193 25.91 -40.35 46.55
CA SER D 193 26.58 -41.61 46.23
C SER D 193 27.07 -41.55 44.79
N ILE D 194 27.69 -42.63 44.33
CA ILE D 194 28.24 -42.74 43.00
C ILE D 194 28.02 -44.16 42.50
N GLU D 195 27.32 -44.31 41.39
CA GLU D 195 27.02 -45.60 40.80
C GLU D 195 27.82 -45.77 39.52
N VAL D 196 28.62 -46.83 39.43
CA VAL D 196 29.39 -47.12 38.22
C VAL D 196 28.50 -47.94 37.31
N VAL D 197 28.04 -47.33 36.21
CA VAL D 197 27.15 -48.00 35.27
C VAL D 197 27.89 -48.21 33.96
N SER D 198 27.30 -49.04 33.10
CA SER D 198 27.86 -49.33 31.78
C SER D 198 26.96 -48.64 30.76
N LYS D 199 27.46 -47.54 30.18
CA LYS D 199 26.69 -46.77 29.23
C LYS D 199 27.59 -46.29 28.10
N GLN D 200 27.00 -46.12 26.93
CA GLN D 200 27.71 -45.68 25.74
C GLN D 200 27.27 -44.27 25.38
N SER D 201 28.14 -43.57 24.65
CA SER D 201 27.85 -42.20 24.26
C SER D 201 26.92 -42.16 23.06
N ILE D 202 26.22 -41.03 22.91
CA ILE D 202 25.37 -40.83 21.73
C ILE D 202 26.20 -40.45 20.52
N TRP D 203 27.43 -39.99 20.72
CA TRP D 203 28.24 -39.48 19.62
C TRP D 203 28.97 -40.63 18.96
N GLY D 204 28.53 -41.01 17.77
CA GLY D 204 29.25 -41.97 16.97
C GLY D 204 29.14 -43.41 17.42
N TYR D 205 29.34 -44.33 16.48
CA TYR D 205 29.34 -45.76 16.75
C TYR D 205 30.78 -46.24 16.82
N SER D 206 31.15 -46.85 17.95
CA SER D 206 32.48 -47.40 18.15
C SER D 206 32.38 -48.81 18.73
N GLY D 207 31.53 -49.62 18.11
CA GLY D 207 31.24 -50.95 18.60
C GLY D 207 30.11 -50.94 19.62
N ASP D 208 29.70 -52.15 20.01
CA ASP D 208 28.61 -52.32 20.97
C ASP D 208 29.12 -52.42 22.40
N THR D 209 30.29 -51.85 22.68
CA THR D 209 30.84 -51.84 24.03
C THR D 209 30.41 -50.58 24.77
N LYS D 210 30.17 -50.72 26.06
CA LYS D 210 29.70 -49.65 26.92
C LYS D 210 30.82 -49.23 27.86
N LEU D 211 31.01 -47.92 27.98
CA LEU D 211 32.04 -47.36 28.85
C LEU D 211 31.54 -47.29 30.29
N PRO D 212 32.46 -47.38 31.27
CA PRO D 212 32.07 -47.14 32.66
C PRO D 212 31.82 -45.65 32.88
N PHE D 213 30.63 -45.34 33.38
CA PHE D 213 30.21 -43.97 33.65
C PHE D 213 29.86 -43.84 35.12
N TRP D 214 30.38 -42.80 35.76
CA TRP D 214 30.04 -42.51 37.14
C TRP D 214 28.77 -41.68 37.18
N LYS D 215 27.76 -42.17 37.88
CA LYS D 215 26.49 -41.49 38.06
C LYS D 215 26.51 -40.93 39.48
N ILE D 216 26.67 -39.61 39.58
CA ILE D 216 26.84 -38.93 40.86
C ILE D 216 25.51 -38.34 41.29
N TYR D 217 25.10 -38.64 42.52
CA TYR D 217 23.88 -38.08 43.08
C TYR D 217 24.20 -36.84 43.89
N VAL D 218 23.16 -36.02 44.11
CA VAL D 218 23.28 -34.81 44.91
C VAL D 218 22.01 -34.66 45.74
N THR D 219 22.16 -34.16 46.97
CA THR D 219 21.01 -33.99 47.85
C THR D 219 20.00 -33.02 47.24
N TYR D 220 20.47 -31.87 46.75
CA TYR D 220 19.58 -30.95 46.07
C TYR D 220 20.09 -30.66 44.66
N PRO D 221 19.19 -30.59 43.68
CA PRO D 221 19.63 -30.64 42.28
C PRO D 221 20.49 -29.46 41.84
N HIS D 222 20.31 -28.29 42.45
CA HIS D 222 21.06 -27.09 42.05
C HIS D 222 22.56 -27.29 42.24
N MET D 223 22.95 -28.37 42.90
CA MET D 223 24.36 -28.66 43.08
C MET D 223 25.00 -29.14 41.78
N VAL D 224 24.25 -29.88 40.96
CA VAL D 224 24.80 -30.45 39.73
C VAL D 224 25.41 -29.36 38.87
N ASN D 225 24.67 -28.27 38.65
CA ASN D 225 25.15 -27.17 37.83
C ASN D 225 26.52 -26.69 38.31
N LYS D 226 26.75 -26.69 39.61
CA LYS D 226 28.08 -26.39 40.14
C LYS D 226 29.02 -27.56 39.88
N LEU D 227 28.64 -28.75 40.35
CA LEU D 227 29.48 -29.94 40.23
C LEU D 227 29.96 -30.13 38.79
N ARG D 228 29.00 -30.25 37.86
CA ARG D 228 29.33 -30.36 36.44
C ARG D 228 30.34 -29.30 36.01
N THR D 229 30.09 -28.05 36.39
CA THR D 229 30.98 -26.96 36.01
C THR D 229 32.41 -27.25 36.45
N ALA D 230 32.58 -27.70 37.69
CA ALA D 230 33.92 -28.04 38.16
C ALA D 230 34.57 -29.08 37.26
N PHE D 231 33.82 -30.13 36.91
CA PHE D 231 34.36 -31.19 36.07
C PHE D 231 34.77 -30.71 34.69
N GLU D 232 34.39 -29.48 34.32
CA GLU D 232 34.79 -28.91 33.04
C GLU D 232 35.73 -27.73 33.20
N ARG D 233 36.02 -27.29 34.42
CA ARG D 233 36.98 -26.23 34.66
C ARG D 233 38.31 -26.75 35.18
N GLY D 234 38.29 -27.83 35.95
CA GLY D 234 39.49 -28.35 36.57
C GLY D 234 39.66 -27.99 38.03
N HIS D 235 38.59 -27.55 38.69
CA HIS D 235 38.65 -27.16 40.10
C HIS D 235 38.53 -28.33 41.05
N LEU D 236 38.73 -29.56 40.56
CA LEU D 236 38.67 -30.76 41.38
C LEU D 236 39.86 -31.63 41.04
N SER D 237 40.65 -31.99 42.06
CA SER D 237 41.87 -32.77 41.85
C SER D 237 41.99 -33.81 42.98
N PHE D 238 41.46 -35.00 42.73
CA PHE D 238 41.65 -36.14 43.61
C PHE D 238 42.42 -37.19 42.82
N ASN D 239 43.68 -37.43 43.22
CA ASN D 239 44.62 -38.25 42.45
C ASN D 239 44.80 -37.71 41.03
N SER D 240 44.61 -36.40 40.84
CA SER D 240 44.68 -35.76 39.53
C SER D 240 43.77 -36.45 38.51
N TRP D 241 42.61 -36.93 38.97
CA TRP D 241 41.69 -37.62 38.09
C TRP D 241 40.98 -36.65 37.15
N PHE D 242 40.19 -35.74 37.73
CA PHE D 242 39.37 -34.81 36.97
C PHE D 242 39.96 -33.41 36.95
N SER D 243 41.27 -33.28 37.13
CA SER D 243 41.93 -31.99 37.07
C SER D 243 42.10 -31.48 35.65
N ASN D 244 42.19 -32.39 34.68
CA ASN D 244 42.29 -31.96 33.29
C ASN D 244 40.94 -31.48 32.75
N GLY D 245 39.84 -32.05 33.26
CA GLY D 245 38.52 -31.66 32.83
C GLY D 245 37.91 -32.63 31.85
N THR D 246 37.02 -33.49 32.35
CA THR D 246 36.32 -34.45 31.51
C THR D 246 34.99 -33.88 31.07
N THR D 247 34.60 -34.15 29.83
CA THR D 247 33.33 -33.67 29.31
C THR D 247 32.18 -34.35 30.04
N THR D 248 31.27 -33.56 30.60
CA THR D 248 30.14 -34.11 31.33
C THR D 248 29.10 -34.63 30.35
N TYR D 249 28.01 -35.18 30.91
CA TYR D 249 27.02 -35.86 30.10
C TYR D 249 25.64 -35.62 30.66
N ASP D 250 24.64 -35.73 29.79
CA ASP D 250 23.23 -35.80 30.17
C ASP D 250 22.79 -34.54 30.91
N ASN D 251 23.06 -33.38 30.31
CA ASN D 251 22.74 -32.10 30.93
C ASN D 251 21.30 -31.72 30.60
N ILE D 252 20.44 -31.69 31.61
CA ILE D 252 19.05 -31.26 31.48
C ILE D 252 18.59 -30.71 32.83
N ALA D 253 17.44 -30.05 32.83
CA ALA D 253 16.87 -29.52 34.05
C ALA D 253 16.25 -30.65 34.88
N TYR D 254 16.06 -30.38 36.17
CA TYR D 254 15.62 -31.42 37.08
C TYR D 254 14.19 -31.87 36.79
N THR D 255 13.32 -30.94 36.41
CA THR D 255 11.92 -31.29 36.15
C THR D 255 11.81 -32.23 34.94
N LEU D 256 12.42 -31.84 33.82
CA LEU D 256 12.44 -32.73 32.67
C LEU D 256 13.20 -34.00 32.96
N ARG D 257 14.20 -33.94 33.85
CA ARG D 257 14.92 -35.15 34.25
C ARG D 257 13.97 -36.14 34.91
N LEU D 258 13.17 -35.66 35.87
CA LEU D 258 12.19 -36.51 36.53
C LEU D 258 11.17 -37.05 35.52
N MET D 259 10.66 -36.17 34.66
CA MET D 259 9.65 -36.59 33.71
C MET D 259 10.19 -37.62 32.73
N VAL D 260 11.48 -37.55 32.41
CA VAL D 260 12.06 -38.51 31.47
C VAL D 260 12.32 -39.84 32.16
N ASP D 261 12.84 -39.81 33.40
CA ASP D 261 13.09 -41.05 34.10
C ASP D 261 11.79 -41.81 34.40
N CYS D 262 10.79 -41.10 34.92
CA CYS D 262 9.53 -41.76 35.23
C CYS D 262 8.68 -42.01 33.99
N GLY D 263 8.89 -41.22 32.94
CA GLY D 263 8.08 -41.33 31.74
C GLY D 263 6.85 -40.45 31.73
N ILE D 264 6.83 -39.39 32.51
CA ILE D 264 5.63 -38.55 32.65
C ILE D 264 5.72 -37.49 31.56
N VAL D 265 5.22 -37.84 30.37
CA VAL D 265 5.11 -36.87 29.30
C VAL D 265 4.10 -35.80 29.70
N GLY D 266 4.38 -34.56 29.31
CA GLY D 266 3.50 -33.46 29.69
C GLY D 266 2.07 -33.68 29.24
N MET D 267 1.13 -33.26 30.09
CA MET D 267 -0.30 -33.36 29.84
C MET D 267 -0.78 -34.79 29.66
N SER D 268 -0.04 -35.76 30.17
CA SER D 268 -0.44 -37.16 30.10
C SER D 268 -1.22 -37.53 31.36
N TRP D 269 -1.46 -38.83 31.54
CA TRP D 269 -2.22 -39.33 32.68
C TRP D 269 -1.29 -40.10 33.61
N ILE D 270 -1.40 -39.83 34.91
CA ILE D 270 -0.64 -40.55 35.92
C ILE D 270 -1.64 -41.30 36.80
N THR D 271 -1.14 -42.08 37.75
CA THR D 271 -2.03 -42.83 38.64
C THR D 271 -1.27 -43.18 39.90
N LEU D 272 -1.90 -42.91 41.06
CA LEU D 272 -1.34 -43.30 42.34
C LEU D 272 -1.98 -44.59 42.79
N PRO D 273 -1.21 -45.64 43.09
CA PRO D 273 -1.82 -46.94 43.42
C PRO D 273 -2.53 -46.95 44.75
N LYS D 274 -3.05 -48.12 45.14
CA LYS D 274 -3.87 -48.24 46.34
C LYS D 274 -3.00 -48.04 47.58
N GLY D 275 -3.19 -46.91 48.26
CA GLY D 275 -2.57 -46.67 49.56
C GLY D 275 -1.07 -46.43 49.55
N LYS D 276 -0.40 -46.61 48.42
CA LYS D 276 1.05 -46.39 48.39
C LYS D 276 1.40 -44.94 48.62
N TYR D 277 0.51 -44.02 48.29
CA TYR D 277 0.72 -42.61 48.54
C TYR D 277 0.20 -42.23 49.93
N SER D 278 0.45 -40.99 50.31
CA SER D 278 -0.01 -40.45 51.58
C SER D 278 -0.63 -39.09 51.33
N MET D 279 -1.30 -38.56 52.36
CA MET D 279 -1.94 -37.25 52.29
C MET D 279 -1.33 -36.32 53.32
N ILE D 280 -1.03 -35.10 52.91
CA ILE D 280 -0.39 -34.13 53.78
C ILE D 280 -1.40 -33.60 54.78
N GLU D 281 -0.94 -33.38 56.02
CA GLU D 281 -1.83 -32.94 57.07
C GLU D 281 -2.42 -31.57 56.73
N PRO D 282 -3.64 -31.27 57.17
CA PRO D 282 -4.22 -29.95 56.89
C PRO D 282 -3.44 -28.79 57.50
N ASN D 283 -2.63 -29.05 58.52
CA ASN D 283 -1.80 -28.02 59.13
C ASN D 283 -0.47 -27.85 58.41
N ASN D 284 -0.28 -28.51 57.27
CA ASN D 284 0.93 -28.36 56.48
C ASN D 284 0.69 -28.27 54.98
N ARG D 285 -0.57 -28.28 54.54
CA ARG D 285 -0.86 -28.13 53.12
C ARG D 285 -0.62 -26.69 52.70
N VAL D 286 0.07 -26.51 51.57
CA VAL D 286 0.44 -25.18 51.12
C VAL D 286 -0.39 -24.70 49.92
N SER D 287 -1.18 -25.58 49.31
CA SER D 287 -1.94 -25.22 48.13
C SER D 287 -3.44 -25.14 48.44
N SER D 288 -4.15 -24.40 47.60
CA SER D 288 -5.60 -24.29 47.68
C SER D 288 -6.30 -25.42 46.94
N CYS D 289 -5.59 -26.48 46.59
CA CYS D 289 -6.20 -27.59 45.86
C CYS D 289 -7.04 -28.45 46.82
N GLN D 290 -7.97 -29.19 46.23
CA GLN D 290 -8.78 -30.12 47.01
C GLN D 290 -7.95 -31.22 47.64
N LEU D 291 -6.77 -31.49 47.09
CA LEU D 291 -5.88 -32.52 47.61
C LEU D 291 -4.46 -31.98 47.70
N GLU D 292 -3.68 -32.57 48.61
CA GLU D 292 -2.26 -32.28 48.73
C GLU D 292 -1.59 -33.57 49.20
N VAL D 293 -1.07 -34.33 48.25
CA VAL D 293 -0.51 -35.65 48.52
C VAL D 293 0.98 -35.63 48.20
N SER D 294 1.63 -36.76 48.49
CA SER D 294 3.06 -36.91 48.23
C SER D 294 3.37 -38.40 48.10
N ILE D 295 4.21 -38.75 47.14
CA ILE D 295 4.58 -40.14 46.88
C ILE D 295 5.98 -40.18 46.31
N ASN D 296 6.77 -41.14 46.79
CA ASN D 296 8.08 -41.39 46.21
C ASN D 296 7.93 -41.78 44.74
N TYR D 297 8.91 -41.39 43.93
CA TYR D 297 8.79 -41.53 42.48
C TYR D 297 8.80 -42.99 42.02
N ARG D 298 9.39 -43.89 42.81
CA ARG D 298 9.53 -45.27 42.36
C ARG D 298 8.23 -46.06 42.47
N ASN D 299 7.18 -45.47 43.04
CA ASN D 299 5.95 -46.22 43.27
C ASN D 299 4.86 -45.91 42.26
N LEU D 300 4.74 -44.65 41.84
CA LEU D 300 3.62 -44.24 41.01
C LEU D 300 3.74 -44.82 39.59
N ILE D 301 2.60 -44.95 38.93
CA ILE D 301 2.53 -45.45 37.57
C ILE D 301 2.21 -44.29 36.64
N ALA D 302 3.01 -44.13 35.59
CA ALA D 302 2.85 -43.04 34.64
C ALA D 302 2.32 -43.63 33.33
N HIS D 303 1.04 -43.45 33.08
CA HIS D 303 0.42 -44.03 31.89
C HIS D 303 0.88 -43.32 30.63
N PRO D 304 0.98 -44.04 29.52
CA PRO D 304 1.21 -43.39 28.23
C PRO D 304 -0.06 -42.74 27.71
N ALA D 305 0.12 -41.85 26.74
CA ALA D 305 -1.00 -41.15 26.13
C ALA D 305 -1.54 -41.89 24.91
N GLU D 306 -1.87 -43.17 25.09
CA GLU D 306 -2.35 -43.99 23.98
C GLU D 306 -3.28 -45.06 24.53
N GLY D 307 -4.45 -45.20 23.90
CA GLY D 307 -5.39 -46.23 24.28
C GLY D 307 -6.35 -45.74 25.35
N ASP D 308 -6.38 -46.44 26.48
CA ASP D 308 -7.32 -46.13 27.54
C ASP D 308 -7.01 -44.79 28.21
N TRP D 309 -5.80 -44.27 28.05
CA TRP D 309 -5.37 -43.06 28.75
C TRP D 309 -5.07 -41.94 27.77
N SER D 310 -5.91 -41.77 26.76
CA SER D 310 -5.77 -40.68 25.80
C SER D 310 -6.78 -39.56 26.00
N HIS D 311 -7.80 -39.77 26.84
CA HIS D 311 -8.82 -38.76 27.06
C HIS D 311 -8.25 -37.57 27.82
N THR D 312 -9.06 -36.53 27.94
CA THR D 312 -8.68 -35.30 28.62
C THR D 312 -9.48 -35.14 29.91
N ALA D 313 -9.14 -34.11 30.66
CA ALA D 313 -9.74 -33.82 31.95
C ALA D 313 -10.63 -32.59 31.87
N PRO D 314 -11.63 -32.47 32.76
CA PRO D 314 -12.48 -31.28 32.75
C PRO D 314 -11.75 -30.05 33.26
N LEU D 315 -10.93 -29.44 32.41
CA LEU D 315 -10.18 -28.26 32.81
C LEU D 315 -11.10 -27.06 32.95
N ARG D 316 -10.85 -26.25 33.98
CA ARG D 316 -11.64 -25.04 34.23
C ARG D 316 -10.94 -23.86 33.56
N ILE D 317 -11.22 -23.71 32.27
CA ILE D 317 -10.64 -22.59 31.52
C ILE D 317 -11.30 -21.29 31.96
N MET D 318 -10.47 -20.28 32.22
CA MET D 318 -10.96 -18.97 32.64
C MET D 318 -10.42 -17.92 31.67
N SER D 319 -11.30 -17.39 30.83
CA SER D 319 -10.97 -16.25 30.00
C SER D 319 -11.36 -14.98 30.74
N PHE D 320 -10.49 -13.98 30.68
CA PHE D 320 -10.75 -12.75 31.41
C PHE D 320 -10.15 -11.58 30.66
N SER D 321 -10.68 -10.39 30.95
CA SER D 321 -10.20 -9.15 30.35
C SER D 321 -10.39 -8.03 31.35
N ILE D 322 -9.63 -6.95 31.17
CA ILE D 322 -9.73 -5.78 32.03
C ILE D 322 -10.00 -4.55 31.18
N SER D 323 -10.53 -3.52 31.82
CA SER D 323 -10.78 -2.23 31.20
C SER D 323 -10.44 -1.16 32.21
N CYS D 324 -9.62 -0.20 31.77
CA CYS D 324 -9.10 0.85 32.64
C CYS D 324 -9.32 2.20 31.98
N ALA D 325 -9.79 3.17 32.77
CA ALA D 325 -10.09 4.51 32.27
C ALA D 325 -8.91 5.41 32.60
N GLY D 326 -8.17 5.83 31.57
CA GLY D 326 -6.99 6.63 31.74
C GLY D 326 -7.24 8.11 31.45
N ARG D 327 -6.20 8.90 31.70
CA ARG D 327 -6.27 10.34 31.47
C ARG D 327 -6.32 10.64 29.97
N ILE D 328 -6.61 11.90 29.66
CA ILE D 328 -6.81 12.30 28.27
C ILE D 328 -5.49 12.33 27.53
N GLY D 329 -5.46 11.72 26.34
CA GLY D 329 -4.31 11.79 25.47
C GLY D 329 -3.09 11.03 25.94
N VAL D 330 -3.21 10.19 26.96
CA VAL D 330 -2.10 9.41 27.46
C VAL D 330 -2.49 7.94 27.47
N PHE D 331 -1.48 7.08 27.44
CA PHE D 331 -1.70 5.66 27.52
C PHE D 331 -1.96 5.24 28.96
N PRO D 332 -2.74 4.17 29.17
CA PRO D 332 -2.95 3.68 30.54
C PRO D 332 -1.65 3.26 31.20
N GLU D 333 -1.32 3.94 32.31
CA GLU D 333 -0.17 3.60 33.12
C GLU D 333 -0.64 3.17 34.51
N PRO D 334 -0.02 2.14 35.10
CA PRO D 334 -0.50 1.60 36.37
C PRO D 334 -0.30 2.53 37.56
N GLU D 335 0.30 3.71 37.38
CA GLU D 335 0.52 4.61 38.49
C GLU D 335 -0.61 5.59 38.71
N TYR D 336 -1.35 5.93 37.66
CA TYR D 336 -2.42 6.92 37.74
C TYR D 336 -3.74 6.47 37.17
N ASP D 337 -3.77 5.53 36.23
CA ASP D 337 -4.99 5.16 35.54
C ASP D 337 -5.57 3.90 36.16
N PRO D 338 -6.69 3.99 36.87
CA PRO D 338 -7.21 2.83 37.59
C PRO D 338 -7.93 1.86 36.65
N VAL D 339 -8.01 0.61 37.11
CA VAL D 339 -8.81 -0.42 36.43
C VAL D 339 -10.25 -0.25 36.87
N ILE D 340 -11.16 -0.06 35.91
CA ILE D 340 -12.54 0.22 36.25
C ILE D 340 -13.39 -1.03 36.15
N GLN D 341 -13.03 -1.96 35.26
CA GLN D 341 -13.83 -3.16 35.08
C GLN D 341 -12.95 -4.36 34.83
N ILE D 342 -13.41 -5.53 35.30
CA ILE D 342 -12.72 -6.79 35.10
C ILE D 342 -13.78 -7.85 34.76
N ALA D 343 -13.79 -8.32 33.53
CA ALA D 343 -14.74 -9.33 33.08
C ALA D 343 -14.11 -10.70 33.10
N ASN D 344 -14.88 -11.71 33.53
CA ASN D 344 -14.41 -13.08 33.64
C ASN D 344 -15.48 -14.00 33.06
N VAL D 345 -15.07 -14.89 32.15
CA VAL D 345 -16.00 -15.72 31.38
C VAL D 345 -15.64 -17.19 31.60
N VAL D 346 -15.22 -17.54 32.82
CA VAL D 346 -14.78 -18.90 33.16
C VAL D 346 -15.67 -19.97 32.56
N SER D 347 -15.05 -21.00 31.98
CA SER D 347 -15.77 -22.05 31.26
C SER D 347 -15.12 -23.39 31.58
N ILE D 348 -15.47 -24.41 30.79
CA ILE D 348 -14.92 -25.75 30.92
C ILE D 348 -14.45 -26.21 29.55
N ALA D 349 -13.37 -27.01 29.54
CA ALA D 349 -12.86 -27.56 28.30
C ALA D 349 -13.92 -28.40 27.60
N GLY D 350 -14.08 -28.17 26.31
CA GLY D 350 -15.04 -28.92 25.52
C GLY D 350 -16.49 -28.55 25.77
N ALA D 351 -16.75 -27.49 26.52
CA ALA D 351 -18.12 -27.07 26.80
C ALA D 351 -18.59 -26.08 25.75
N LYS D 352 -19.87 -26.14 25.41
CA LYS D 352 -20.44 -25.24 24.41
C LYS D 352 -20.75 -23.86 24.95
N LYS D 353 -20.74 -23.67 26.27
CA LYS D 353 -21.06 -22.37 26.84
C LYS D 353 -20.41 -22.25 28.21
N PRO D 354 -19.88 -21.08 28.57
CA PRO D 354 -19.33 -20.91 29.92
C PRO D 354 -20.42 -20.92 30.97
N PHE D 355 -20.04 -21.29 32.19
CA PHE D 355 -21.00 -21.41 33.28
C PHE D 355 -21.12 -20.17 34.14
N ILE D 356 -20.17 -19.23 34.05
CA ILE D 356 -20.31 -17.94 34.70
C ILE D 356 -19.80 -16.84 33.79
N ARG D 357 -20.47 -15.69 33.85
CA ARG D 357 -20.01 -14.46 33.22
C ARG D 357 -20.13 -13.34 34.25
N ASN D 358 -19.00 -12.90 34.80
CA ASN D 358 -19.01 -11.92 35.85
C ASN D 358 -18.29 -10.66 35.40
N VAL D 359 -18.71 -9.52 35.95
CA VAL D 359 -18.06 -8.25 35.67
C VAL D 359 -17.85 -7.51 36.98
N PHE D 360 -16.64 -7.60 37.54
CA PHE D 360 -16.28 -6.81 38.70
C PHE D 360 -16.11 -5.36 38.27
N THR D 361 -17.05 -4.50 38.66
CA THR D 361 -17.04 -3.10 38.27
C THR D 361 -16.63 -2.22 39.43
N LEU D 362 -16.13 -1.03 39.10
CA LEU D 362 -15.67 -0.10 40.13
C LEU D 362 -16.83 0.61 40.82
N ASN D 363 -17.92 0.84 40.11
CA ASN D 363 -19.10 1.47 40.71
C ASN D 363 -20.35 0.65 40.42
N THR D 364 -21.51 1.20 40.76
CA THR D 364 -22.76 0.49 40.55
C THR D 364 -23.03 0.29 39.06
N CYS D 365 -23.33 -0.94 38.69
CA CYS D 365 -23.59 -1.31 37.30
C CYS D 365 -25.00 -1.85 37.17
N SER D 366 -25.69 -1.42 36.12
CA SER D 366 -27.04 -1.90 35.86
C SER D 366 -27.00 -3.39 35.51
N PRO D 367 -28.07 -4.13 35.82
CA PRO D 367 -28.06 -5.57 35.55
C PRO D 367 -27.93 -5.88 34.07
N ILE D 368 -27.32 -7.02 33.78
CA ILE D 368 -27.11 -7.49 32.41
C ILE D 368 -27.68 -8.90 32.34
N THR D 369 -28.72 -9.07 31.52
CA THR D 369 -29.37 -10.36 31.42
C THR D 369 -28.42 -11.42 30.87
N GLY D 370 -28.29 -12.52 31.60
CA GLY D 370 -27.42 -13.61 31.21
C GLY D 370 -26.05 -13.60 31.86
N SER D 371 -25.78 -12.65 32.75
CA SER D 371 -24.47 -12.55 33.38
C SER D 371 -24.61 -11.93 34.75
N MET D 372 -23.75 -12.33 35.67
CA MET D 372 -23.71 -11.75 37.00
C MET D 372 -22.81 -10.52 37.02
N ILE D 373 -23.02 -9.67 38.03
CA ILE D 373 -22.29 -8.43 38.16
C ILE D 373 -21.98 -8.20 39.64
N PHE D 374 -20.70 -7.98 39.95
CA PHE D 374 -20.25 -7.66 41.29
C PHE D 374 -19.74 -6.23 41.28
N SER D 375 -20.54 -5.31 41.78
CA SER D 375 -20.22 -3.89 41.78
C SER D 375 -19.62 -3.50 43.12
N HIS D 376 -18.41 -2.95 43.09
CA HIS D 376 -17.69 -2.59 44.31
C HIS D 376 -17.76 -1.08 44.53
N ALA D 377 -17.03 -0.60 45.53
CA ALA D 377 -16.95 0.82 45.84
C ALA D 377 -15.57 1.40 45.59
N THR D 378 -14.53 0.75 46.11
CA THR D 378 -13.15 1.13 45.89
C THR D 378 -12.46 0.09 45.03
N GLU D 379 -11.29 0.47 44.50
CA GLU D 379 -10.57 -0.45 43.63
C GLU D 379 -9.91 -1.57 44.41
N GLU D 380 -9.48 -1.30 45.65
CA GLU D 380 -8.88 -2.33 46.47
C GLU D 380 -9.86 -3.47 46.73
N GLU D 381 -11.11 -3.13 47.02
CA GLU D 381 -12.12 -4.15 47.23
C GLU D 381 -12.32 -5.00 45.99
N MET D 382 -12.37 -4.36 44.82
CA MET D 382 -12.56 -5.09 43.58
C MET D 382 -11.39 -6.03 43.32
N LEU D 383 -10.16 -5.55 43.53
CA LEU D 383 -9.00 -6.40 43.29
C LEU D 383 -8.96 -7.58 44.25
N SER D 384 -9.23 -7.32 45.54
CA SER D 384 -9.22 -8.40 46.52
C SER D 384 -10.30 -9.42 46.22
N ASN D 385 -11.49 -8.97 45.83
CA ASN D 385 -12.57 -9.90 45.52
C ASN D 385 -12.30 -10.67 44.24
N TRP D 386 -11.62 -10.06 43.26
CA TRP D 386 -11.25 -10.81 42.07
C TRP D 386 -10.20 -11.86 42.39
N ARG D 387 -9.27 -11.53 43.28
CA ARG D 387 -8.28 -12.52 43.72
C ARG D 387 -8.97 -13.68 44.43
N ASN D 388 -9.88 -13.39 45.37
CA ASN D 388 -10.62 -14.43 46.05
C ASN D 388 -11.46 -15.24 45.07
N PHE D 389 -11.97 -14.59 44.02
CA PHE D 389 -12.75 -15.29 43.01
C PHE D 389 -11.88 -16.28 42.24
N ILE D 390 -10.68 -15.84 41.83
CA ILE D 390 -9.75 -16.76 41.17
C ILE D 390 -9.43 -17.94 42.08
N ILE D 391 -9.12 -17.65 43.35
CA ILE D 391 -8.80 -18.72 44.30
C ILE D 391 -9.97 -19.69 44.43
N LYS D 392 -11.20 -19.16 44.44
CA LYS D 392 -12.37 -19.99 44.66
C LYS D 392 -12.66 -20.88 43.46
N VAL D 393 -12.66 -20.30 42.25
CA VAL D 393 -13.05 -21.05 41.07
C VAL D 393 -12.06 -22.16 40.76
N ASP D 394 -10.78 -21.95 41.10
CA ASP D 394 -9.70 -22.89 40.81
C ASP D 394 -9.61 -23.14 39.31
N PRO D 395 -9.20 -22.15 38.51
CA PRO D 395 -9.10 -22.36 37.07
C PRO D 395 -7.79 -23.04 36.69
N ASP D 396 -7.88 -24.04 35.81
CA ASP D 396 -6.69 -24.74 35.36
C ASP D 396 -5.90 -23.94 34.33
N VAL D 397 -6.60 -23.21 33.47
CA VAL D 397 -5.97 -22.36 32.45
C VAL D 397 -6.51 -20.96 32.58
N ILE D 398 -5.65 -19.98 32.32
CA ILE D 398 -6.06 -18.58 32.25
C ILE D 398 -5.74 -18.11 30.84
N ILE D 399 -6.72 -18.24 29.94
CA ILE D 399 -6.54 -17.83 28.55
C ILE D 399 -6.96 -16.38 28.40
N GLY D 400 -6.54 -15.75 27.31
CA GLY D 400 -6.89 -14.37 27.07
C GLY D 400 -6.12 -13.83 25.88
N TYR D 401 -6.32 -12.54 25.64
CA TYR D 401 -5.67 -11.83 24.55
C TYR D 401 -4.81 -10.72 25.13
N ASN D 402 -3.50 -10.79 24.89
CA ASN D 402 -2.55 -9.80 25.40
C ASN D 402 -2.59 -9.73 26.92
N THR D 403 -2.81 -10.88 27.56
CA THR D 403 -2.88 -10.91 29.01
C THR D 403 -1.49 -10.89 29.64
N THR D 404 -0.56 -11.70 29.10
CA THR D 404 0.77 -11.76 29.66
C THR D 404 1.55 -10.47 29.48
N ASN D 405 1.15 -9.63 28.52
CA ASN D 405 1.87 -8.38 28.25
C ASN D 405 1.19 -7.15 28.81
N PHE D 406 -0.15 -7.11 28.85
CA PHE D 406 -0.85 -5.94 29.39
C PHE D 406 -1.70 -6.29 30.61
N ASP D 407 -2.60 -7.27 30.51
CA ASP D 407 -3.63 -7.43 31.53
C ASP D 407 -3.03 -7.76 32.89
N ILE D 408 -2.35 -8.90 33.00
CA ILE D 408 -1.83 -9.38 34.27
C ILE D 408 -0.73 -8.46 34.79
N PRO D 409 0.24 -8.02 33.97
CA PRO D 409 1.21 -7.04 34.48
C PRO D 409 0.57 -5.75 34.95
N TYR D 410 -0.41 -5.22 34.23
CA TYR D 410 -1.08 -4.01 34.69
C TYR D 410 -1.78 -4.24 36.01
N LEU D 411 -2.44 -5.40 36.16
CA LEU D 411 -3.11 -5.69 37.43
C LEU D 411 -2.11 -5.78 38.57
N LEU D 412 -0.99 -6.46 38.34
CA LEU D 412 0.02 -6.60 39.39
C LEU D 412 0.60 -5.24 39.79
N ASN D 413 0.96 -4.43 38.79
CA ASN D 413 1.53 -3.12 39.10
C ASN D 413 0.50 -2.20 39.74
N ARG D 414 -0.78 -2.34 39.40
CA ARG D 414 -1.81 -1.51 40.01
C ARG D 414 -2.05 -1.92 41.45
N ALA D 415 -2.03 -3.23 41.73
CA ALA D 415 -2.14 -3.69 43.11
C ALA D 415 -0.93 -3.25 43.92
N LYS D 416 0.25 -3.22 43.29
CA LYS D 416 1.44 -2.72 43.97
C LYS D 416 1.31 -1.23 44.27
N ALA D 417 0.76 -0.46 43.32
CA ALA D 417 0.63 0.97 43.52
C ALA D 417 -0.43 1.32 44.56
N LEU D 418 -1.49 0.50 44.66
CA LEU D 418 -2.56 0.73 45.62
C LEU D 418 -2.27 0.10 46.97
N LYS D 419 -1.07 -0.42 47.19
CA LYS D 419 -0.67 -1.02 48.47
C LYS D 419 -1.56 -2.18 48.86
N VAL D 420 -2.08 -2.92 47.87
CA VAL D 420 -2.85 -4.14 48.16
C VAL D 420 -1.84 -5.28 48.17
N ASN D 421 -1.20 -5.45 49.32
CA ASN D 421 -0.14 -6.45 49.46
C ASN D 421 -0.65 -7.88 49.42
N ASP D 422 -1.97 -8.08 49.47
CA ASP D 422 -2.55 -9.42 49.53
C ASP D 422 -3.07 -9.89 48.17
N PHE D 423 -2.91 -9.10 47.12
CA PHE D 423 -3.42 -9.46 45.81
C PHE D 423 -2.55 -10.50 45.09
N PRO D 424 -1.23 -10.29 44.93
CA PRO D 424 -0.48 -11.12 43.99
C PRO D 424 -0.39 -12.60 44.35
N TYR D 425 -1.06 -13.02 45.42
CA TYR D 425 -1.08 -14.44 45.80
C TYR D 425 -2.35 -15.10 45.27
N PHE D 426 -2.47 -15.13 43.94
CA PHE D 426 -3.63 -15.74 43.29
C PHE D 426 -3.21 -16.93 42.44
N GLY D 427 -2.19 -17.67 42.90
CA GLY D 427 -1.78 -18.89 42.26
C GLY D 427 -2.29 -20.12 43.02
N ARG D 428 -1.88 -21.28 42.52
CA ARG D 428 -2.24 -22.54 43.18
C ARG D 428 -1.45 -22.76 44.46
N LEU D 429 -0.48 -21.90 44.77
CA LEU D 429 0.24 -21.93 46.04
C LEU D 429 -0.15 -20.71 46.85
N LYS D 430 -0.35 -20.89 48.15
CA LYS D 430 -1.00 -19.88 48.97
C LYS D 430 -0.03 -18.83 49.50
N THR D 431 1.29 -19.05 49.40
CA THR D 431 2.26 -18.15 50.01
C THR D 431 3.24 -17.52 49.04
N VAL D 432 3.43 -18.08 47.86
CA VAL D 432 4.39 -17.54 46.89
C VAL D 432 3.74 -16.42 46.10
N LYS D 433 4.54 -15.44 45.71
CA LYS D 433 4.02 -14.30 44.97
C LYS D 433 4.01 -14.58 43.47
N GLN D 434 3.10 -13.91 42.77
CA GLN D 434 3.07 -13.90 41.32
C GLN D 434 3.71 -12.59 40.87
N GLU D 435 4.92 -12.68 40.32
CA GLU D 435 5.71 -11.50 40.00
C GLU D 435 6.07 -11.50 38.52
N ILE D 436 6.30 -10.29 37.99
CA ILE D 436 6.58 -10.11 36.57
C ILE D 436 8.08 -10.21 36.34
N LYS D 437 8.48 -11.15 35.49
CA LYS D 437 9.87 -11.32 35.06
C LYS D 437 9.92 -11.12 33.55
N GLU D 438 10.80 -10.23 33.11
CA GLU D 438 10.87 -9.87 31.70
C GLU D 438 11.92 -10.75 31.00
N SER D 439 11.47 -11.55 30.04
CA SER D 439 12.33 -12.40 29.24
C SER D 439 12.26 -11.97 27.78
N VAL D 440 13.23 -12.45 27.01
CA VAL D 440 13.34 -12.09 25.60
C VAL D 440 13.49 -13.38 24.80
N PHE D 441 12.59 -13.59 23.85
CA PHE D 441 12.67 -14.72 22.94
C PHE D 441 13.26 -14.26 21.61
N SER D 442 14.09 -15.11 21.02
CA SER D 442 14.80 -14.76 19.79
C SER D 442 14.91 -15.98 18.91
N SER D 443 14.34 -15.91 17.72
CA SER D 443 14.41 -17.01 16.76
C SER D 443 14.26 -16.45 15.36
N LYS D 444 14.83 -17.16 14.38
CA LYS D 444 14.70 -16.73 13.00
C LYS D 444 13.26 -16.84 12.51
N ALA D 445 12.61 -17.97 12.80
CA ALA D 445 11.25 -18.20 12.35
C ALA D 445 10.20 -17.54 13.24
N TYR D 446 10.60 -16.93 14.34
CA TYR D 446 9.65 -16.33 15.27
C TYR D 446 9.90 -14.86 15.56
N GLY D 447 11.08 -14.33 15.23
CA GLY D 447 11.37 -12.93 15.51
C GLY D 447 11.61 -12.65 16.97
N THR D 448 12.27 -11.53 17.26
CA THR D 448 12.60 -11.18 18.64
C THR D 448 11.40 -10.56 19.32
N ARG D 449 11.04 -11.09 20.49
CA ARG D 449 9.93 -10.58 21.28
C ARG D 449 10.37 -10.41 22.73
N GLU D 450 9.73 -9.47 23.41
CA GLU D 450 10.01 -9.19 24.82
C GLU D 450 8.74 -9.46 25.61
N THR D 451 8.73 -10.55 26.37
CA THR D 451 7.54 -10.98 27.11
C THR D 451 7.73 -10.68 28.59
N LYS D 452 6.65 -10.27 29.25
CA LYS D 452 6.65 -10.06 30.70
C LYS D 452 5.92 -11.24 31.34
N ASN D 453 6.65 -12.33 31.53
CA ASN D 453 6.04 -13.54 32.06
C ASN D 453 5.68 -13.37 33.53
N VAL D 454 4.67 -14.11 33.98
CA VAL D 454 4.23 -14.10 35.37
C VAL D 454 4.25 -15.54 35.88
N ASN D 455 4.71 -15.72 37.10
CA ASN D 455 4.88 -17.04 37.69
C ASN D 455 3.58 -17.56 38.32
N ILE D 456 2.50 -17.58 37.55
CA ILE D 456 1.24 -18.12 38.04
C ILE D 456 1.42 -19.64 38.15
N ASP D 457 1.56 -20.13 39.37
CA ASP D 457 1.88 -21.53 39.60
C ASP D 457 0.62 -22.39 39.55
N GLY D 458 0.78 -23.62 39.05
CA GLY D 458 -0.28 -24.59 38.99
C GLY D 458 -1.29 -24.37 37.87
N ARG D 459 -1.39 -23.17 37.33
CA ARG D 459 -2.36 -22.85 36.30
C ARG D 459 -1.64 -22.61 34.99
N LEU D 460 -2.08 -23.32 33.95
CA LEU D 460 -1.55 -23.08 32.62
C LEU D 460 -1.96 -21.71 32.12
N GLN D 461 -1.22 -21.20 31.14
CA GLN D 461 -1.55 -19.93 30.50
C GLN D 461 -1.49 -20.12 28.99
N LEU D 462 -2.52 -19.65 28.30
CA LEU D 462 -2.67 -19.85 26.86
C LEU D 462 -3.05 -18.54 26.19
N ASP D 463 -2.27 -17.50 26.47
CA ASP D 463 -2.49 -16.19 25.85
C ASP D 463 -2.65 -16.33 24.35
N LEU D 464 -3.85 -15.99 23.85
CA LEU D 464 -4.17 -16.23 22.45
C LEU D 464 -3.33 -15.36 21.52
N LEU D 465 -2.86 -14.21 22.00
CA LEU D 465 -2.01 -13.37 21.16
C LEU D 465 -0.74 -14.10 20.76
N GLN D 466 -0.05 -14.70 21.74
CA GLN D 466 1.17 -15.45 21.43
C GLN D 466 0.85 -16.67 20.59
N PHE D 467 -0.26 -17.35 20.89
CA PHE D 467 -0.61 -18.56 20.14
C PHE D 467 -0.89 -18.26 18.68
N ILE D 468 -1.50 -17.10 18.40
CA ILE D 468 -1.78 -16.75 17.02
C ILE D 468 -0.56 -16.14 16.33
N GLN D 469 0.30 -15.44 17.06
CA GLN D 469 1.55 -14.99 16.48
C GLN D 469 2.45 -16.17 16.14
N ARG D 470 2.32 -17.29 16.85
CA ARG D 470 3.17 -18.45 16.59
C ARG D 470 2.60 -19.36 15.51
N GLU D 471 1.27 -19.49 15.43
CA GLU D 471 0.64 -20.45 14.53
C GLU D 471 0.23 -19.85 13.20
N TYR D 472 -0.34 -18.65 13.19
CA TYR D 472 -0.84 -18.03 11.96
C TYR D 472 -0.02 -16.81 11.60
N LYS D 473 0.00 -16.49 10.31
CA LYS D 473 0.72 -15.34 9.78
C LYS D 473 -0.32 -14.36 9.23
N LEU D 474 -0.64 -13.33 10.02
CA LEU D 474 -1.64 -12.35 9.65
C LEU D 474 -1.00 -10.99 9.45
N ARG D 475 -1.72 -10.12 8.75
CA ARG D 475 -1.23 -8.76 8.50
C ARG D 475 -1.22 -7.95 9.79
N SER D 476 -2.28 -8.04 10.58
CA SER D 476 -2.38 -7.34 11.85
C SER D 476 -2.75 -8.33 12.94
N TYR D 477 -2.31 -8.04 14.17
CA TYR D 477 -2.52 -8.92 15.31
C TYR D 477 -3.30 -8.23 16.42
N THR D 478 -4.16 -7.29 16.07
CA THR D 478 -5.07 -6.71 17.04
C THR D 478 -6.27 -7.62 17.24
N LEU D 479 -6.95 -7.46 18.38
CA LEU D 479 -8.09 -8.31 18.68
C LEU D 479 -9.19 -8.16 17.65
N ASN D 480 -9.41 -6.93 17.17
CA ASN D 480 -10.44 -6.70 16.17
C ASN D 480 -10.10 -7.38 14.85
N ALA D 481 -8.86 -7.24 14.39
CA ALA D 481 -8.46 -7.86 13.14
C ALA D 481 -8.57 -9.38 13.21
N VAL D 482 -8.21 -9.96 14.35
CA VAL D 482 -8.28 -11.41 14.51
C VAL D 482 -9.73 -11.88 14.58
N SER D 483 -10.56 -11.17 15.34
CA SER D 483 -11.97 -11.54 15.40
C SER D 483 -12.64 -11.41 14.05
N ALA D 484 -12.19 -10.47 13.22
CA ALA D 484 -12.72 -10.34 11.87
C ALA D 484 -12.15 -11.41 10.94
N HIS D 485 -10.95 -11.90 11.22
CA HIS D 485 -10.32 -12.88 10.34
C HIS D 485 -10.91 -14.27 10.56
N PHE D 486 -10.98 -14.72 11.80
CA PHE D 486 -11.44 -16.09 12.09
C PHE D 486 -12.95 -16.13 12.31
N LEU D 487 -13.44 -15.40 13.31
CA LEU D 487 -14.88 -15.39 13.57
C LEU D 487 -15.62 -14.69 12.44
N GLY D 488 -15.18 -13.50 12.07
CA GLY D 488 -15.79 -12.79 10.95
C GLY D 488 -16.83 -11.78 11.36
N GLU D 489 -16.53 -10.97 12.37
CA GLU D 489 -17.44 -9.94 12.84
C GLU D 489 -16.66 -8.66 13.11
N GLN D 490 -17.02 -7.58 12.41
CA GLN D 490 -16.40 -6.28 12.62
C GLN D 490 -17.24 -5.43 13.58
N LYS D 491 -17.42 -5.97 14.79
CA LYS D 491 -18.23 -5.29 15.78
C LYS D 491 -17.55 -4.02 16.26
N GLU D 492 -18.31 -3.19 16.97
CA GLU D 492 -17.82 -1.89 17.40
C GLU D 492 -16.80 -2.03 18.51
N ASP D 493 -15.77 -1.20 18.44
CA ASP D 493 -14.76 -1.08 19.49
C ASP D 493 -14.86 0.32 20.07
N VAL D 494 -15.18 0.39 21.37
CA VAL D 494 -15.46 1.67 22.00
C VAL D 494 -14.22 2.56 21.95
N HIS D 495 -14.46 3.85 21.72
CA HIS D 495 -13.37 4.82 21.70
C HIS D 495 -12.66 4.85 23.05
N TYR D 496 -11.34 5.01 23.03
CA TYR D 496 -10.57 4.98 24.26
C TYR D 496 -10.71 6.27 25.05
N SER D 497 -10.77 7.42 24.36
CA SER D 497 -10.82 8.69 25.06
C SER D 497 -12.13 8.91 25.79
N ILE D 498 -13.22 8.27 25.34
CA ILE D 498 -14.52 8.49 25.97
C ILE D 498 -14.75 7.60 27.19
N ILE D 499 -13.87 6.63 27.44
CA ILE D 499 -14.04 5.73 28.58
C ILE D 499 -14.09 6.53 29.88
N SER D 500 -13.18 7.49 30.03
CA SER D 500 -13.15 8.32 31.22
C SER D 500 -14.44 9.11 31.43
N ASP D 501 -15.28 9.23 30.41
CA ASP D 501 -16.56 9.90 30.54
C ASP D 501 -17.73 8.93 30.64
N LEU D 502 -17.51 7.65 30.38
CA LEU D 502 -18.56 6.65 30.59
C LEU D 502 -18.56 6.12 32.01
N GLN D 503 -17.38 6.00 32.61
CA GLN D 503 -17.30 5.54 34.00
C GLN D 503 -17.79 6.60 34.97
N ASN D 504 -17.59 7.87 34.65
CA ASN D 504 -18.01 8.97 35.52
C ASN D 504 -19.46 9.39 35.28
N GLY D 505 -20.27 8.52 34.71
CA GLY D 505 -21.64 8.87 34.40
C GLY D 505 -22.68 8.08 35.20
N ASP D 506 -23.78 7.72 34.54
CA ASP D 506 -24.86 7.02 35.19
C ASP D 506 -24.51 5.53 35.30
N SER D 507 -25.48 4.71 35.69
CA SER D 507 -25.25 3.28 35.79
C SER D 507 -25.38 2.57 34.45
N GLU D 508 -26.15 3.13 33.52
CA GLU D 508 -26.30 2.48 32.21
C GLU D 508 -25.07 2.69 31.34
N THR D 509 -24.38 3.81 31.50
CA THR D 509 -23.09 3.98 30.82
C THR D 509 -22.10 2.91 31.27
N ARG D 510 -22.01 2.70 32.58
CA ARG D 510 -21.16 1.62 33.08
C ARG D 510 -21.69 0.27 32.65
N ARG D 511 -22.99 0.13 32.43
CA ARG D 511 -23.54 -1.14 31.95
C ARG D 511 -23.07 -1.45 30.53
N ARG D 512 -23.12 -0.45 29.64
CA ARG D 512 -22.62 -0.70 28.30
C ARG D 512 -21.10 -0.86 28.28
N LEU D 513 -20.39 -0.17 29.18
CA LEU D 513 -18.97 -0.46 29.36
C LEU D 513 -18.75 -1.91 29.76
N ALA D 514 -19.60 -2.42 30.67
CA ALA D 514 -19.47 -3.80 31.12
C ALA D 514 -19.78 -4.78 30.00
N VAL D 515 -20.72 -4.44 29.12
CA VAL D 515 -21.01 -5.35 28.03
C VAL D 515 -19.88 -5.34 27.00
N TYR D 516 -19.24 -4.18 26.80
CA TYR D 516 -18.03 -4.14 25.99
C TYR D 516 -16.96 -5.05 26.57
N CYS D 517 -16.72 -4.93 27.88
CA CYS D 517 -15.71 -5.76 28.53
C CYS D 517 -16.07 -7.24 28.46
N LEU D 518 -17.35 -7.57 28.57
CA LEU D 518 -17.77 -8.97 28.49
C LEU D 518 -17.55 -9.54 27.10
N LYS D 519 -17.84 -8.76 26.06
CA LYS D 519 -17.52 -9.21 24.71
C LYS D 519 -16.02 -9.42 24.54
N ASP D 520 -15.23 -8.47 25.04
CA ASP D 520 -13.77 -8.58 24.92
C ASP D 520 -13.24 -9.79 25.67
N ALA D 521 -13.87 -10.15 26.79
CA ALA D 521 -13.42 -11.28 27.58
C ALA D 521 -13.94 -12.61 27.04
N TYR D 522 -15.05 -12.61 26.31
CA TYR D 522 -15.56 -13.83 25.71
C TYR D 522 -14.94 -14.14 24.36
N LEU D 523 -14.40 -13.13 23.68
CA LEU D 523 -13.70 -13.38 22.41
C LEU D 523 -12.60 -14.44 22.50
N PRO D 524 -11.68 -14.39 23.48
CA PRO D 524 -10.62 -15.41 23.51
C PRO D 524 -11.13 -16.82 23.67
N LEU D 525 -12.26 -17.01 24.38
CA LEU D 525 -12.82 -18.35 24.51
C LEU D 525 -13.28 -18.88 23.16
N ARG D 526 -14.01 -18.06 22.41
CA ARG D 526 -14.45 -18.47 21.07
C ARG D 526 -13.26 -18.72 20.17
N LEU D 527 -12.21 -17.92 20.30
CA LEU D 527 -11.01 -18.13 19.49
C LEU D 527 -10.35 -19.47 19.82
N MET D 528 -10.18 -19.75 21.12
CA MET D 528 -9.55 -21.01 21.51
C MET D 528 -10.42 -22.20 21.13
N GLU D 529 -11.74 -22.03 21.09
CA GLU D 529 -12.60 -23.13 20.71
C GLU D 529 -12.65 -23.35 19.20
N LYS D 530 -12.53 -22.28 18.42
CA LYS D 530 -12.53 -22.43 16.97
C LYS D 530 -11.19 -22.96 16.47
N LEU D 531 -10.09 -22.34 16.92
CA LEU D 531 -8.77 -22.76 16.49
C LEU D 531 -8.34 -24.11 17.07
N MET D 532 -9.11 -24.64 18.02
CA MET D 532 -8.76 -25.88 18.71
C MET D 532 -7.34 -25.80 19.28
N ALA D 533 -7.07 -24.71 19.98
CA ALA D 533 -5.74 -24.48 20.52
C ALA D 533 -5.38 -25.52 21.57
N LEU D 534 -6.31 -25.80 22.49
CA LEU D 534 -6.01 -26.71 23.58
C LEU D 534 -5.76 -28.12 23.08
N VAL D 535 -6.60 -28.60 22.16
CA VAL D 535 -6.45 -29.96 21.66
C VAL D 535 -5.14 -30.11 20.90
N ASN D 536 -4.82 -29.14 20.04
CA ASN D 536 -3.59 -29.22 19.26
C ASN D 536 -2.37 -29.16 20.16
N TYR D 537 -2.34 -28.21 21.10
CA TYR D 537 -1.19 -28.11 21.99
C TYR D 537 -1.09 -29.31 22.92
N THR D 538 -2.21 -29.93 23.28
CA THR D 538 -2.17 -31.14 24.09
C THR D 538 -1.57 -32.30 23.30
N GLU D 539 -2.01 -32.47 22.05
CA GLU D 539 -1.39 -33.50 21.20
C GLU D 539 0.09 -33.24 21.03
N MET D 540 0.49 -31.98 20.89
CA MET D 540 1.90 -31.65 20.73
C MET D 540 2.70 -32.01 21.98
N ALA D 541 2.25 -31.51 23.15
CA ALA D 541 2.93 -31.82 24.40
C ALA D 541 2.88 -33.30 24.75
N ARG D 542 1.96 -34.06 24.17
CA ARG D 542 1.93 -35.51 24.41
C ARG D 542 2.83 -36.27 23.46
N VAL D 543 3.03 -35.79 22.24
CA VAL D 543 3.92 -36.46 21.31
C VAL D 543 5.38 -36.15 21.64
N THR D 544 5.71 -34.87 21.76
CA THR D 544 7.09 -34.49 22.06
C THR D 544 7.46 -34.83 23.50
N GLY D 545 6.56 -34.57 24.44
CA GLY D 545 6.79 -34.91 25.82
C GLY D 545 7.38 -33.78 26.64
N VAL D 546 6.86 -32.58 26.45
CA VAL D 546 7.34 -31.41 27.18
C VAL D 546 6.19 -30.82 27.98
N PRO D 547 6.47 -30.08 29.05
CA PRO D 547 5.40 -29.35 29.75
C PRO D 547 4.66 -28.43 28.79
N PHE D 548 3.36 -28.25 29.06
CA PHE D 548 2.54 -27.39 28.22
C PHE D 548 3.12 -25.98 28.11
N SER D 549 3.57 -25.43 29.24
CA SER D 549 4.08 -24.06 29.24
C SER D 549 5.31 -23.89 28.36
N TYR D 550 6.02 -24.98 28.04
CA TYR D 550 7.17 -24.88 27.15
C TYR D 550 6.75 -24.52 25.74
N LEU D 551 5.51 -24.82 25.36
CA LEU D 551 5.07 -24.59 23.98
C LEU D 551 4.91 -23.12 23.65
N LEU D 552 4.95 -22.23 24.63
CA LEU D 552 4.74 -20.81 24.39
C LEU D 552 5.94 -19.93 24.71
N ALA D 553 6.90 -20.43 25.49
CA ALA D 553 8.09 -19.64 25.84
C ALA D 553 9.38 -20.33 25.38
N ARG D 554 9.28 -21.41 24.62
CA ARG D 554 10.46 -22.12 24.13
C ARG D 554 10.23 -22.54 22.69
N GLY D 555 11.30 -22.55 21.92
CA GLY D 555 11.22 -22.83 20.50
C GLY D 555 11.04 -24.31 20.20
N GLN D 556 11.51 -24.72 19.02
CA GLN D 556 11.39 -26.09 18.57
C GLN D 556 12.54 -26.98 19.04
N GLN D 557 13.53 -26.42 19.74
CA GLN D 557 14.67 -27.21 20.15
C GLN D 557 14.35 -28.06 21.36
N ILE D 558 13.57 -27.51 22.31
CA ILE D 558 13.31 -28.22 23.56
C ILE D 558 12.54 -29.51 23.29
N LYS D 559 11.70 -29.54 22.25
CA LYS D 559 10.92 -30.73 21.96
C LYS D 559 11.81 -31.87 21.48
N VAL D 560 12.69 -31.59 20.52
CA VAL D 560 13.59 -32.62 20.03
C VAL D 560 14.59 -33.00 21.12
N VAL D 561 14.93 -32.06 21.99
CA VAL D 561 15.83 -32.39 23.12
C VAL D 561 15.16 -33.40 24.04
N SER D 562 13.90 -33.16 24.39
CA SER D 562 13.17 -34.08 25.26
C SER D 562 13.01 -35.44 24.60
N GLN D 563 12.67 -35.46 23.32
CA GLN D 563 12.53 -36.73 22.61
C GLN D 563 13.84 -37.50 22.59
N LEU D 564 14.94 -36.80 22.30
CA LEU D 564 16.25 -37.43 22.27
C LEU D 564 16.60 -38.01 23.63
N PHE D 565 16.35 -37.25 24.70
CA PHE D 565 16.68 -37.72 26.04
C PHE D 565 15.85 -38.94 26.40
N ARG D 566 14.57 -38.95 26.04
CA ARG D 566 13.73 -40.10 26.32
C ARG D 566 14.23 -41.34 25.60
N LYS D 567 14.46 -41.21 24.29
CA LYS D 567 14.92 -42.37 23.51
C LYS D 567 16.29 -42.85 24.00
N CYS D 568 17.15 -41.93 24.44
CA CYS D 568 18.45 -42.31 24.98
C CYS D 568 18.28 -43.10 26.26
N LEU D 569 17.47 -42.57 27.19
CA LEU D 569 17.21 -43.27 28.45
C LEU D 569 16.67 -44.67 28.19
N GLU D 570 15.86 -44.83 27.15
CA GLU D 570 15.34 -46.15 26.83
C GLU D 570 16.32 -47.02 26.05
N ILE D 571 17.53 -46.54 25.78
CA ILE D 571 18.47 -47.29 24.96
C ILE D 571 19.85 -47.33 25.61
N ASP D 572 19.93 -46.90 26.87
CA ASP D 572 21.18 -46.93 27.65
C ASP D 572 22.26 -46.10 26.98
N THR D 573 21.98 -44.81 26.82
CA THR D 573 22.88 -43.89 26.15
C THR D 573 22.87 -42.55 26.86
N VAL D 574 24.04 -41.90 26.91
CA VAL D 574 24.21 -40.62 27.59
C VAL D 574 24.60 -39.57 26.57
N ILE D 575 23.95 -38.42 26.64
CA ILE D 575 24.18 -37.32 25.70
C ILE D 575 25.27 -36.42 26.28
N PRO D 576 26.37 -36.18 25.57
CA PRO D 576 27.41 -35.31 26.10
C PRO D 576 26.95 -33.86 26.16
N ASN D 577 27.60 -33.10 27.02
CA ASN D 577 27.34 -31.66 27.14
C ASN D 577 28.34 -30.90 26.31
N MET D 578 28.21 -31.03 24.99
CA MET D 578 29.09 -30.36 24.06
C MET D 578 28.89 -28.85 24.13
N GLN D 579 29.95 -28.13 24.49
CA GLN D 579 29.89 -26.68 24.52
C GLN D 579 29.54 -26.15 23.13
N SER D 580 28.45 -25.39 23.06
CA SER D 580 27.98 -24.88 21.78
C SER D 580 29.01 -23.93 21.17
N GLN D 581 29.35 -24.17 19.90
CA GLN D 581 30.28 -23.30 19.20
C GLN D 581 29.73 -21.88 19.11
N ALA D 582 30.61 -20.95 18.78
CA ALA D 582 30.24 -19.54 18.73
C ALA D 582 29.10 -19.31 17.75
N SER D 583 29.36 -19.55 16.47
CA SER D 583 28.35 -19.39 15.42
C SER D 583 28.92 -19.94 14.13
N ASP D 584 28.15 -19.81 13.06
CA ASP D 584 28.57 -20.21 11.72
C ASP D 584 27.79 -19.36 10.73
N ASP D 585 28.30 -19.24 9.51
CA ASP D 585 27.60 -18.43 8.51
C ASP D 585 26.43 -19.21 7.90
N GLN D 586 26.73 -20.29 7.19
CA GLN D 586 25.73 -21.17 6.60
C GLN D 586 26.40 -22.38 5.97
N TYR D 587 25.74 -23.53 5.98
CA TYR D 587 26.23 -24.68 5.24
C TYR D 587 25.42 -24.79 3.94
N GLU D 588 25.74 -25.77 3.11
CA GLU D 588 25.15 -25.89 1.78
C GLU D 588 23.79 -26.57 1.87
N GLY D 589 22.75 -25.86 1.45
CA GLY D 589 21.41 -26.39 1.47
C GLY D 589 21.03 -27.10 0.19
N ALA D 590 19.93 -26.68 -0.43
CA ALA D 590 19.38 -27.38 -1.57
C ALA D 590 19.73 -26.65 -2.88
N THR D 591 19.19 -27.15 -3.98
CA THR D 591 19.67 -26.82 -5.32
C THR D 591 18.49 -26.50 -6.26
N VAL D 592 17.64 -25.57 -5.84
CA VAL D 592 16.43 -25.18 -6.57
C VAL D 592 16.68 -25.08 -8.08
N ILE D 593 15.91 -25.85 -8.85
CA ILE D 593 16.06 -25.92 -10.33
C ILE D 593 15.65 -24.60 -10.98
N GLU D 594 16.25 -24.28 -12.15
CA GLU D 594 15.96 -23.03 -12.90
C GLU D 594 14.48 -23.00 -13.28
N PRO D 595 13.73 -21.93 -12.93
CA PRO D 595 12.30 -21.85 -13.25
C PRO D 595 12.03 -21.36 -14.68
N ILE D 596 11.75 -22.28 -15.60
CA ILE D 596 11.42 -21.89 -17.00
C ILE D 596 10.14 -21.05 -16.95
N ARG D 597 10.27 -19.73 -17.05
CA ARG D 597 9.11 -18.80 -16.94
C ARG D 597 8.22 -18.80 -18.20
N GLY D 598 7.05 -18.17 -18.12
CA GLY D 598 6.12 -18.16 -19.25
C GLY D 598 4.72 -18.53 -18.81
N TYR D 599 3.78 -18.62 -19.76
CA TYR D 599 2.40 -19.02 -19.43
C TYR D 599 2.20 -20.45 -19.92
N TYR D 600 1.76 -21.35 -19.03
CA TYR D 600 1.60 -22.77 -19.44
C TYR D 600 0.14 -23.21 -19.38
N ASP D 601 -0.52 -23.25 -20.54
CA ASP D 601 -1.87 -23.76 -20.59
C ASP D 601 -1.91 -25.29 -20.58
N VAL D 602 -0.78 -25.94 -20.76
CA VAL D 602 -0.69 -27.40 -20.73
C VAL D 602 -0.69 -27.85 -19.27
N PRO D 603 -1.40 -28.91 -18.92
CA PRO D 603 -1.40 -29.36 -17.52
C PRO D 603 -0.02 -29.77 -17.06
N ILE D 604 0.46 -29.13 -16.01
CA ILE D 604 1.74 -29.41 -15.40
C ILE D 604 1.47 -30.25 -14.16
N ALA D 605 1.82 -31.54 -14.21
CA ALA D 605 1.70 -32.37 -13.03
C ALA D 605 2.71 -31.92 -11.96
N THR D 606 2.44 -32.30 -10.73
CA THR D 606 3.33 -31.97 -9.62
C THR D 606 3.60 -33.23 -8.81
N LEU D 607 4.87 -33.60 -8.69
CA LEU D 607 5.29 -34.76 -7.93
C LEU D 607 6.28 -34.32 -6.86
N ASP D 608 5.90 -34.51 -5.59
CA ASP D 608 6.74 -34.12 -4.47
C ASP D 608 6.98 -35.32 -3.56
N PHE D 609 7.95 -35.17 -2.67
CA PHE D 609 8.35 -36.25 -1.77
C PHE D 609 7.58 -36.16 -0.47
N ASN D 610 7.29 -37.33 0.11
CA ASN D 610 6.61 -37.42 1.40
C ASN D 610 7.64 -37.23 2.51
N SER D 611 7.67 -36.03 3.10
CA SER D 611 8.58 -35.70 4.19
C SER D 611 10.03 -36.02 3.80
N LEU D 612 10.50 -35.25 2.82
CA LEU D 612 11.78 -35.54 2.17
C LEU D 612 12.91 -35.73 3.17
N TYR D 613 13.17 -34.71 4.00
CA TYR D 613 14.32 -34.79 4.89
C TYR D 613 14.14 -35.85 5.98
N PRO D 614 13.00 -35.95 6.67
CA PRO D 614 12.82 -37.08 7.60
C PRO D 614 12.92 -38.43 6.93
N SER D 615 12.42 -38.56 5.70
CA SER D 615 12.53 -39.82 4.97
C SER D 615 13.99 -40.15 4.68
N ILE D 616 14.77 -39.15 4.30
CA ILE D 616 16.19 -39.36 4.05
C ILE D 616 16.90 -39.78 5.32
N MET D 617 16.55 -39.14 6.44
CA MET D 617 17.15 -39.50 7.72
C MET D 617 16.84 -40.94 8.09
N MET D 618 15.56 -41.30 8.13
CA MET D 618 15.17 -42.63 8.56
C MET D 618 15.41 -43.70 7.50
N ALA D 619 15.84 -43.32 6.30
CA ALA D 619 16.07 -44.28 5.24
C ALA D 619 17.51 -44.77 5.17
N HIS D 620 18.46 -43.93 5.57
CA HIS D 620 19.88 -44.27 5.47
C HIS D 620 20.51 -44.52 6.84
N ASN D 621 19.70 -44.75 7.87
CA ASN D 621 20.21 -44.98 9.23
C ASN D 621 21.04 -43.79 9.72
N LEU D 622 20.52 -42.58 9.49
CA LEU D 622 21.22 -41.36 9.84
C LEU D 622 20.81 -40.91 11.24
N CYS D 623 21.79 -40.73 12.11
CA CYS D 623 21.57 -40.34 13.50
C CYS D 623 22.91 -39.96 14.10
N TYR D 624 22.90 -39.65 15.41
CA TYR D 624 24.14 -39.40 16.12
C TYR D 624 24.90 -40.70 16.39
N THR D 625 24.16 -41.76 16.71
CA THR D 625 24.75 -43.02 17.15
C THR D 625 25.26 -43.88 16.00
N THR D 626 25.17 -43.40 14.76
CA THR D 626 25.63 -44.17 13.61
C THR D 626 26.74 -43.46 12.84
N LEU D 627 27.33 -42.43 13.44
CA LEU D 627 28.29 -41.55 12.75
C LEU D 627 29.70 -42.04 13.01
N CYS D 628 30.22 -42.84 12.07
CA CYS D 628 31.59 -43.30 12.12
C CYS D 628 32.46 -42.45 11.20
N ASN D 629 33.77 -42.74 11.20
CA ASN D 629 34.71 -42.10 10.30
C ASN D 629 35.62 -43.16 9.72
N LYS D 630 36.61 -42.71 8.94
CA LYS D 630 37.51 -43.65 8.26
C LYS D 630 38.31 -44.48 9.25
N ALA D 631 38.83 -43.83 10.31
CA ALA D 631 39.59 -44.56 11.31
C ALA D 631 38.74 -45.62 11.99
N THR D 632 37.48 -45.29 12.30
CA THR D 632 36.62 -46.25 12.99
C THR D 632 36.31 -47.45 12.11
N VAL D 633 35.97 -47.22 10.85
CA VAL D 633 35.62 -48.34 9.97
C VAL D 633 36.85 -49.17 9.65
N GLU D 634 38.03 -48.54 9.61
CA GLU D 634 39.25 -49.31 9.37
C GLU D 634 39.62 -50.14 10.60
N ARG D 635 39.40 -49.59 11.80
CA ARG D 635 39.71 -50.33 13.02
C ARG D 635 38.73 -51.49 13.21
N LEU D 636 37.46 -51.27 12.90
CA LEU D 636 36.45 -52.31 13.04
C LEU D 636 36.37 -53.23 11.83
N ASN D 637 36.96 -52.84 10.70
CA ASN D 637 36.97 -53.65 9.47
C ASN D 637 35.54 -53.96 9.02
N LEU D 638 34.81 -52.90 8.70
CA LEU D 638 33.42 -53.02 8.27
C LEU D 638 33.35 -53.08 6.75
N LYS D 639 32.54 -54.00 6.23
CA LYS D 639 32.37 -54.12 4.79
C LYS D 639 31.57 -52.95 4.25
N ILE D 640 31.87 -52.58 3.01
CA ILE D 640 31.25 -51.43 2.37
C ILE D 640 29.92 -51.85 1.75
N ASP D 641 28.95 -50.94 1.80
CA ASP D 641 27.65 -51.09 1.15
C ASP D 641 26.78 -52.11 1.88
N GLU D 642 27.34 -52.80 2.86
CA GLU D 642 26.60 -53.75 3.69
C GLU D 642 26.61 -53.36 5.15
N ASP D 643 27.77 -53.04 5.70
CA ASP D 643 27.89 -52.63 7.09
C ASP D 643 27.97 -51.11 7.25
N TYR D 644 28.60 -50.41 6.31
CA TYR D 644 28.70 -48.97 6.38
C TYR D 644 28.54 -48.37 4.99
N VAL D 645 28.10 -47.11 4.97
CA VAL D 645 27.85 -46.37 3.74
C VAL D 645 28.49 -44.99 3.86
N ILE D 646 28.64 -44.34 2.70
CA ILE D 646 29.20 -43.00 2.63
C ILE D 646 28.17 -42.09 1.97
N THR D 647 27.98 -40.91 2.54
CA THR D 647 27.01 -39.96 2.03
C THR D 647 27.64 -39.10 0.94
N PRO D 648 26.83 -38.49 0.06
CA PRO D 648 27.39 -37.59 -0.94
C PRO D 648 28.17 -36.42 -0.35
N ASN D 649 27.91 -36.05 0.91
CA ASN D 649 28.72 -35.04 1.56
C ASN D 649 30.12 -35.54 1.88
N GLY D 650 30.30 -36.86 1.93
CA GLY D 650 31.57 -37.46 2.27
C GLY D 650 31.64 -38.09 3.64
N ASP D 651 30.62 -37.88 4.47
CA ASP D 651 30.61 -38.44 5.81
C ASP D 651 30.33 -39.94 5.77
N TYR D 652 30.68 -40.62 6.85
CA TYR D 652 30.53 -42.06 6.99
C TYR D 652 29.41 -42.37 7.97
N PHE D 653 28.61 -43.38 7.64
CA PHE D 653 27.59 -43.88 8.55
C PHE D 653 27.59 -45.40 8.46
N VAL D 654 26.82 -46.04 9.33
CA VAL D 654 26.70 -47.49 9.32
C VAL D 654 25.26 -47.88 9.04
N THR D 655 25.09 -49.00 8.36
CA THR D 655 23.76 -49.49 8.01
C THR D 655 23.00 -49.89 9.27
N THR D 656 21.74 -50.27 9.09
CA THR D 656 20.93 -50.73 10.21
C THR D 656 21.45 -52.04 10.80
N LYS D 657 22.32 -52.75 10.06
CA LYS D 657 22.87 -53.99 10.57
C LYS D 657 23.83 -53.77 11.74
N ARG D 658 24.43 -52.59 11.84
CA ARG D 658 25.36 -52.30 12.93
C ARG D 658 24.63 -51.73 14.15
N ARG D 659 23.95 -50.60 13.98
CA ARG D 659 23.23 -49.99 15.08
C ARG D 659 22.07 -49.18 14.54
N ARG D 660 20.89 -49.36 15.13
CA ARG D 660 19.74 -48.54 14.79
C ARG D 660 19.83 -47.20 15.50
N GLY D 661 19.74 -46.11 14.75
CA GLY D 661 19.76 -44.80 15.33
C GLY D 661 18.53 -44.53 16.17
N ILE D 662 18.54 -43.38 16.84
CA ILE D 662 17.38 -42.93 17.59
C ILE D 662 16.63 -41.81 16.89
N LEU D 663 17.29 -41.01 16.07
CA LEU D 663 16.57 -40.08 15.20
C LEU D 663 15.61 -40.81 14.25
N PRO D 664 15.95 -41.97 13.67
CA PRO D 664 14.93 -42.72 12.92
C PRO D 664 13.70 -43.06 13.76
N ILE D 665 13.88 -43.41 15.03
CA ILE D 665 12.74 -43.76 15.87
C ILE D 665 11.89 -42.53 16.16
N ILE D 666 12.55 -41.42 16.50
CA ILE D 666 11.83 -40.17 16.74
C ILE D 666 11.04 -39.75 15.51
N LEU D 667 11.65 -39.93 14.32
CA LEU D 667 10.97 -39.54 13.09
C LEU D 667 9.84 -40.49 12.75
N ASP D 668 9.99 -41.77 13.07
CA ASP D 668 8.88 -42.71 12.92
C ASP D 668 7.70 -42.27 13.78
N GLU D 669 7.98 -41.89 15.03
CA GLU D 669 6.93 -41.41 15.91
C GLU D 669 6.25 -40.17 15.34
N LEU D 670 7.04 -39.20 14.87
CA LEU D 670 6.47 -37.95 14.38
C LEU D 670 5.66 -38.16 13.11
N ILE D 671 6.13 -39.02 12.19
CA ILE D 671 5.38 -39.24 10.96
C ILE D 671 4.15 -40.10 11.21
N SER D 672 4.19 -41.00 12.20
CA SER D 672 2.98 -41.73 12.55
C SER D 672 1.96 -40.84 13.22
N ALA D 673 2.40 -39.78 13.91
CA ALA D 673 1.46 -38.77 14.39
C ALA D 673 0.88 -37.96 13.24
N ARG D 674 1.73 -37.55 12.29
CA ARG D 674 1.27 -36.76 11.16
C ARG D 674 0.31 -37.54 10.27
N LYS D 675 0.52 -38.86 10.16
CA LYS D 675 -0.37 -39.67 9.34
C LYS D 675 -1.81 -39.60 9.84
N ARG D 676 -1.99 -39.75 11.16
CA ARG D 676 -3.34 -39.64 11.73
C ARG D 676 -3.83 -38.20 11.73
N ALA D 677 -2.94 -37.22 11.90
CA ALA D 677 -3.36 -35.84 11.81
C ALA D 677 -3.89 -35.50 10.42
N LYS D 678 -3.36 -36.15 9.39
CA LYS D 678 -3.84 -35.93 8.03
C LYS D 678 -5.07 -36.78 7.74
N LYS D 679 -5.17 -37.97 8.33
CA LYS D 679 -6.37 -38.78 8.18
C LYS D 679 -7.58 -38.08 8.78
N ASP D 680 -7.39 -37.41 9.92
CA ASP D 680 -8.49 -36.65 10.51
C ASP D 680 -8.94 -35.52 9.60
N LEU D 681 -8.00 -34.85 8.94
CA LEU D 681 -8.37 -33.83 7.96
C LEU D 681 -9.09 -34.44 6.78
N ARG D 682 -8.67 -35.64 6.35
CA ARG D 682 -9.35 -36.33 5.27
C ARG D 682 -10.80 -36.62 5.64
N ASP D 683 -11.04 -37.03 6.88
CA ASP D 683 -12.39 -37.32 7.35
C ASP D 683 -12.95 -36.10 8.09
N GLU D 684 -13.16 -35.03 7.33
CA GLU D 684 -13.65 -33.78 7.89
C GLU D 684 -14.20 -32.90 6.77
N LYS D 685 -15.33 -32.26 7.03
CA LYS D 685 -16.07 -31.51 6.02
C LYS D 685 -16.03 -30.00 6.19
N ASP D 686 -16.09 -29.51 7.43
CA ASP D 686 -16.18 -28.08 7.67
C ASP D 686 -14.93 -27.36 7.17
N PRO D 687 -15.07 -26.33 6.33
CA PRO D 687 -13.88 -25.65 5.82
C PRO D 687 -13.04 -24.98 6.91
N PHE D 688 -13.67 -24.39 7.92
CA PHE D 688 -12.90 -23.83 9.03
C PHE D 688 -12.19 -24.93 9.81
N LYS D 689 -12.90 -26.01 10.12
CA LYS D 689 -12.26 -27.15 10.77
C LYS D 689 -11.25 -27.80 9.83
N ARG D 690 -11.46 -27.71 8.51
CA ARG D 690 -10.46 -28.18 7.57
C ARG D 690 -9.16 -27.39 7.73
N ASP D 691 -9.26 -26.07 7.79
CA ASP D 691 -8.08 -25.25 7.99
C ASP D 691 -7.44 -25.50 9.36
N VAL D 692 -8.25 -25.76 10.38
CA VAL D 692 -7.70 -26.06 11.70
C VAL D 692 -6.92 -27.37 11.67
N LEU D 693 -7.46 -28.41 11.05
CA LEU D 693 -6.74 -29.66 10.94
C LEU D 693 -5.52 -29.54 10.03
N ASN D 694 -5.57 -28.63 9.06
CA ASN D 694 -4.39 -28.39 8.24
C ASN D 694 -3.28 -27.72 9.05
N GLY D 695 -3.65 -26.76 9.90
CA GLY D 695 -2.67 -26.18 10.80
C GLY D 695 -2.11 -27.19 11.79
N ARG D 696 -2.96 -28.11 12.24
CA ARG D 696 -2.49 -29.18 13.13
C ARG D 696 -1.50 -30.09 12.41
N GLN D 697 -1.79 -30.45 11.15
CA GLN D 697 -0.87 -31.27 10.39
C GLN D 697 0.41 -30.51 10.08
N LEU D 698 0.31 -29.21 9.78
CA LEU D 698 1.46 -28.41 9.43
C LEU D 698 2.42 -28.22 10.60
N ALA D 699 1.94 -28.33 11.84
CA ALA D 699 2.81 -28.22 13.00
C ALA D 699 3.49 -29.54 13.35
N LEU D 700 3.02 -30.67 12.80
CA LEU D 700 3.65 -31.95 13.01
C LEU D 700 4.67 -32.29 11.93
N LYS D 701 4.69 -31.54 10.83
CA LYS D 701 5.74 -31.66 9.83
C LYS D 701 6.81 -30.59 9.99
N ILE D 702 6.58 -29.59 10.86
CA ILE D 702 7.63 -28.67 11.23
C ILE D 702 8.59 -29.32 12.22
N SER D 703 8.04 -30.02 13.20
CA SER D 703 8.87 -30.72 14.18
C SER D 703 9.65 -31.86 13.54
N ALA D 704 9.01 -32.60 12.63
CA ALA D 704 9.72 -33.63 11.89
C ALA D 704 10.84 -33.04 11.05
N ASN D 705 10.67 -31.80 10.59
CA ASN D 705 11.77 -31.08 9.95
C ASN D 705 12.65 -30.38 10.98
N SER D 706 12.08 -30.05 12.14
CA SER D 706 12.88 -29.46 13.21
C SER D 706 13.92 -30.43 13.76
N VAL D 707 13.71 -31.74 13.58
CA VAL D 707 14.75 -32.70 13.94
C VAL D 707 16.01 -32.43 13.13
N TYR D 708 15.89 -32.40 11.81
CA TYR D 708 17.02 -32.06 10.96
C TYR D 708 17.55 -30.66 11.26
N GLY D 709 16.64 -29.71 11.46
CA GLY D 709 17.08 -28.36 11.78
C GLY D 709 17.92 -28.30 13.05
N PHE D 710 17.55 -29.09 14.05
CA PHE D 710 18.30 -29.11 15.31
C PHE D 710 19.63 -29.81 15.13
N THR D 711 19.66 -30.89 14.34
CA THR D 711 20.95 -31.51 14.03
C THR D 711 21.86 -30.58 13.27
N GLY D 712 21.29 -29.64 12.52
CA GLY D 712 22.09 -28.68 11.77
C GLY D 712 22.24 -27.34 12.45
N ALA D 713 21.50 -27.12 13.54
CA ALA D 713 21.54 -25.85 14.25
C ALA D 713 22.85 -25.71 14.99
N THR D 714 23.74 -24.84 14.50
CA THR D 714 25.01 -24.61 15.17
C THR D 714 24.78 -23.97 16.53
N VAL D 715 23.92 -22.96 16.60
CA VAL D 715 23.53 -22.37 17.88
C VAL D 715 22.54 -23.33 18.54
N GLY D 716 23.00 -24.09 19.52
CA GLY D 716 22.18 -25.07 20.20
C GLY D 716 22.99 -26.31 20.53
N LYS D 717 22.47 -27.09 21.46
CA LYS D 717 23.19 -28.29 21.90
C LYS D 717 23.17 -29.34 20.80
N LEU D 718 24.18 -30.22 20.84
CA LEU D 718 24.42 -31.29 19.87
C LEU D 718 24.28 -30.80 18.42
N PRO D 719 25.07 -29.80 18.00
CA PRO D 719 25.09 -29.45 16.58
C PRO D 719 25.98 -30.40 15.80
N CYS D 720 25.37 -31.29 15.04
CA CYS D 720 26.10 -32.26 14.23
C CYS D 720 25.88 -31.90 12.77
N LEU D 721 26.73 -30.99 12.26
CA LEU D 721 26.58 -30.51 10.90
C LEU D 721 26.79 -31.62 9.87
N ALA D 722 27.44 -32.72 10.26
CA ALA D 722 27.62 -33.83 9.33
C ALA D 722 26.29 -34.37 8.85
N ILE D 723 25.34 -34.57 9.77
CA ILE D 723 24.08 -35.19 9.40
C ILE D 723 23.24 -34.24 8.55
N SER D 724 23.22 -32.95 8.90
CA SER D 724 22.47 -32.00 8.10
C SER D 724 23.05 -31.88 6.70
N SER D 725 24.38 -31.80 6.60
CA SER D 725 25.01 -31.75 5.28
C SER D 725 24.72 -33.02 4.49
N SER D 726 24.71 -34.19 5.15
CA SER D 726 24.44 -35.43 4.44
C SER D 726 23.01 -35.48 3.93
N VAL D 727 22.04 -35.04 4.73
CA VAL D 727 20.66 -35.08 4.27
C VAL D 727 20.43 -34.06 3.17
N THR D 728 21.08 -32.90 3.23
CA THR D 728 20.94 -31.94 2.13
C THR D 728 21.55 -32.49 0.85
N ALA D 729 22.73 -33.12 0.95
CA ALA D 729 23.34 -33.72 -0.23
C ALA D 729 22.45 -34.82 -0.81
N TYR D 730 21.89 -35.66 0.06
CA TYR D 730 20.99 -36.71 -0.40
C TYR D 730 19.77 -36.13 -1.10
N GLY D 731 19.21 -35.05 -0.55
CA GLY D 731 18.05 -34.43 -1.18
C GLY D 731 18.36 -33.86 -2.54
N ARG D 732 19.50 -33.15 -2.65
CA ARG D 732 19.91 -32.61 -3.93
C ARG D 732 20.09 -33.72 -4.97
N THR D 733 20.85 -34.76 -4.60
CA THR D 733 21.07 -35.86 -5.53
C THR D 733 19.77 -36.56 -5.89
N MET D 734 18.82 -36.63 -4.95
CA MET D 734 17.57 -37.31 -5.24
C MET D 734 16.70 -36.52 -6.20
N ILE D 735 16.64 -35.20 -6.04
CA ILE D 735 15.84 -34.41 -6.97
C ILE D 735 16.50 -34.40 -8.35
N LEU D 736 17.83 -34.39 -8.40
CA LEU D 736 18.49 -34.47 -9.70
C LEU D 736 18.22 -35.81 -10.36
N LYS D 737 18.26 -36.91 -9.59
CA LYS D 737 18.04 -38.22 -10.14
C LYS D 737 16.60 -38.39 -10.61
N THR D 738 15.63 -37.88 -9.85
CA THR D 738 14.24 -38.02 -10.28
C THR D 738 13.95 -37.15 -11.48
N LYS D 739 14.57 -35.96 -11.57
CA LYS D 739 14.44 -35.16 -12.77
C LYS D 739 14.98 -35.90 -13.99
N THR D 740 16.18 -36.46 -13.87
CA THR D 740 16.75 -37.22 -14.96
C THR D 740 15.85 -38.40 -15.34
N ALA D 741 15.32 -39.11 -14.35
CA ALA D 741 14.54 -40.31 -14.63
C ALA D 741 13.21 -39.97 -15.30
N VAL D 742 12.53 -38.92 -14.83
CA VAL D 742 11.25 -38.57 -15.43
C VAL D 742 11.43 -37.87 -16.77
N GLN D 743 12.61 -37.31 -17.05
CA GLN D 743 12.89 -36.83 -18.40
C GLN D 743 13.32 -37.96 -19.32
N GLU D 744 13.84 -39.05 -18.77
CA GLU D 744 14.32 -40.16 -19.60
C GLU D 744 13.19 -41.10 -19.97
N LYS D 745 12.40 -41.53 -18.99
CA LYS D 745 11.39 -42.57 -19.27
C LYS D 745 10.26 -42.04 -20.13
N TYR D 746 9.80 -40.82 -19.87
CA TYR D 746 8.66 -40.26 -20.57
C TYR D 746 9.17 -39.36 -21.70
N CYS D 747 9.48 -40.01 -22.83
CA CYS D 747 9.97 -39.33 -24.02
C CYS D 747 9.37 -40.04 -25.23
N ILE D 748 9.90 -39.72 -26.42
CA ILE D 748 9.32 -40.25 -27.65
C ILE D 748 9.72 -41.70 -27.86
N LYS D 749 10.95 -42.07 -27.49
CA LYS D 749 11.48 -43.38 -27.86
C LYS D 749 10.70 -44.50 -27.19
N ASN D 750 10.34 -44.33 -25.92
CA ASN D 750 9.69 -45.40 -25.17
C ASN D 750 8.26 -45.65 -25.62
N GLY D 751 7.68 -44.79 -26.45
CA GLY D 751 6.32 -44.99 -26.92
C GLY D 751 5.33 -44.05 -26.28
N TYR D 752 5.72 -42.80 -26.09
CA TYR D 752 4.85 -41.77 -25.53
C TYR D 752 4.66 -40.67 -26.55
N LYS D 753 3.59 -39.88 -26.36
CA LYS D 753 3.21 -38.90 -27.38
C LYS D 753 4.22 -37.76 -27.45
N HIS D 754 4.64 -37.23 -26.31
CA HIS D 754 5.48 -36.04 -26.30
C HIS D 754 6.74 -36.23 -25.47
N ASP D 755 7.47 -35.15 -25.24
CA ASP D 755 8.70 -35.16 -24.46
C ASP D 755 8.41 -34.49 -23.12
N ALA D 756 8.46 -35.27 -22.04
CA ALA D 756 8.25 -34.73 -20.71
C ALA D 756 9.40 -33.80 -20.34
N VAL D 757 9.08 -32.63 -19.80
CA VAL D 757 10.07 -31.64 -19.41
C VAL D 757 9.81 -31.22 -17.98
N VAL D 758 10.84 -31.23 -17.15
CA VAL D 758 10.75 -30.78 -15.77
C VAL D 758 10.76 -29.25 -15.81
N VAL D 759 9.56 -28.66 -15.76
CA VAL D 759 9.38 -27.18 -15.85
C VAL D 759 10.00 -26.49 -14.62
N TYR D 760 9.68 -26.94 -13.41
CA TYR D 760 10.20 -26.26 -12.21
C TYR D 760 10.48 -27.29 -11.09
N GLY D 761 11.36 -26.97 -10.15
CA GLY D 761 11.73 -27.82 -9.05
C GLY D 761 12.08 -27.02 -7.81
N ASP D 762 11.50 -27.39 -6.67
CA ASP D 762 11.65 -26.62 -5.44
C ASP D 762 12.14 -27.52 -4.31
N THR D 763 13.21 -28.27 -4.61
CA THR D 763 14.03 -29.08 -3.71
C THR D 763 13.34 -30.35 -3.24
N ASP D 764 12.04 -30.52 -3.46
CA ASP D 764 11.40 -31.80 -3.21
C ASP D 764 10.44 -32.13 -4.34
N SER D 765 9.99 -31.12 -5.06
CA SER D 765 8.99 -31.28 -6.10
C SER D 765 9.61 -31.07 -7.48
N VAL D 766 8.96 -31.66 -8.48
CA VAL D 766 9.34 -31.48 -9.88
C VAL D 766 8.05 -31.38 -10.68
N MET D 767 7.80 -30.21 -11.28
CA MET D 767 6.57 -29.97 -12.02
C MET D 767 6.79 -30.35 -13.47
N VAL D 768 6.67 -31.65 -13.74
CA VAL D 768 6.92 -32.18 -15.07
C VAL D 768 5.77 -31.82 -16.00
N LYS D 769 6.10 -31.39 -17.22
CA LYS D 769 5.13 -31.07 -18.25
C LYS D 769 5.17 -32.17 -19.30
N PHE D 770 4.12 -32.99 -19.35
CA PHE D 770 4.10 -34.11 -20.28
C PHE D 770 3.69 -33.69 -21.69
N GLY D 771 3.14 -32.49 -21.86
CA GLY D 771 2.75 -31.99 -23.15
C GLY D 771 1.29 -32.20 -23.49
N THR D 772 0.68 -33.28 -23.00
CA THR D 772 -0.72 -33.56 -23.27
C THR D 772 -1.61 -32.47 -22.72
N THR D 773 -2.34 -31.78 -23.60
CA THR D 773 -3.26 -30.74 -23.16
C THR D 773 -4.40 -31.30 -22.31
N ASP D 774 -4.71 -32.58 -22.47
CA ASP D 774 -5.71 -33.21 -21.62
C ASP D 774 -5.25 -33.17 -20.17
N LEU D 775 -6.21 -33.03 -19.26
CA LEU D 775 -5.89 -32.90 -17.84
C LEU D 775 -5.93 -34.24 -17.12
N LYS D 776 -6.96 -35.06 -17.38
CA LYS D 776 -7.04 -36.36 -16.74
C LYS D 776 -5.90 -37.27 -17.17
N GLU D 777 -5.52 -37.21 -18.45
CA GLU D 777 -4.36 -37.96 -18.91
C GLU D 777 -3.10 -37.48 -18.23
N ALA D 778 -2.98 -36.17 -18.02
CA ALA D 778 -1.81 -35.64 -17.32
C ALA D 778 -1.77 -36.12 -15.88
N MET D 779 -2.92 -36.18 -15.21
CA MET D 779 -2.96 -36.67 -13.84
C MET D 779 -2.56 -38.14 -13.77
N ASP D 780 -3.10 -38.95 -14.68
CA ASP D 780 -2.75 -40.37 -14.70
C ASP D 780 -1.27 -40.57 -14.99
N LEU D 781 -0.72 -39.79 -15.91
CA LEU D 781 0.71 -39.90 -16.22
C LEU D 781 1.56 -39.45 -15.05
N GLY D 782 1.13 -38.41 -14.33
CA GLY D 782 1.86 -37.99 -13.15
C GLY D 782 1.84 -39.03 -12.05
N THR D 783 0.70 -39.67 -11.84
CA THR D 783 0.62 -40.75 -10.86
C THR D 783 1.55 -41.90 -11.24
N GLU D 784 1.51 -42.32 -12.51
CA GLU D 784 2.37 -43.40 -12.96
C GLU D 784 3.84 -43.03 -12.80
N ALA D 785 4.19 -41.78 -13.11
CA ALA D 785 5.57 -41.34 -12.99
C ALA D 785 6.03 -41.33 -11.55
N ALA D 786 5.20 -40.82 -10.64
CA ALA D 786 5.55 -40.82 -9.23
C ALA D 786 5.74 -42.24 -8.71
N LYS D 787 4.87 -43.15 -9.14
CA LYS D 787 5.01 -44.55 -8.71
C LYS D 787 6.31 -45.15 -9.24
N TYR D 788 6.62 -44.93 -10.51
CA TYR D 788 7.84 -45.47 -11.08
C TYR D 788 9.07 -44.89 -10.39
N VAL D 789 9.02 -43.61 -10.02
CA VAL D 789 10.17 -43.00 -9.36
C VAL D 789 10.34 -43.55 -7.95
N SER D 790 9.24 -43.66 -7.20
CA SER D 790 9.33 -44.27 -5.87
C SER D 790 9.81 -45.71 -5.94
N THR D 791 9.58 -46.38 -7.08
CA THR D 791 10.14 -47.71 -7.27
C THR D 791 11.66 -47.70 -7.23
N LEU D 792 12.30 -46.58 -7.54
CA LEU D 792 13.75 -46.48 -7.65
C LEU D 792 14.37 -45.81 -6.43
N PHE D 793 13.85 -46.06 -5.23
CA PHE D 793 14.40 -45.43 -4.03
C PHE D 793 14.27 -46.40 -2.86
N LYS D 794 14.80 -45.99 -1.72
CA LYS D 794 14.75 -46.80 -0.52
C LYS D 794 13.39 -46.66 0.16
N HIS D 795 13.00 -47.72 0.87
CA HIS D 795 11.64 -47.94 1.37
C HIS D 795 10.98 -46.70 1.97
N PRO D 796 11.58 -46.02 2.95
CA PRO D 796 10.88 -44.87 3.55
C PRO D 796 10.62 -43.73 2.59
N ILE D 797 11.40 -43.62 1.52
CA ILE D 797 11.19 -42.56 0.53
C ILE D 797 10.04 -42.96 -0.39
N ASN D 798 9.25 -41.97 -0.78
CA ASN D 798 8.08 -42.23 -1.63
C ASN D 798 7.69 -40.93 -2.31
N LEU D 799 7.68 -40.93 -3.63
CA LEU D 799 7.18 -39.80 -4.41
C LEU D 799 5.70 -39.99 -4.65
N GLU D 800 4.96 -38.89 -4.62
CA GLU D 800 3.51 -38.94 -4.76
C GLU D 800 3.04 -37.86 -5.71
N PHE D 801 2.08 -38.20 -6.57
CA PHE D 801 1.43 -37.21 -7.42
C PHE D 801 0.43 -36.43 -6.56
N GLU D 802 0.70 -35.15 -6.35
CA GLU D 802 -0.12 -34.34 -5.47
C GLU D 802 -1.16 -33.49 -6.19
N LYS D 803 -0.79 -32.84 -7.29
CA LYS D 803 -1.67 -31.85 -7.90
C LYS D 803 -1.31 -31.70 -9.37
N ALA D 804 -2.08 -30.87 -10.06
CA ALA D 804 -1.82 -30.49 -11.44
C ALA D 804 -2.25 -29.05 -11.65
N TYR D 805 -1.50 -28.34 -12.48
CA TYR D 805 -1.76 -26.94 -12.81
C TYR D 805 -2.13 -26.87 -14.29
N PHE D 806 -3.42 -26.71 -14.59
CA PHE D 806 -3.79 -26.60 -16.00
C PHE D 806 -3.32 -25.24 -16.52
N PRO D 807 -3.81 -24.09 -16.01
CA PRO D 807 -3.16 -22.82 -16.36
C PRO D 807 -2.04 -22.53 -15.37
N TYR D 808 -0.80 -22.56 -15.86
CA TYR D 808 0.36 -22.38 -15.01
C TYR D 808 1.10 -21.11 -15.42
N LEU D 809 1.33 -20.22 -14.47
CA LEU D 809 2.03 -18.96 -14.68
C LEU D 809 3.25 -18.96 -13.77
N LEU D 810 4.41 -19.34 -14.33
CA LEU D 810 5.67 -19.35 -13.53
C LEU D 810 6.32 -17.97 -13.64
N ILE D 811 6.08 -17.11 -12.64
CA ILE D 811 6.63 -15.72 -12.65
C ILE D 811 8.16 -15.68 -12.52
N ASN D 812 8.72 -16.42 -11.55
CA ASN D 812 10.20 -16.38 -11.33
C ASN D 812 10.59 -17.57 -10.45
N LYS D 813 11.79 -17.53 -9.86
CA LYS D 813 12.25 -18.61 -8.95
C LYS D 813 11.51 -18.43 -7.62
N LYS D 814 10.92 -19.51 -7.09
CA LYS D 814 10.15 -19.50 -5.86
C LYS D 814 9.04 -18.45 -5.90
N ARG D 815 8.39 -18.36 -7.05
CA ARG D 815 7.29 -17.40 -7.26
C ARG D 815 6.49 -17.87 -8.45
N TYR D 816 5.24 -18.26 -8.24
CA TYR D 816 4.39 -18.70 -9.34
C TYR D 816 2.95 -18.70 -8.89
N ALA D 817 2.07 -19.22 -9.74
CA ALA D 817 0.64 -19.27 -9.49
C ALA D 817 0.01 -20.22 -10.51
N GLY D 818 -1.20 -20.66 -10.20
CA GLY D 818 -1.90 -21.58 -11.08
C GLY D 818 -3.18 -22.06 -10.44
N LEU D 819 -3.83 -22.99 -11.13
CA LEU D 819 -5.05 -23.59 -10.65
C LEU D 819 -4.77 -24.99 -10.10
N PHE D 820 -5.32 -25.28 -8.93
CA PHE D 820 -5.08 -26.54 -8.23
C PHE D 820 -6.10 -27.55 -8.72
N TRP D 821 -5.63 -28.55 -9.47
CA TRP D 821 -6.49 -29.60 -10.01
C TRP D 821 -6.07 -30.93 -9.41
N THR D 822 -6.73 -31.33 -8.33
CA THR D 822 -6.57 -32.69 -7.82
C THR D 822 -7.61 -33.64 -8.37
N ASN D 823 -8.65 -33.12 -9.01
CA ASN D 823 -9.68 -33.91 -9.67
C ASN D 823 -9.87 -33.38 -11.08
N PRO D 824 -10.07 -34.25 -12.06
CA PRO D 824 -10.15 -33.79 -13.46
C PRO D 824 -11.49 -33.15 -13.80
N ASP D 825 -12.28 -32.80 -12.79
CA ASP D 825 -13.61 -32.25 -13.02
C ASP D 825 -13.81 -30.85 -12.45
N LYS D 826 -12.98 -30.40 -11.52
CA LYS D 826 -13.15 -29.08 -10.93
C LYS D 826 -11.86 -28.65 -10.25
N PHE D 827 -11.44 -27.41 -10.50
CA PHE D 827 -10.25 -26.89 -9.84
C PHE D 827 -10.53 -26.64 -8.37
N ASP D 828 -9.50 -26.84 -7.54
CA ASP D 828 -9.66 -26.67 -6.11
C ASP D 828 -9.52 -25.21 -5.70
N LYS D 829 -8.43 -24.57 -6.09
CA LYS D 829 -8.13 -23.22 -5.62
C LYS D 829 -7.19 -22.56 -6.62
N LEU D 830 -6.82 -21.33 -6.32
CA LEU D 830 -5.87 -20.56 -7.13
C LEU D 830 -4.64 -20.28 -6.27
N ASP D 831 -3.56 -21.01 -6.53
CA ASP D 831 -2.36 -20.85 -5.74
C ASP D 831 -1.64 -19.56 -6.09
N GLN D 832 -0.88 -19.04 -5.11
CA GLN D 832 -0.04 -17.86 -5.31
C GLN D 832 1.16 -18.02 -4.38
N LYS D 833 2.25 -18.55 -4.93
CA LYS D 833 3.45 -18.83 -4.16
C LYS D 833 4.44 -17.68 -4.34
N GLY D 834 4.74 -16.98 -3.25
CA GLY D 834 5.74 -15.94 -3.25
C GLY D 834 5.30 -14.62 -3.85
N LEU D 835 4.17 -14.59 -4.55
CA LEU D 835 3.73 -13.36 -5.18
C LEU D 835 3.42 -12.29 -4.12
N ALA D 836 3.43 -11.04 -4.57
CA ALA D 836 3.20 -9.91 -3.67
C ALA D 836 1.79 -9.89 -3.10
N SER D 837 0.90 -10.78 -3.53
CA SER D 837 -0.44 -10.85 -2.96
C SER D 837 -0.45 -11.58 -1.63
N VAL D 838 0.29 -12.69 -1.54
CA VAL D 838 0.29 -13.52 -0.34
C VAL D 838 1.35 -13.05 0.64
N ARG D 839 2.00 -11.92 0.32
CA ARG D 839 2.95 -11.33 1.23
C ARG D 839 2.22 -10.45 2.24
N ARG D 840 2.97 -9.87 3.17
CA ARG D 840 2.40 -9.01 4.20
C ARG D 840 3.00 -7.62 4.24
N ASP D 841 4.11 -7.36 3.53
CA ASP D 841 4.68 -6.04 3.42
C ASP D 841 4.21 -5.30 2.18
N SER D 842 3.00 -5.59 1.73
CA SER D 842 2.38 -4.93 0.58
C SER D 842 0.95 -4.60 0.93
N CYS D 843 0.49 -3.41 0.53
CA CYS D 843 -0.86 -2.98 0.84
C CYS D 843 -1.88 -3.97 0.28
N SER D 844 -3.00 -4.10 0.99
CA SER D 844 -4.02 -5.06 0.59
C SER D 844 -4.59 -4.80 -0.79
N LEU D 845 -4.48 -3.56 -1.28
CA LEU D 845 -4.93 -3.25 -2.64
C LEU D 845 -4.22 -4.12 -3.66
N VAL D 846 -2.90 -4.27 -3.53
CA VAL D 846 -2.16 -5.12 -4.45
C VAL D 846 -2.67 -6.55 -4.38
N SER D 847 -2.96 -7.04 -3.17
CA SER D 847 -3.45 -8.40 -3.02
C SER D 847 -4.79 -8.57 -3.73
N ILE D 848 -5.72 -7.65 -3.52
CA ILE D 848 -7.04 -7.75 -4.15
C ILE D 848 -6.89 -7.70 -5.67
N VAL D 849 -6.07 -6.77 -6.16
CA VAL D 849 -5.92 -6.59 -7.60
C VAL D 849 -5.32 -7.85 -8.22
N MET D 850 -4.29 -8.40 -7.59
CA MET D 850 -3.66 -9.61 -8.13
C MET D 850 -4.61 -10.80 -8.09
N ASN D 851 -5.40 -10.90 -7.02
CA ASN D 851 -6.39 -11.97 -6.95
C ASN D 851 -7.38 -11.88 -8.10
N LYS D 852 -7.95 -10.68 -8.31
CA LYS D 852 -8.92 -10.52 -9.38
C LYS D 852 -8.30 -10.74 -10.75
N VAL D 853 -7.08 -10.26 -10.95
CA VAL D 853 -6.42 -10.41 -12.24
C VAL D 853 -6.14 -11.87 -12.54
N LEU D 854 -5.61 -12.60 -11.56
CA LEU D 854 -5.35 -14.02 -11.78
C LEU D 854 -6.65 -14.82 -11.93
N LYS D 855 -7.72 -14.39 -11.26
CA LYS D 855 -9.00 -15.05 -11.46
C LYS D 855 -9.49 -14.84 -12.89
N LYS D 856 -9.36 -13.62 -13.42
CA LYS D 856 -9.80 -13.36 -14.78
C LYS D 856 -8.93 -14.07 -15.80
N ILE D 857 -7.62 -14.18 -15.53
CA ILE D 857 -6.71 -14.74 -16.52
C ILE D 857 -6.76 -16.26 -16.53
N LEU D 858 -6.77 -16.89 -15.36
CA LEU D 858 -6.73 -18.35 -15.29
C LEU D 858 -8.12 -18.96 -15.34
N ILE D 859 -9.04 -18.50 -14.49
CA ILE D 859 -10.35 -19.13 -14.39
C ILE D 859 -11.20 -18.79 -15.61
N GLU D 860 -11.37 -17.50 -15.89
CA GLU D 860 -12.23 -17.06 -16.99
C GLU D 860 -11.50 -16.97 -18.31
N ARG D 861 -10.18 -16.72 -18.29
CA ARG D 861 -9.37 -16.66 -19.49
C ARG D 861 -9.84 -15.54 -20.44
N ASN D 862 -9.82 -14.31 -19.92
CA ASN D 862 -10.11 -13.12 -20.71
C ASN D 862 -9.13 -12.04 -20.25
N VAL D 863 -8.03 -11.90 -20.97
CA VAL D 863 -7.00 -10.94 -20.59
C VAL D 863 -7.47 -9.51 -20.80
N ASP D 864 -8.42 -9.30 -21.71
CA ASP D 864 -8.91 -7.95 -21.99
C ASP D 864 -9.62 -7.37 -20.78
N GLY D 865 -10.48 -8.16 -20.14
CA GLY D 865 -11.15 -7.69 -18.93
C GLY D 865 -10.18 -7.43 -17.80
N ALA D 866 -9.14 -8.28 -17.69
CA ALA D 866 -8.13 -8.06 -16.68
C ALA D 866 -7.39 -6.74 -16.91
N LEU D 867 -7.03 -6.46 -18.16
CA LEU D 867 -6.35 -5.20 -18.46
C LEU D 867 -7.25 -4.00 -18.21
N ALA D 868 -8.55 -4.14 -18.53
CA ALA D 868 -9.49 -3.06 -18.25
C ALA D 868 -9.59 -2.81 -16.76
N PHE D 869 -9.63 -3.88 -15.95
CA PHE D 869 -9.69 -3.72 -14.51
C PHE D 869 -8.42 -3.07 -13.99
N VAL D 870 -7.27 -3.42 -14.55
CA VAL D 870 -6.01 -2.81 -14.13
C VAL D 870 -6.01 -1.32 -14.46
N ARG D 871 -6.52 -0.96 -15.63
CA ARG D 871 -6.62 0.45 -16.00
C ARG D 871 -7.55 1.20 -15.05
N GLU D 872 -8.69 0.59 -14.71
CA GLU D 872 -9.60 1.21 -13.77
C GLU D 872 -8.96 1.39 -12.40
N THR D 873 -8.18 0.41 -11.96
CA THR D 873 -7.49 0.52 -10.68
C THR D 873 -6.45 1.64 -10.70
N ILE D 874 -5.73 1.76 -11.81
CA ILE D 874 -4.75 2.84 -11.93
C ILE D 874 -5.45 4.19 -11.89
N ASN D 875 -6.59 4.31 -12.58
CA ASN D 875 -7.34 5.55 -12.54
C ASN D 875 -7.84 5.86 -11.13
N ASP D 876 -8.27 4.83 -10.40
CA ASP D 876 -8.72 5.02 -9.03
C ASP D 876 -7.58 5.48 -8.14
N ILE D 877 -6.39 4.90 -8.31
CA ILE D 877 -5.24 5.30 -7.52
C ILE D 877 -4.88 6.75 -7.80
N LEU D 878 -4.84 7.11 -9.09
CA LEU D 878 -4.38 8.45 -9.45
C LEU D 878 -5.39 9.53 -9.05
N HIS D 879 -6.66 9.18 -8.94
CA HIS D 879 -7.70 10.14 -8.62
C HIS D 879 -8.15 10.06 -7.17
N ASN D 880 -7.36 9.41 -6.30
CA ASN D 880 -7.66 9.28 -4.88
C ASN D 880 -9.01 8.59 -4.66
N ARG D 881 -9.26 7.53 -5.43
CA ARG D 881 -10.50 6.77 -5.31
C ARG D 881 -10.29 5.42 -4.63
N VAL D 882 -9.20 5.27 -3.88
CA VAL D 882 -8.91 4.05 -3.15
C VAL D 882 -8.86 4.38 -1.67
N ASP D 883 -9.50 3.55 -0.85
CA ASP D 883 -9.59 3.81 0.57
C ASP D 883 -8.23 3.66 1.25
N ILE D 884 -8.05 4.39 2.35
CA ILE D 884 -6.80 4.31 3.11
C ILE D 884 -6.59 2.91 3.66
N SER D 885 -7.67 2.21 4.01
CA SER D 885 -7.55 0.88 4.58
C SER D 885 -6.87 -0.08 3.61
N LYS D 886 -6.99 0.16 2.31
CA LYS D 886 -6.34 -0.69 1.31
C LYS D 886 -4.94 -0.22 0.94
N LEU D 887 -4.48 0.88 1.52
CA LEU D 887 -3.15 1.42 1.27
C LEU D 887 -2.24 1.30 2.50
N ILE D 888 -2.51 0.32 3.35
CA ILE D 888 -1.79 0.17 4.61
C ILE D 888 -0.76 -0.96 4.44
N ILE D 889 0.50 -0.64 4.73
CA ILE D 889 1.60 -1.59 4.66
C ILE D 889 2.06 -1.89 6.08
N SER D 890 2.23 -3.17 6.38
CA SER D 890 2.63 -3.61 7.71
C SER D 890 3.99 -4.29 7.63
N LYS D 891 4.88 -3.94 8.56
CA LYS D 891 6.22 -4.51 8.61
C LYS D 891 6.57 -4.86 10.05
N THR D 892 7.28 -5.97 10.23
CA THR D 892 7.64 -6.43 11.57
C THR D 892 8.84 -5.65 12.08
N LEU D 893 8.68 -5.01 13.23
CA LEU D 893 9.76 -4.22 13.82
C LEU D 893 10.89 -5.11 14.30
N ALA D 894 12.11 -4.59 14.25
CA ALA D 894 13.31 -5.28 14.64
C ALA D 894 13.94 -4.60 15.84
N PRO D 895 14.78 -5.31 16.61
CA PRO D 895 15.39 -4.69 17.79
C PRO D 895 16.34 -3.55 17.45
N ASN D 896 17.29 -3.80 16.55
CA ASN D 896 18.27 -2.80 16.16
C ASN D 896 18.24 -2.62 14.65
N TYR D 897 18.57 -1.41 14.19
CA TYR D 897 18.54 -1.07 12.77
C TYR D 897 19.82 -0.34 12.42
N THR D 898 20.58 -0.91 11.48
CA THR D 898 21.72 -0.19 10.92
C THR D 898 21.25 0.77 9.82
N ASN D 899 20.63 0.23 8.79
CA ASN D 899 19.99 1.06 7.76
C ASN D 899 18.61 1.47 8.25
N PRO D 900 18.31 2.77 8.36
CA PRO D 900 16.99 3.17 8.85
C PRO D 900 15.87 2.68 7.95
N GLN D 901 14.77 2.29 8.56
CA GLN D 901 13.61 1.75 7.89
C GLN D 901 12.40 2.65 8.12
N PRO D 902 11.38 2.59 7.25
CA PRO D 902 10.21 3.46 7.45
C PRO D 902 9.45 3.18 8.73
N HIS D 903 9.14 1.90 9.01
CA HIS D 903 8.35 1.58 10.19
C HIS D 903 9.12 1.87 11.48
N ALA D 904 10.44 1.72 11.46
CA ALA D 904 11.24 2.03 12.64
C ALA D 904 11.17 3.50 12.98
N VAL D 905 11.38 4.36 11.98
CA VAL D 905 11.29 5.81 12.21
C VAL D 905 9.87 6.19 12.59
N LEU D 906 8.87 5.51 12.02
CA LEU D 906 7.49 5.80 12.40
C LEU D 906 7.24 5.46 13.86
N ALA D 907 7.73 4.30 14.31
CA ALA D 907 7.54 3.92 15.71
C ALA D 907 8.26 4.90 16.63
N GLU D 908 9.45 5.34 16.25
CA GLU D 908 10.18 6.31 17.05
C GLU D 908 9.40 7.63 17.13
N ARG D 909 8.86 8.09 16.01
CA ARG D 909 8.11 9.33 16.01
C ARG D 909 6.82 9.19 16.81
N MET D 910 6.19 8.02 16.77
CA MET D 910 4.99 7.79 17.56
C MET D 910 5.30 7.81 19.04
N LYS D 911 6.43 7.22 19.43
CA LYS D 911 6.84 7.27 20.83
C LYS D 911 7.11 8.71 21.27
N ARG D 912 7.80 9.48 20.42
CA ARG D 912 8.11 10.86 20.77
C ARG D 912 6.86 11.73 20.83
N ARG D 913 5.85 11.40 20.01
CA ARG D 913 4.67 12.25 19.87
C ARG D 913 3.53 11.80 20.78
N GLU D 914 3.12 10.54 20.67
CA GLU D 914 2.00 10.05 21.45
C GLU D 914 2.37 9.88 22.92
N GLY D 915 3.36 9.04 23.20
CA GLY D 915 3.76 8.76 24.56
C GLY D 915 4.17 7.31 24.74
N VAL D 916 3.74 6.45 23.82
CA VAL D 916 4.14 5.05 23.82
C VAL D 916 4.02 4.54 22.38
N GLY D 917 4.93 3.65 22.01
CA GLY D 917 4.96 3.11 20.67
C GLY D 917 5.07 1.61 20.66
N PRO D 918 4.97 1.01 19.48
CA PRO D 918 5.11 -0.44 19.37
C PRO D 918 6.52 -0.87 19.71
N ASN D 919 6.64 -1.84 20.62
CA ASN D 919 7.93 -2.41 20.96
C ASN D 919 8.38 -3.35 19.85
N VAL D 920 9.49 -4.06 20.10
CA VAL D 920 10.02 -4.96 19.08
C VAL D 920 9.06 -6.12 18.87
N GLY D 921 9.12 -6.71 17.68
CA GLY D 921 8.29 -7.84 17.34
C GLY D 921 6.88 -7.50 16.87
N ASP D 922 6.39 -6.30 17.14
CA ASP D 922 5.05 -5.91 16.71
C ASP D 922 5.05 -5.47 15.26
N ARG D 923 3.99 -5.83 14.54
CA ARG D 923 3.83 -5.41 13.15
C ARG D 923 3.33 -3.99 13.11
N VAL D 924 4.20 -3.06 12.75
CA VAL D 924 3.86 -1.65 12.64
C VAL D 924 3.26 -1.40 11.25
N ASP D 925 2.10 -0.75 11.21
CA ASP D 925 1.42 -0.43 9.97
C ASP D 925 1.52 1.06 9.68
N TYR D 926 1.57 1.38 8.39
CA TYR D 926 1.80 2.76 7.98
C TYR D 926 1.31 2.94 6.54
N VAL D 927 1.20 4.20 6.14
CA VAL D 927 0.97 4.57 4.75
C VAL D 927 2.07 5.53 4.34
N ILE D 928 2.34 5.60 3.05
CA ILE D 928 3.43 6.40 2.50
C ILE D 928 2.84 7.72 2.03
N ILE D 929 2.98 8.77 2.84
CA ILE D 929 2.52 10.10 2.48
C ILE D 929 3.45 10.67 1.42
N GLY D 930 3.04 11.76 0.79
CA GLY D 930 3.84 12.39 -0.25
C GLY D 930 4.85 13.37 0.33
N GLY D 931 6.03 13.40 -0.29
CA GLY D 931 7.07 14.29 0.17
C GLY D 931 8.27 14.26 -0.77
N ASN D 932 9.35 14.86 -0.31
CA ASN D 932 10.59 14.96 -1.08
C ASN D 932 11.74 14.16 -0.48
N ASP D 933 11.77 13.99 0.83
CA ASP D 933 12.90 13.36 1.50
C ASP D 933 12.85 11.84 1.28
N LYS D 934 13.74 11.12 1.95
CA LYS D 934 13.85 9.69 1.78
C LYS D 934 12.55 9.00 2.19
N LEU D 935 12.37 7.77 1.70
CA LEU D 935 11.11 7.06 1.94
C LEU D 935 10.90 6.76 3.41
N TYR D 936 11.98 6.48 4.16
CA TYR D 936 11.81 6.18 5.57
C TYR D 936 11.38 7.41 6.37
N ASN D 937 11.57 8.61 5.82
CA ASN D 937 11.05 9.82 6.43
C ASN D 937 9.65 10.16 5.94
N ARG D 938 9.06 9.31 5.10
CA ARG D 938 7.71 9.50 4.58
C ARG D 938 6.91 8.24 4.92
N ALA D 939 6.36 8.22 6.12
CA ALA D 939 5.53 7.12 6.60
C ALA D 939 4.79 7.60 7.84
N GLU D 940 3.51 7.27 7.93
CA GLU D 940 2.69 7.82 8.99
C GLU D 940 1.66 6.80 9.46
N ASP D 941 1.27 6.93 10.72
CA ASP D 941 0.18 6.13 11.27
C ASP D 941 -1.09 6.37 10.46
N PRO D 942 -1.76 5.33 10.00
CA PRO D 942 -3.02 5.53 9.26
C PRO D 942 -4.04 6.36 10.00
N LEU D 943 -4.07 6.30 11.34
CA LEU D 943 -4.99 7.14 12.08
C LEU D 943 -4.57 8.60 12.04
N PHE D 944 -3.27 8.87 12.12
CA PHE D 944 -2.79 10.25 11.99
C PHE D 944 -3.13 10.81 10.61
N VAL D 945 -3.04 9.98 9.58
CA VAL D 945 -3.38 10.42 8.23
C VAL D 945 -4.87 10.68 8.12
N LEU D 946 -5.68 9.76 8.65
CA LEU D 946 -7.13 9.93 8.61
C LEU D 946 -7.57 11.18 9.37
N GLU D 947 -6.85 11.54 10.43
CA GLU D 947 -7.23 12.71 11.21
C GLU D 947 -6.75 14.00 10.55
N ASN D 948 -5.47 14.07 10.19
CA ASN D 948 -4.90 15.29 9.65
C ASN D 948 -5.19 15.49 8.17
N ASN D 949 -5.83 14.52 7.52
CA ASN D 949 -6.21 14.60 6.11
C ASN D 949 -5.00 14.81 5.19
N ILE D 950 -3.81 14.42 5.64
CA ILE D 950 -2.63 14.58 4.80
C ILE D 950 -2.73 13.65 3.60
N GLN D 951 -2.25 14.12 2.46
CA GLN D 951 -2.41 13.40 1.21
C GLN D 951 -1.52 12.17 1.17
N VAL D 952 -1.92 11.22 0.34
CA VAL D 952 -1.21 9.95 0.18
C VAL D 952 -0.46 9.98 -1.15
N ASP D 953 0.76 9.45 -1.14
CA ASP D 953 1.59 9.43 -2.34
C ASP D 953 1.05 8.41 -3.33
N SER D 954 0.10 8.85 -4.17
CA SER D 954 -0.55 7.92 -5.10
C SER D 954 0.44 7.41 -6.14
N ARG D 955 1.36 8.25 -6.59
CA ARG D 955 2.33 7.81 -7.58
C ARG D 955 3.24 6.75 -7.02
N TYR D 956 3.59 6.85 -5.73
CA TYR D 956 4.38 5.81 -5.09
C TYR D 956 3.65 4.48 -5.11
N TYR D 957 2.38 4.49 -4.71
CA TYR D 957 1.61 3.24 -4.68
C TYR D 957 1.38 2.70 -6.08
N LEU D 958 1.36 3.56 -7.10
CA LEU D 958 1.18 3.08 -8.46
C LEU D 958 2.46 2.44 -8.99
N THR D 959 3.59 3.11 -8.81
CA THR D 959 4.84 2.66 -9.43
C THR D 959 5.62 1.67 -8.55
N ASN D 960 5.68 1.91 -7.24
CA ASN D 960 6.50 1.08 -6.38
C ASN D 960 5.74 -0.11 -5.79
N GLN D 961 4.43 -0.01 -5.64
CA GLN D 961 3.63 -1.06 -5.02
C GLN D 961 2.90 -1.93 -6.03
N LEU D 962 2.19 -1.32 -6.99
CA LEU D 962 1.34 -2.07 -7.90
C LEU D 962 1.98 -2.33 -9.26
N GLN D 963 2.89 -1.46 -9.70
CA GLN D 963 3.41 -1.58 -11.06
C GLN D 963 4.17 -2.89 -11.25
N ASN D 964 5.13 -3.17 -10.37
CA ASN D 964 6.02 -4.32 -10.57
C ASN D 964 5.27 -5.66 -10.52
N PRO D 965 4.43 -5.95 -9.53
CA PRO D 965 3.75 -7.26 -9.55
C PRO D 965 2.81 -7.43 -10.72
N ILE D 966 1.99 -6.42 -11.01
CA ILE D 966 1.06 -6.51 -12.14
C ILE D 966 1.83 -6.70 -13.43
N ILE D 967 2.94 -5.97 -13.60
CA ILE D 967 3.76 -6.12 -14.80
C ILE D 967 4.30 -7.55 -14.90
N SER D 968 4.83 -8.06 -13.79
CA SER D 968 5.44 -9.38 -13.82
C SER D 968 4.40 -10.47 -14.09
N ILE D 969 3.14 -10.23 -13.75
CA ILE D 969 2.12 -11.24 -13.98
C ILE D 969 1.37 -11.09 -15.30
N VAL D 970 1.41 -9.90 -15.92
CA VAL D 970 0.69 -9.73 -17.18
C VAL D 970 1.65 -9.76 -18.37
N ALA D 971 2.93 -9.54 -18.13
CA ALA D 971 3.89 -9.55 -19.23
C ALA D 971 4.02 -10.89 -19.94
N PRO D 972 4.02 -12.05 -19.26
CA PRO D 972 4.06 -13.32 -20.00
C PRO D 972 2.85 -13.56 -20.89
N ILE D 973 1.87 -12.65 -20.90
CA ILE D 973 0.67 -12.81 -21.72
C ILE D 973 0.62 -11.78 -22.84
N ILE D 974 0.90 -10.51 -22.52
CA ILE D 974 0.74 -9.42 -23.47
C ILE D 974 2.06 -8.76 -23.82
N GLY D 975 3.18 -9.35 -23.41
CA GLY D 975 4.47 -8.76 -23.72
C GLY D 975 4.86 -7.66 -22.74
N ASP D 976 6.14 -7.32 -22.71
CA ASP D 976 6.64 -6.37 -21.71
C ASP D 976 6.20 -4.94 -22.03
N LYS D 977 6.36 -4.52 -23.28
CA LYS D 977 6.12 -3.12 -23.62
C LYS D 977 4.63 -2.79 -23.57
N GLN D 978 3.79 -3.67 -24.12
CA GLN D 978 2.35 -3.44 -24.05
C GLN D 978 1.86 -3.44 -22.62
N ALA D 979 2.52 -4.20 -21.73
CA ALA D 979 2.13 -4.21 -20.33
C ALA D 979 2.57 -2.96 -19.61
N ASN D 980 3.78 -2.47 -19.90
CA ASN D 980 4.30 -1.29 -19.24
C ASN D 980 3.73 0.01 -19.79
N GLY D 981 3.14 -0.02 -20.98
CA GLY D 981 2.59 1.21 -21.54
C GLY D 981 1.41 1.74 -20.76
N MET D 982 0.61 0.85 -20.17
CA MET D 982 -0.60 1.26 -19.47
C MET D 982 -0.32 1.87 -18.10
N PHE D 983 0.95 2.03 -17.71
CA PHE D 983 1.30 2.58 -16.41
C PHE D 983 1.81 4.02 -16.51
N VAL D 984 1.56 4.69 -17.62
CA VAL D 984 1.95 6.09 -17.77
C VAL D 984 0.88 6.96 -17.12
N VAL D 985 1.33 8.05 -16.48
CA VAL D 985 0.45 8.92 -15.73
C VAL D 985 -0.15 9.93 -16.70
N LYS D 986 -1.34 9.62 -17.22
CA LYS D 986 -2.06 10.53 -18.10
C LYS D 986 -3.07 11.39 -17.37
N SER D 987 -3.29 11.14 -16.08
CA SER D 987 -4.25 11.90 -15.29
C SER D 987 -3.79 11.93 -13.84
N ILE D 988 -4.17 12.99 -13.15
CA ILE D 988 -3.72 13.23 -11.78
C ILE D 988 -4.81 14.01 -11.06
N LYS D 989 -4.91 13.81 -9.75
CA LYS D 989 -5.81 14.60 -8.90
C LYS D 989 -5.03 15.06 -7.68
N ILE D 990 -4.64 16.33 -7.67
CA ILE D 990 -3.96 16.93 -6.53
C ILE D 990 -5.03 17.41 -5.57
N ASN D 991 -5.12 16.76 -4.41
CA ASN D 991 -6.21 17.01 -3.46
C ASN D 991 -6.19 18.44 -2.94
N THR D 992 -5.09 18.81 -2.28
CA THR D 992 -4.89 20.13 -1.65
C THR D 992 -6.18 20.65 -1.01
N GLY D 993 -6.72 19.83 -0.11
CA GLY D 993 -7.95 20.17 0.58
C GLY D 993 -7.94 19.79 2.04
N SER D 994 -8.40 20.71 2.91
CA SER D 994 -8.44 20.49 4.35
C SER D 994 -7.08 20.06 4.90
N GLN D 995 -6.01 20.65 4.36
CA GLN D 995 -4.65 20.36 4.78
C GLN D 995 -4.02 21.58 5.46
N LYS D 996 -4.82 22.41 6.10
CA LYS D 996 -4.35 23.67 6.67
C LYS D 996 -3.19 23.46 7.62
N GLY D 997 -2.02 24.00 7.25
CA GLY D 997 -0.82 23.81 8.02
C GLY D 997 0.14 24.98 7.92
N GLY D 998 1.41 24.71 7.68
CA GLY D 998 2.39 25.78 7.61
C GLY D 998 2.18 26.69 6.41
N LEU D 999 1.94 26.12 5.24
CA LEU D 999 1.67 26.89 4.04
C LEU D 999 0.29 26.65 3.45
N MET D 1000 -0.26 25.44 3.59
CA MET D 1000 -1.57 25.14 3.03
C MET D 1000 -2.68 25.97 3.65
N SER D 1001 -2.39 26.76 4.68
CA SER D 1001 -3.33 27.73 5.21
C SER D 1001 -3.11 29.08 4.53
N PHE D 1002 -4.06 29.99 4.75
CA PHE D 1002 -4.09 31.31 4.13
C PHE D 1002 -3.64 31.26 2.68
N ILE D 1003 -4.31 30.43 1.89
CA ILE D 1003 -4.14 30.39 0.44
C ILE D 1003 -5.52 30.38 -0.21
N LYS D 1004 -5.59 30.97 -1.40
CA LYS D 1004 -6.85 31.15 -2.10
C LYS D 1004 -7.08 30.05 -3.13
N LYS D 1005 -8.32 29.98 -3.62
CA LYS D 1005 -8.68 29.15 -4.75
C LYS D 1005 -9.48 30.06 -5.69
N VAL D 1006 -8.90 30.41 -6.83
CA VAL D 1006 -9.46 31.45 -7.69
C VAL D 1006 -10.71 30.95 -8.40
N GLU D 1007 -11.00 29.66 -8.28
CA GLU D 1007 -12.21 29.06 -8.83
C GLU D 1007 -12.30 29.27 -10.34
N ALA D 1008 -11.35 28.67 -11.06
CA ALA D 1008 -11.32 28.78 -12.51
C ALA D 1008 -12.56 28.15 -13.13
N CYS D 1009 -12.72 28.39 -14.43
CA CYS D 1009 -13.88 27.88 -15.16
C CYS D 1009 -13.85 26.36 -15.23
N LYS D 1010 -15.00 25.78 -15.55
CA LYS D 1010 -15.13 24.33 -15.64
C LYS D 1010 -15.00 23.86 -17.08
N SER D 1011 -14.40 22.69 -17.24
CA SER D 1011 -14.25 22.00 -18.52
C SER D 1011 -13.27 22.69 -19.45
N CYS D 1012 -12.81 23.88 -19.05
CA CYS D 1012 -11.75 24.57 -19.79
C CYS D 1012 -10.71 25.21 -18.88
N LYS D 1013 -10.98 25.36 -17.58
CA LYS D 1013 -10.03 25.93 -16.62
C LYS D 1013 -9.56 27.30 -17.06
N GLY D 1014 -10.43 28.06 -17.72
CA GLY D 1014 -10.12 29.39 -18.16
C GLY D 1014 -10.09 30.38 -17.00
N PRO D 1015 -8.92 30.96 -16.74
CA PRO D 1015 -8.81 31.90 -15.62
C PRO D 1015 -9.64 33.16 -15.81
N LEU D 1016 -10.07 33.45 -17.03
CA LEU D 1016 -10.89 34.64 -17.29
C LEU D 1016 -12.35 34.37 -16.92
N ARG D 1017 -12.53 34.01 -15.65
CA ARG D 1017 -13.86 33.79 -15.08
C ARG D 1017 -14.31 34.98 -14.24
N LYS D 1018 -13.98 36.20 -14.68
CA LYS D 1018 -14.47 37.38 -13.98
C LYS D 1018 -15.99 37.40 -13.95
N GLY D 1019 -16.63 37.05 -15.06
CA GLY D 1019 -18.07 36.89 -15.08
C GLY D 1019 -18.50 35.73 -14.19
N GLU D 1020 -19.44 36.00 -13.29
CA GLU D 1020 -19.84 35.00 -12.31
C GLU D 1020 -20.47 33.79 -13.00
N GLY D 1021 -20.55 32.70 -12.24
CA GLY D 1021 -21.08 31.46 -12.76
C GLY D 1021 -20.01 30.39 -12.88
N PRO D 1022 -20.42 29.13 -12.88
CA PRO D 1022 -19.44 28.03 -12.98
C PRO D 1022 -18.88 27.83 -14.38
N LEU D 1023 -19.17 28.71 -15.32
CA LEU D 1023 -18.71 28.56 -16.70
C LEU D 1023 -18.39 29.93 -17.28
N CYS D 1024 -17.40 29.94 -18.17
CA CYS D 1024 -17.05 31.13 -18.91
C CYS D 1024 -17.90 31.23 -20.18
N SER D 1025 -17.96 32.44 -20.74
CA SER D 1025 -18.81 32.69 -21.90
C SER D 1025 -18.37 31.89 -23.12
N ASN D 1026 -17.14 31.36 -23.13
CA ASN D 1026 -16.65 30.65 -24.30
C ASN D 1026 -17.27 29.28 -24.43
N CYS D 1027 -17.27 28.50 -23.35
CA CYS D 1027 -17.79 27.14 -23.35
C CYS D 1027 -19.14 27.04 -22.66
N LEU D 1028 -19.98 28.07 -22.81
CA LEU D 1028 -21.29 28.07 -22.17
C LEU D 1028 -22.25 27.06 -22.80
N ALA D 1029 -21.93 26.53 -23.97
CA ALA D 1029 -22.80 25.58 -24.65
C ALA D 1029 -22.85 24.23 -23.95
N ARG D 1030 -21.93 23.95 -23.04
CA ARG D 1030 -21.90 22.70 -22.29
C ARG D 1030 -22.51 22.83 -20.91
N SER D 1031 -23.32 23.87 -20.67
CA SER D 1031 -23.89 24.09 -19.35
C SER D 1031 -24.89 23.02 -18.95
N GLY D 1032 -25.35 22.18 -19.87
CA GLY D 1032 -26.27 21.12 -19.55
C GLY D 1032 -25.64 19.78 -19.29
N GLU D 1033 -24.34 19.63 -19.55
CA GLU D 1033 -23.62 18.38 -19.32
C GLU D 1033 -22.81 18.41 -18.04
N LEU D 1034 -22.14 19.52 -17.76
CA LEU D 1034 -21.35 19.62 -16.53
C LEU D 1034 -22.24 19.55 -15.30
N TYR D 1035 -23.43 20.16 -15.36
CA TYR D 1035 -24.37 20.05 -14.26
C TYR D 1035 -24.81 18.60 -14.06
N ILE D 1036 -25.03 17.87 -15.16
CA ILE D 1036 -25.39 16.47 -15.07
C ILE D 1036 -24.28 15.68 -14.38
N LYS D 1037 -23.02 15.94 -14.77
CA LYS D 1037 -21.90 15.24 -14.16
C LYS D 1037 -21.83 15.52 -12.66
N ALA D 1038 -21.89 16.80 -12.28
CA ALA D 1038 -21.82 17.16 -10.88
C ALA D 1038 -22.97 16.55 -10.09
N LEU D 1039 -24.18 16.59 -10.63
CA LEU D 1039 -25.34 16.07 -9.92
C LEU D 1039 -25.25 14.57 -9.74
N TYR D 1040 -24.75 13.84 -10.75
CA TYR D 1040 -24.67 12.39 -10.59
C TYR D 1040 -23.54 11.99 -9.66
N ASP D 1041 -22.44 12.74 -9.66
CA ASP D 1041 -21.41 12.54 -8.64
C ASP D 1041 -22.00 12.72 -7.24
N VAL D 1042 -22.77 13.80 -7.05
CA VAL D 1042 -23.38 14.05 -5.74
C VAL D 1042 -24.36 12.93 -5.38
N ARG D 1043 -25.10 12.44 -6.36
CA ARG D 1043 -26.03 11.34 -6.11
C ARG D 1043 -25.30 10.11 -5.59
N ASP D 1044 -24.27 9.66 -6.32
CA ASP D 1044 -23.52 8.49 -5.88
C ASP D 1044 -22.92 8.71 -4.50
N LEU D 1045 -22.37 9.91 -4.25
CA LEU D 1045 -21.71 10.16 -2.97
C LEU D 1045 -22.70 10.15 -1.82
N GLU D 1046 -23.88 10.75 -2.00
CA GLU D 1046 -24.84 10.80 -0.90
C GLU D 1046 -25.43 9.43 -0.63
N GLU D 1047 -25.66 8.64 -1.69
CA GLU D 1047 -26.11 7.27 -1.47
C GLU D 1047 -25.10 6.48 -0.67
N LYS D 1048 -23.82 6.57 -1.06
CA LYS D 1048 -22.77 5.84 -0.35
C LYS D 1048 -22.65 6.31 1.10
N TYR D 1049 -22.73 7.63 1.32
CA TYR D 1049 -22.63 8.16 2.68
C TYR D 1049 -23.76 7.63 3.55
N SER D 1050 -24.99 7.68 3.05
CA SER D 1050 -26.12 7.17 3.81
C SER D 1050 -25.95 5.70 4.13
N ARG D 1051 -25.59 4.89 3.12
CA ARG D 1051 -25.40 3.46 3.36
C ARG D 1051 -24.36 3.22 4.45
N LEU D 1052 -23.22 3.91 4.36
CA LEU D 1052 -22.13 3.67 5.30
C LEU D 1052 -22.53 4.05 6.72
N TRP D 1053 -23.08 5.25 6.92
CA TRP D 1053 -23.43 5.70 8.30
C TRP D 1053 -24.59 4.90 8.89
N THR D 1054 -25.60 4.57 8.08
CA THR D 1054 -26.73 3.73 8.57
C THR D 1054 -26.18 2.35 8.94
N GLN D 1055 -25.25 1.82 8.14
CA GLN D 1055 -24.61 0.50 8.41
C GLN D 1055 -23.85 0.60 9.73
N CYS D 1056 -23.16 1.73 9.95
CA CYS D 1056 -22.41 1.93 11.22
C CYS D 1056 -23.41 1.89 12.38
N GLN D 1057 -24.56 2.55 12.23
CA GLN D 1057 -25.58 2.55 13.32
C GLN D 1057 -26.07 1.12 13.56
N ARG D 1058 -26.33 0.36 12.50
CA ARG D 1058 -26.83 -1.03 12.67
C ARG D 1058 -25.77 -1.84 13.42
N CYS D 1059 -24.50 -1.68 13.06
CA CYS D 1059 -23.39 -2.42 13.71
C CYS D 1059 -23.28 -2.03 15.19
N ALA D 1060 -23.40 -0.73 15.48
CA ALA D 1060 -23.27 -0.22 16.87
C ALA D 1060 -24.48 -0.66 17.69
N GLY D 1061 -25.48 -1.24 17.05
CA GLY D 1061 -26.65 -1.71 17.76
C GLY D 1061 -27.59 -0.60 18.19
N ASN D 1062 -27.04 0.59 18.42
CA ASN D 1062 -27.83 1.72 18.91
C ASN D 1062 -28.23 2.62 17.74
N LEU D 1063 -29.44 3.17 17.84
CA LEU D 1063 -29.95 4.12 16.85
C LEU D 1063 -30.05 5.53 17.38
N HIS D 1064 -30.46 5.69 18.64
CA HIS D 1064 -30.64 7.00 19.25
C HIS D 1064 -29.38 7.52 19.91
N SER D 1065 -28.30 6.75 19.89
CA SER D 1065 -27.03 7.14 20.49
C SER D 1065 -26.00 7.43 19.41
N GLU D 1066 -24.92 8.09 19.82
CA GLU D 1066 -23.84 8.43 18.91
C GLU D 1066 -22.87 7.25 18.80
N VAL D 1067 -22.41 6.98 17.58
CA VAL D 1067 -21.51 5.87 17.31
C VAL D 1067 -20.11 6.43 17.24
N LEU D 1068 -19.39 6.39 18.35
CA LEU D 1068 -17.99 6.81 18.42
C LEU D 1068 -17.14 5.55 18.50
N CYS D 1069 -16.92 4.94 17.33
CA CYS D 1069 -16.22 3.64 17.18
C CYS D 1069 -14.75 3.84 16.76
N SER D 1070 -13.82 3.25 17.52
CA SER D 1070 -12.36 3.36 17.25
C SER D 1070 -11.87 2.13 16.48
N ASN D 1071 -12.76 1.19 16.16
CA ASN D 1071 -12.35 -0.04 15.43
C ASN D 1071 -11.79 0.33 14.06
N LYS D 1072 -10.47 0.21 13.90
CA LYS D 1072 -9.79 0.57 12.61
C LYS D 1072 -9.62 -0.66 11.72
N ASN D 1073 -10.09 -1.82 12.16
CA ASN D 1073 -9.94 -3.07 11.36
C ASN D 1073 -11.20 -3.32 10.52
N CYS D 1074 -12.19 -2.43 10.61
CA CYS D 1074 -13.46 -2.57 9.84
C CYS D 1074 -13.26 -1.93 8.46
N ASP D 1075 -13.57 -2.67 7.37
CA ASP D 1075 -13.39 -2.14 6.03
C ASP D 1075 -14.08 -0.79 5.87
N ILE D 1076 -15.21 -0.59 6.54
CA ILE D 1076 -15.92 0.68 6.43
C ILE D 1076 -15.20 1.78 7.18
N PHE D 1077 -14.38 1.45 8.16
CA PHE D 1077 -13.49 2.44 8.75
C PHE D 1077 -12.55 2.98 7.67
N TYR D 1078 -12.15 4.23 7.84
CA TYR D 1078 -11.32 4.98 6.90
C TYR D 1078 -12.08 5.34 5.64
N MET D 1079 -13.28 4.79 5.48
CA MET D 1079 -14.11 5.02 4.29
C MET D 1079 -15.29 5.93 4.55
N ARG D 1080 -15.94 5.79 5.72
CA ARG D 1080 -17.05 6.67 6.04
C ARG D 1080 -16.60 8.12 6.10
N VAL D 1081 -15.45 8.39 6.70
CA VAL D 1081 -14.96 9.76 6.81
C VAL D 1081 -14.55 10.29 5.44
N LYS D 1082 -13.90 9.44 4.63
CA LYS D 1082 -13.53 9.84 3.28
C LYS D 1082 -14.76 10.21 2.46
N VAL D 1083 -15.81 9.39 2.54
CA VAL D 1083 -17.02 9.66 1.78
C VAL D 1083 -17.72 10.90 2.30
N LYS D 1084 -17.72 11.10 3.62
CA LYS D 1084 -18.29 12.32 4.17
C LYS D 1084 -17.58 13.56 3.64
N LYS D 1085 -16.25 13.55 3.67
CA LYS D 1085 -15.49 14.69 3.16
C LYS D 1085 -15.75 14.91 1.66
N GLU D 1086 -15.68 13.84 0.88
CA GLU D 1086 -15.84 13.96 -0.57
C GLU D 1086 -17.24 14.45 -0.93
N LEU D 1087 -18.26 13.96 -0.23
CA LEU D 1087 -19.62 14.41 -0.47
C LEU D 1087 -19.78 15.88 -0.07
N GLN D 1088 -19.14 16.29 1.02
CA GLN D 1088 -19.18 17.70 1.39
C GLN D 1088 -18.61 18.56 0.28
N GLU D 1089 -17.44 18.17 -0.26
CA GLU D 1089 -16.83 18.97 -1.32
C GLU D 1089 -17.69 18.98 -2.58
N LYS D 1090 -18.24 17.83 -2.96
CA LYS D 1090 -19.04 17.78 -4.18
C LYS D 1090 -20.35 18.55 -4.04
N VAL D 1091 -20.94 18.56 -2.84
CA VAL D 1091 -22.15 19.35 -2.62
C VAL D 1091 -21.83 20.83 -2.66
N GLU D 1092 -20.70 21.23 -2.05
CA GLU D 1092 -20.29 22.63 -2.12
C GLU D 1092 -19.99 23.05 -3.55
N GLN D 1093 -19.52 22.12 -4.38
CA GLN D 1093 -19.30 22.41 -5.78
C GLN D 1093 -20.61 22.51 -6.56
N LEU D 1094 -21.62 21.71 -6.18
CA LEU D 1094 -22.91 21.79 -6.85
C LEU D 1094 -23.68 23.06 -6.47
N SER D 1095 -23.34 23.69 -5.36
CA SER D 1095 -24.03 24.88 -4.88
C SER D 1095 -23.59 26.16 -5.60
N LYS D 1096 -22.80 26.05 -6.66
CA LYS D 1096 -22.35 27.22 -7.40
C LYS D 1096 -23.31 27.61 -8.52
N TRP D 1097 -24.30 26.79 -8.83
CA TRP D 1097 -25.22 27.05 -9.92
C TRP D 1097 -26.47 27.78 -9.42
N THR E 6 -64.08 -0.62 -38.50
CA THR E 6 -64.33 0.70 -37.92
C THR E 6 -64.76 1.69 -38.97
N LYS E 7 -64.62 1.30 -40.25
CA LYS E 7 -64.92 2.21 -41.35
C LYS E 7 -66.34 2.74 -41.27
N PHE E 8 -67.28 1.93 -40.81
CA PHE E 8 -68.64 2.39 -40.57
C PHE E 8 -68.91 2.74 -39.11
N ASN E 9 -68.09 2.24 -38.19
CA ASN E 9 -68.21 2.66 -36.79
C ASN E 9 -67.90 4.14 -36.65
N GLU E 10 -66.94 4.64 -37.44
CA GLU E 10 -66.61 6.06 -37.41
C GLU E 10 -67.51 6.89 -38.31
N ASP E 11 -68.31 6.24 -39.15
CA ASP E 11 -69.17 6.96 -40.08
C ASP E 11 -70.15 7.86 -39.34
N ARG E 12 -70.98 7.27 -38.47
CA ARG E 12 -71.93 8.06 -37.71
C ARG E 12 -71.22 8.99 -36.73
N SER E 13 -70.03 8.62 -36.27
CA SER E 13 -69.33 9.42 -35.29
C SER E 13 -68.74 10.68 -35.90
N LEU E 14 -68.41 10.66 -37.19
CA LEU E 14 -67.69 11.77 -37.82
C LEU E 14 -68.65 12.72 -38.53
N GLN E 15 -69.60 13.24 -37.74
CA GLN E 15 -70.47 14.33 -38.18
C GLN E 15 -70.74 15.18 -36.94
N ASP E 16 -69.95 16.23 -36.78
CA ASP E 16 -69.96 17.02 -35.56
C ASP E 16 -70.49 18.43 -35.84
N GLU E 17 -70.68 19.19 -34.77
CA GLU E 17 -71.22 20.53 -34.87
C GLU E 17 -70.13 21.56 -35.11
N ASN E 18 -68.98 21.41 -34.43
CA ASN E 18 -67.82 22.31 -34.54
C ASN E 18 -68.24 23.78 -34.57
N LEU E 19 -69.01 24.19 -33.57
CA LEU E 19 -69.52 25.55 -33.49
C LEU E 19 -68.73 26.44 -32.53
N SER E 20 -68.06 25.86 -31.54
CA SER E 20 -67.27 26.62 -30.56
C SER E 20 -65.78 26.60 -30.89
N GLN E 21 -65.41 26.48 -32.16
CA GLN E 21 -64.02 26.37 -32.57
C GLN E 21 -63.26 27.70 -32.58
N PRO E 22 -63.77 28.77 -33.21
CA PRO E 22 -62.92 29.95 -33.42
C PRO E 22 -62.39 30.56 -32.14
N ARG E 23 -63.22 30.70 -31.11
CA ARG E 23 -62.79 31.36 -29.88
C ARG E 23 -61.95 30.43 -29.03
N THR E 24 -61.00 31.02 -28.30
CA THR E 24 -60.13 30.26 -27.40
C THR E 24 -60.82 30.08 -26.06
N ARG E 25 -61.09 28.83 -25.69
CA ARG E 25 -61.77 28.51 -24.44
C ARG E 25 -60.80 28.69 -23.29
N VAL E 26 -60.97 29.76 -22.51
CA VAL E 26 -60.09 29.98 -21.37
C VAL E 26 -60.33 28.89 -20.34
N ARG E 27 -59.24 28.31 -19.83
CA ARG E 27 -59.32 27.23 -18.87
C ARG E 27 -59.68 27.80 -17.50
N ILE E 28 -59.65 26.96 -16.47
CA ILE E 28 -59.91 27.37 -15.11
C ILE E 28 -58.63 27.90 -14.48
N VAL E 29 -58.77 28.59 -13.35
CA VAL E 29 -57.66 29.16 -12.62
C VAL E 29 -57.63 28.54 -11.23
N ASP E 30 -56.67 27.64 -10.99
CA ASP E 30 -56.50 27.04 -9.67
C ASP E 30 -55.00 26.97 -9.38
N ASP E 31 -54.55 27.85 -8.49
CA ASP E 31 -53.14 27.91 -8.13
C ASP E 31 -52.91 27.15 -6.82
N ASN E 32 -51.71 27.27 -6.27
CA ASN E 32 -51.41 26.70 -4.96
C ASN E 32 -50.49 27.64 -4.22
N LEU E 33 -50.65 27.69 -2.90
CA LEU E 33 -49.93 28.64 -2.07
C LEU E 33 -48.50 28.15 -1.84
N TYR E 34 -47.52 28.94 -2.28
CA TYR E 34 -46.11 28.62 -2.17
C TYR E 34 -45.30 29.62 -1.38
N ASN E 35 -45.81 30.83 -1.17
CA ASN E 35 -45.02 31.88 -0.54
C ASN E 35 -44.72 31.57 0.92
N LYS E 36 -45.54 30.75 1.57
CA LYS E 36 -45.44 30.52 3.00
C LYS E 36 -44.10 29.91 3.39
N SER E 37 -43.88 28.66 3.00
CA SER E 37 -42.67 27.92 3.36
C SER E 37 -42.65 26.55 2.70
N ASN E 38 -41.58 25.80 2.95
CA ASN E 38 -41.52 24.40 2.55
C ASN E 38 -40.59 23.64 3.49
N PRO E 39 -41.11 22.72 4.29
CA PRO E 39 -40.24 21.97 5.21
C PRO E 39 -39.22 21.12 4.51
N PHE E 40 -39.42 20.81 3.22
CA PHE E 40 -38.54 19.93 2.47
C PHE E 40 -37.51 20.68 1.65
N GLN E 41 -37.62 22.00 1.56
CA GLN E 41 -36.61 22.78 0.86
C GLN E 41 -35.30 22.74 1.64
N LEU E 42 -34.23 22.28 0.98
CA LEU E 42 -32.93 22.14 1.62
C LEU E 42 -31.87 22.55 0.59
N CYS E 43 -31.46 23.82 0.63
CA CYS E 43 -30.50 24.32 -0.35
C CYS E 43 -29.19 23.56 -0.23
N TYR E 44 -28.46 23.49 -1.35
CA TYR E 44 -27.17 22.83 -1.33
C TYR E 44 -26.16 23.62 -0.49
N LYS E 45 -26.24 24.94 -0.52
CA LYS E 45 -25.56 25.73 0.49
C LYS E 45 -26.26 25.54 1.84
N LYS E 46 -25.49 25.71 2.91
CA LYS E 46 -25.94 25.45 4.27
C LYS E 46 -26.35 24.01 4.50
N ARG E 47 -25.93 23.09 3.63
CA ARG E 47 -26.26 21.66 3.74
C ARG E 47 -25.09 20.97 4.43
N ASP E 48 -25.20 20.85 5.75
CA ASP E 48 -24.15 20.23 6.56
C ASP E 48 -24.28 18.72 6.52
N TYR E 49 -23.21 18.04 6.13
CA TYR E 49 -23.18 16.59 6.10
C TYR E 49 -22.29 15.99 7.18
N GLY E 50 -21.70 16.82 8.04
CA GLY E 50 -20.83 16.31 9.09
C GLY E 50 -21.55 15.69 10.25
N SER E 51 -22.86 15.80 10.31
CA SER E 51 -23.63 15.25 11.43
C SER E 51 -23.85 13.75 11.22
N GLN E 52 -24.58 13.15 12.15
CA GLN E 52 -24.84 11.71 12.14
C GLN E 52 -26.34 11.47 12.18
N TYR E 53 -26.73 10.28 11.77
CA TYR E 53 -28.14 9.91 11.64
C TYR E 53 -28.83 9.70 12.96
N TYR E 54 -28.22 9.92 14.13
CA TYR E 54 -28.92 9.71 15.38
C TYR E 54 -29.73 10.92 15.82
N HIS E 55 -29.49 12.10 15.24
CA HIS E 55 -30.30 13.26 15.58
C HIS E 55 -31.73 13.09 15.05
N ILE E 56 -31.87 12.47 13.88
CA ILE E 56 -33.20 12.19 13.34
C ILE E 56 -33.99 11.33 14.34
N TYR E 57 -33.35 10.28 14.84
CA TYR E 57 -34.04 9.38 15.77
C TYR E 57 -34.28 10.04 17.11
N GLN E 58 -33.35 10.89 17.57
CA GLN E 58 -33.60 11.65 18.79
C GLN E 58 -34.86 12.50 18.65
N TYR E 59 -34.95 13.28 17.57
CA TYR E 59 -36.10 14.13 17.36
C TYR E 59 -37.38 13.32 17.21
N ARG E 60 -37.31 12.22 16.45
CA ARG E 60 -38.47 11.36 16.28
C ARG E 60 -38.96 10.82 17.61
N LEU E 61 -38.05 10.21 18.38
CA LEU E 61 -38.42 9.66 19.67
C LEU E 61 -39.03 10.73 20.56
N LYS E 62 -38.38 11.89 20.66
CA LYS E 62 -38.88 12.96 21.51
C LYS E 62 -40.30 13.36 21.12
N THR E 63 -40.50 13.78 19.87
CA THR E 63 -41.78 14.35 19.49
C THR E 63 -42.88 13.29 19.46
N PHE E 64 -42.56 12.06 19.02
CA PHE E 64 -43.58 11.02 18.97
C PHE E 64 -43.93 10.53 20.37
N ARG E 65 -42.96 10.44 21.27
CA ARG E 65 -43.24 10.09 22.65
C ARG E 65 -44.14 11.13 23.30
N GLU E 66 -43.87 12.41 23.03
CA GLU E 66 -44.74 13.46 23.54
C GLU E 66 -46.16 13.31 23.00
N ARG E 67 -46.29 13.16 21.68
CA ARG E 67 -47.60 13.09 21.06
C ARG E 67 -48.38 11.87 21.52
N VAL E 68 -47.69 10.75 21.78
CA VAL E 68 -48.40 9.55 22.19
C VAL E 68 -48.70 9.58 23.68
N LEU E 69 -47.84 10.22 24.49
CA LEU E 69 -48.13 10.42 25.90
C LEU E 69 -49.28 11.38 26.11
N LYS E 70 -49.55 12.25 25.13
CA LYS E 70 -50.79 13.01 25.16
C LYS E 70 -52.03 12.11 25.09
N GLU E 71 -51.86 10.82 24.75
CA GLU E 71 -52.99 9.91 24.65
C GLU E 71 -52.75 8.54 25.27
N CYS E 72 -51.56 8.24 25.78
CA CYS E 72 -51.34 6.95 26.43
C CYS E 72 -52.10 6.85 27.74
N ASP E 73 -52.23 7.97 28.45
CA ASP E 73 -52.89 7.95 29.75
C ASP E 73 -54.37 7.59 29.63
N LYS E 74 -54.97 7.84 28.46
CA LYS E 74 -56.39 7.55 28.29
C LYS E 74 -56.67 6.05 28.40
N ARG E 75 -56.10 5.26 27.50
CA ARG E 75 -56.39 3.83 27.48
C ARG E 75 -55.48 3.02 28.40
N TRP E 76 -54.39 3.60 28.89
CA TRP E 76 -53.43 2.91 29.75
C TRP E 76 -53.22 3.69 31.04
N ASP E 77 -54.33 4.08 31.67
CA ASP E 77 -54.29 4.87 32.89
C ASP E 77 -53.74 4.04 34.05
N ALA E 78 -53.68 4.67 35.22
CA ALA E 78 -53.21 3.97 36.42
C ALA E 78 -54.15 2.86 36.86
N GLY E 79 -55.41 2.90 36.40
CA GLY E 79 -56.40 1.90 36.75
C GLY E 79 -56.65 0.84 35.70
N PHE E 80 -55.87 0.82 34.62
CA PHE E 80 -56.05 -0.20 33.59
C PHE E 80 -55.50 -1.53 34.07
N THR E 81 -56.34 -2.56 34.03
CA THR E 81 -55.97 -3.87 34.53
C THR E 81 -56.01 -4.90 33.41
N LEU E 82 -55.15 -5.91 33.52
CA LEU E 82 -55.10 -7.01 32.58
C LEU E 82 -55.41 -8.35 33.25
N ASN E 83 -56.01 -8.31 34.44
CA ASN E 83 -56.35 -9.46 35.28
C ASN E 83 -55.12 -10.16 35.84
N GLY E 84 -53.91 -9.77 35.42
CA GLY E 84 -52.71 -10.30 36.03
C GLY E 84 -52.17 -9.36 37.08
N GLN E 85 -52.08 -8.08 36.72
CA GLN E 85 -51.63 -7.01 37.60
C GLN E 85 -51.82 -5.70 36.85
N LEU E 86 -52.00 -4.62 37.62
CA LEU E 86 -52.19 -3.31 37.03
C LEU E 86 -50.99 -2.94 36.15
N VAL E 87 -51.29 -2.28 35.02
CA VAL E 87 -50.25 -1.99 34.04
C VAL E 87 -49.28 -0.96 34.61
N LEU E 88 -48.00 -1.10 34.26
CA LEU E 88 -46.94 -0.24 34.76
C LEU E 88 -46.45 0.69 33.67
N LYS E 89 -46.02 1.88 34.08
CA LYS E 89 -45.63 2.95 33.17
C LYS E 89 -44.12 2.99 32.91
N LYS E 90 -43.36 2.03 33.45
CA LYS E 90 -41.91 2.11 33.42
C LYS E 90 -41.37 2.22 32.00
N ASP E 91 -40.72 3.34 31.72
CA ASP E 91 -40.02 3.55 30.45
C ASP E 91 -38.68 2.82 30.51
N LYS E 92 -37.77 3.15 29.59
CA LYS E 92 -36.45 2.52 29.53
C LYS E 92 -36.59 1.01 29.34
N VAL E 93 -37.05 0.65 28.14
CA VAL E 93 -37.54 -0.68 27.78
C VAL E 93 -36.65 -1.80 28.30
N LEU E 94 -35.39 -1.48 28.59
CA LEU E 94 -34.48 -2.48 29.13
C LEU E 94 -34.93 -3.03 30.48
N ASP E 95 -35.69 -2.24 31.25
CA ASP E 95 -36.04 -2.63 32.62
C ASP E 95 -37.38 -3.37 32.70
N ILE E 96 -37.53 -4.43 31.91
CA ILE E 96 -38.68 -5.31 32.01
C ILE E 96 -38.25 -6.50 32.87
N GLN E 97 -38.49 -6.39 34.18
CA GLN E 97 -37.95 -7.34 35.14
C GLN E 97 -38.94 -8.39 35.62
N GLY E 98 -40.23 -8.22 35.35
CA GLY E 98 -41.22 -9.17 35.81
C GLY E 98 -42.33 -9.35 34.80
N ASN E 99 -43.24 -10.27 35.14
CA ASN E 99 -44.39 -10.58 34.29
C ASN E 99 -45.47 -9.52 34.34
N GLN E 100 -45.22 -8.39 34.99
CA GLN E 100 -46.21 -7.32 35.03
C GLN E 100 -46.40 -6.73 33.64
N PRO E 101 -47.63 -6.36 33.27
CA PRO E 101 -47.84 -5.76 31.95
C PRO E 101 -47.12 -4.42 31.85
N CYS E 102 -46.09 -4.38 31.00
CA CYS E 102 -45.28 -3.20 30.79
C CYS E 102 -45.71 -2.50 29.52
N TRP E 103 -45.98 -1.20 29.62
CA TRP E 103 -46.27 -0.37 28.46
C TRP E 103 -45.23 0.72 28.37
N CYS E 104 -44.65 0.90 27.20
CA CYS E 104 -43.54 1.83 27.01
C CYS E 104 -43.49 2.26 25.55
N VAL E 105 -42.81 3.38 25.30
CA VAL E 105 -42.72 3.97 23.98
C VAL E 105 -41.28 3.92 23.50
N GLY E 106 -41.10 3.69 22.20
CA GLY E 106 -39.77 3.58 21.63
C GLY E 106 -39.86 3.30 20.16
N SER E 107 -38.71 3.44 19.49
CA SER E 107 -38.65 3.28 18.05
C SER E 107 -38.55 1.80 17.67
N ILE E 108 -39.48 1.34 16.83
CA ILE E 108 -39.40 -0.01 16.29
C ILE E 108 -38.21 -0.10 15.34
N TYR E 109 -37.51 -1.22 15.39
CA TYR E 109 -36.42 -1.48 14.45
C TYR E 109 -36.53 -2.92 13.97
N CYS E 110 -36.68 -3.10 12.67
CA CYS E 110 -36.74 -4.43 12.07
C CYS E 110 -35.32 -4.88 11.75
N GLU E 111 -35.05 -6.17 11.96
CA GLU E 111 -33.77 -6.77 11.63
C GLU E 111 -34.07 -8.00 10.79
N MET E 112 -34.05 -7.82 9.47
CA MET E 112 -34.19 -8.93 8.54
C MET E 112 -32.82 -9.48 8.17
N LYS E 113 -32.81 -10.57 7.41
CA LYS E 113 -31.56 -11.15 6.93
C LYS E 113 -31.27 -10.81 5.49
N TYR E 114 -32.26 -10.34 4.73
CA TYR E 114 -32.07 -9.98 3.34
C TYR E 114 -31.98 -8.47 3.14
N LYS E 115 -31.96 -7.69 4.21
CA LYS E 115 -31.74 -6.26 4.09
C LYS E 115 -30.33 -6.02 3.55
N PRO E 116 -30.15 -5.12 2.58
CA PRO E 116 -28.81 -4.92 1.99
C PRO E 116 -27.84 -4.37 3.02
N ASN E 117 -26.81 -5.15 3.32
CA ASN E 117 -25.77 -4.77 4.27
C ASN E 117 -24.54 -4.35 3.47
N VAL E 118 -24.19 -3.06 3.55
CA VAL E 118 -23.08 -2.55 2.74
C VAL E 118 -21.76 -3.14 3.21
N LEU E 119 -21.66 -3.54 4.48
CA LEU E 119 -20.39 -4.08 4.96
C LEU E 119 -20.09 -5.42 4.32
N ASP E 120 -21.10 -6.26 4.11
CA ASP E 120 -20.89 -7.51 3.40
C ASP E 120 -20.45 -7.25 1.97
N GLU E 121 -21.00 -6.21 1.34
CA GLU E 121 -20.62 -5.90 -0.03
C GLU E 121 -19.18 -5.38 -0.11
N VAL E 122 -18.75 -4.60 0.89
CA VAL E 122 -17.36 -4.15 0.92
C VAL E 122 -16.43 -5.32 1.24
N ILE E 123 -16.90 -6.28 2.04
CA ILE E 123 -16.09 -7.46 2.33
C ILE E 123 -15.92 -8.31 1.09
N ASN E 124 -17.04 -8.68 0.46
CA ASN E 124 -16.98 -9.45 -0.77
C ASN E 124 -16.54 -8.63 -1.98
N ASP E 125 -16.31 -7.33 -1.79
CA ASP E 125 -15.87 -6.43 -2.86
C ASP E 125 -16.89 -6.41 -4.01
N THR E 126 -18.17 -6.44 -3.66
CA THR E 126 -19.25 -6.37 -4.65
C THR E 126 -20.09 -5.11 -4.46
N TYR E 127 -19.46 -4.01 -4.08
CA TYR E 127 -20.17 -2.76 -3.93
C TYR E 127 -20.35 -2.06 -5.27
N GLY E 128 -21.47 -1.35 -5.41
CA GLY E 128 -21.78 -0.66 -6.63
C GLY E 128 -22.55 -1.46 -7.65
N ALA E 129 -22.56 -2.79 -7.52
CA ALA E 129 -23.31 -3.62 -8.44
C ALA E 129 -24.81 -3.43 -8.23
N PRO E 130 -25.62 -3.70 -9.25
CA PRO E 130 -27.07 -3.60 -9.09
C PRO E 130 -27.58 -4.59 -8.05
N ASP E 131 -28.84 -4.42 -7.67
CA ASP E 131 -29.46 -5.20 -6.62
C ASP E 131 -30.85 -5.64 -7.04
N LEU E 132 -31.14 -6.93 -6.85
CA LEU E 132 -32.50 -7.42 -7.05
C LEU E 132 -33.39 -7.08 -5.87
N THR E 133 -32.98 -7.52 -4.67
CA THR E 133 -33.57 -7.15 -3.38
C THR E 133 -35.09 -6.92 -3.47
N LYS E 134 -35.78 -7.92 -4.02
CA LYS E 134 -37.22 -7.83 -4.17
C LYS E 134 -37.91 -7.66 -2.82
N SER E 135 -37.35 -8.23 -1.76
CA SER E 135 -37.92 -8.09 -0.43
C SER E 135 -36.84 -8.34 0.62
N TYR E 136 -37.12 -7.90 1.84
CA TYR E 136 -36.21 -8.10 2.96
C TYR E 136 -36.62 -9.24 3.88
N THR E 137 -37.91 -9.44 4.07
CA THR E 137 -38.38 -10.42 5.04
C THR E 137 -38.10 -11.85 4.55
N ASP E 138 -37.68 -12.70 5.49
CA ASP E 138 -37.50 -14.11 5.21
C ASP E 138 -38.84 -14.73 4.83
N LYS E 139 -39.79 -14.70 5.77
CA LYS E 139 -41.16 -15.20 5.55
C LYS E 139 -41.18 -16.71 5.28
N GLU E 140 -40.01 -17.34 5.31
CA GLU E 140 -39.92 -18.79 5.17
C GLU E 140 -39.08 -19.43 6.26
N GLY E 141 -38.37 -18.66 7.08
CA GLY E 141 -37.64 -19.19 8.20
C GLY E 141 -37.95 -18.44 9.47
N GLY E 142 -38.59 -17.28 9.35
CA GLY E 142 -38.93 -16.47 10.50
C GLY E 142 -37.71 -15.88 11.18
N SER E 143 -36.60 -15.79 10.45
CA SER E 143 -35.35 -15.31 11.04
C SER E 143 -35.42 -13.83 11.37
N ASP E 144 -36.31 -13.08 10.73
CA ASP E 144 -36.40 -11.65 10.98
C ASP E 144 -36.91 -11.36 12.38
N GLU E 145 -36.41 -10.29 12.98
CA GLU E 145 -36.80 -9.88 14.31
C GLU E 145 -37.30 -8.44 14.31
N ILE E 146 -37.97 -8.06 15.38
CA ILE E 146 -38.47 -6.70 15.56
C ILE E 146 -38.15 -6.28 16.99
N MET E 147 -37.24 -5.33 17.15
CA MET E 147 -36.80 -4.88 18.47
C MET E 147 -37.37 -3.50 18.77
N LEU E 148 -37.93 -3.34 19.96
CA LEU E 148 -38.40 -2.03 20.42
C LEU E 148 -37.20 -1.23 20.93
N GLU E 149 -36.40 -0.77 19.98
CA GLU E 149 -35.24 0.05 20.31
C GLU E 149 -35.69 1.34 20.99
N ASP E 150 -34.89 1.79 21.95
CA ASP E 150 -35.22 2.98 22.72
C ASP E 150 -33.93 3.47 23.37
N GLU E 151 -33.95 4.74 23.77
CA GLU E 151 -32.81 5.33 24.48
C GLU E 151 -32.37 4.41 25.60
N SER E 152 -31.17 3.85 25.48
CA SER E 152 -30.64 2.88 26.43
C SER E 152 -31.59 1.69 26.59
N GLY E 153 -31.79 0.96 25.50
CA GLY E 153 -32.56 -0.26 25.59
C GLY E 153 -32.92 -0.82 24.23
N ARG E 154 -33.02 -2.15 24.19
CA ARG E 154 -33.50 -2.85 22.99
C ARG E 154 -34.02 -4.20 23.43
N VAL E 155 -35.31 -4.44 23.21
CA VAL E 155 -35.96 -5.68 23.61
C VAL E 155 -36.68 -6.27 22.40
N LEU E 156 -36.41 -7.53 22.12
CA LEU E 156 -37.07 -8.22 21.02
C LEU E 156 -38.55 -8.39 21.31
N LEU E 157 -39.36 -8.43 20.26
CA LEU E 157 -40.80 -8.63 20.37
C LEU E 157 -41.19 -9.93 19.69
N VAL E 158 -42.03 -10.71 20.36
CA VAL E 158 -42.45 -12.02 19.88
C VAL E 158 -43.92 -12.21 20.21
N GLY E 159 -44.63 -12.94 19.35
CA GLY E 159 -46.02 -13.24 19.61
C GLY E 159 -46.88 -13.21 18.36
N ASP E 160 -48.16 -12.85 18.54
CA ASP E 160 -49.12 -12.84 17.44
C ASP E 160 -49.62 -11.46 17.07
N PHE E 161 -49.54 -10.48 17.97
CA PHE E 161 -49.99 -9.13 17.63
C PHE E 161 -49.12 -8.53 16.53
N ILE E 162 -47.83 -8.85 16.53
CA ILE E 162 -46.92 -8.33 15.50
C ILE E 162 -47.17 -8.96 14.14
N ARG E 163 -48.00 -9.99 14.07
CA ARG E 163 -48.33 -10.64 12.80
C ARG E 163 -49.44 -9.93 12.04
N SER E 164 -50.19 -9.05 12.70
CA SER E 164 -51.24 -8.28 12.06
C SER E 164 -50.75 -6.90 11.61
N THR E 165 -50.28 -6.09 12.55
CA THR E 165 -49.75 -4.79 12.22
C THR E 165 -48.46 -4.94 11.41
N PRO E 166 -48.23 -4.07 10.42
CA PRO E 166 -46.99 -4.17 9.64
C PRO E 166 -45.73 -4.11 10.48
N PHE E 167 -45.66 -3.21 11.45
CA PHE E 167 -44.52 -3.06 12.34
C PHE E 167 -43.23 -2.83 11.56
N ILE E 168 -43.20 -1.67 10.90
CA ILE E 168 -42.07 -1.25 10.09
C ILE E 168 -41.10 -0.48 10.97
N THR E 169 -39.81 -0.55 10.65
CA THR E 169 -38.81 0.15 11.46
C THR E 169 -38.99 1.65 11.34
N GLY E 170 -38.48 2.36 12.36
CA GLY E 170 -38.54 3.80 12.39
C GLY E 170 -39.78 4.39 13.03
N VAL E 171 -40.82 3.59 13.21
CA VAL E 171 -42.07 4.09 13.79
C VAL E 171 -41.96 4.10 15.30
N VAL E 172 -42.64 5.06 15.93
CA VAL E 172 -42.62 5.22 17.38
C VAL E 172 -44.06 5.16 17.87
N VAL E 173 -44.44 4.00 18.40
CA VAL E 173 -45.77 3.77 18.93
C VAL E 173 -45.64 3.13 20.32
N GLY E 174 -46.68 3.31 21.13
CA GLY E 174 -46.63 2.77 22.48
C GLY E 174 -47.00 1.30 22.52
N ILE E 175 -46.09 0.46 23.01
CA ILE E 175 -46.28 -0.98 23.03
C ILE E 175 -46.56 -1.41 24.47
N LEU E 176 -47.64 -2.16 24.68
CA LEU E 176 -47.95 -2.78 25.95
C LEU E 176 -47.91 -4.29 25.79
N GLY E 177 -47.12 -4.94 26.63
CA GLY E 177 -46.96 -6.38 26.55
C GLY E 177 -46.47 -6.95 27.86
N MET E 178 -45.95 -8.18 27.77
CA MET E 178 -45.44 -8.90 28.92
C MET E 178 -44.09 -9.51 28.60
N GLU E 179 -43.20 -9.51 29.60
CA GLU E 179 -41.89 -10.13 29.45
C GLU E 179 -42.04 -11.64 29.38
N ALA E 180 -41.51 -12.25 28.33
CA ALA E 180 -41.67 -13.68 28.09
C ALA E 180 -40.45 -14.49 28.52
N GLU E 181 -39.28 -14.18 27.98
CA GLU E 181 -38.07 -14.94 28.27
C GLU E 181 -36.94 -14.03 28.74
N ALA E 182 -37.28 -12.92 29.40
CA ALA E 182 -36.34 -12.01 30.06
C ALA E 182 -35.51 -11.22 29.04
N GLY E 183 -35.64 -11.56 27.76
CA GLY E 183 -35.01 -10.81 26.70
C GLY E 183 -36.00 -10.49 25.61
N THR E 184 -37.09 -11.23 25.57
CA THR E 184 -38.14 -11.06 24.58
C THR E 184 -39.26 -10.20 25.16
N PHE E 185 -40.37 -10.11 24.44
CA PHE E 185 -41.50 -9.28 24.83
C PHE E 185 -42.73 -9.71 24.03
N GLN E 186 -43.81 -10.05 24.71
CA GLN E 186 -45.03 -10.49 24.06
C GLN E 186 -45.95 -9.30 23.89
N VAL E 187 -45.99 -8.74 22.68
CA VAL E 187 -46.79 -7.55 22.42
C VAL E 187 -48.25 -7.88 22.59
N LEU E 188 -48.90 -7.25 23.58
CA LEU E 188 -50.32 -7.44 23.80
C LEU E 188 -51.16 -6.44 23.01
N ASP E 189 -50.74 -5.18 22.97
CA ASP E 189 -51.44 -4.17 22.18
C ASP E 189 -50.50 -3.01 21.92
N ILE E 190 -50.92 -2.15 20.99
CA ILE E 190 -50.18 -0.95 20.63
C ILE E 190 -51.13 0.23 20.62
N CYS E 191 -50.56 1.42 20.75
CA CYS E 191 -51.29 2.67 20.69
C CYS E 191 -50.55 3.64 19.79
N TYR E 192 -51.28 4.29 18.90
CA TYR E 192 -50.74 5.19 17.90
C TYR E 192 -50.70 6.61 18.43
N PRO E 193 -49.96 7.50 17.76
CA PRO E 193 -49.91 8.89 18.22
C PRO E 193 -51.29 9.55 18.17
N THR E 194 -51.38 10.69 18.85
CA THR E 194 -52.62 11.43 18.91
C THR E 194 -53.01 11.96 17.54
N PRO E 195 -54.31 12.12 17.28
CA PRO E 195 -54.74 12.69 15.99
C PRO E 195 -54.22 14.11 15.80
N LEU E 196 -53.86 14.43 14.57
CA LEU E 196 -53.32 15.72 14.20
C LEU E 196 -54.43 16.66 13.77
N PRO E 197 -54.18 17.96 13.75
CA PRO E 197 -55.14 18.89 13.17
C PRO E 197 -55.12 18.83 11.65
N GLN E 198 -56.29 19.09 11.06
CA GLN E 198 -56.43 19.11 9.61
C GLN E 198 -57.27 20.33 9.24
N ASN E 199 -56.72 21.16 8.36
CA ASN E 199 -57.41 22.38 7.92
C ASN E 199 -58.76 22.03 7.33
N PRO E 200 -59.75 22.92 7.44
CA PRO E 200 -61.08 22.62 6.89
C PRO E 200 -61.03 22.50 5.37
N PHE E 201 -62.14 22.00 4.82
CA PHE E 201 -62.29 21.81 3.38
C PHE E 201 -63.37 22.76 2.87
N PRO E 202 -63.03 24.01 2.57
CA PRO E 202 -64.04 24.98 2.09
C PRO E 202 -64.45 24.71 0.64
N ALA E 203 -65.28 23.69 0.46
CA ALA E 203 -65.71 23.26 -0.87
C ALA E 203 -66.82 24.12 -1.47
N PRO E 204 -67.92 24.40 -0.76
CA PRO E 204 -69.02 25.13 -1.39
C PRO E 204 -68.89 26.65 -1.37
N ILE E 205 -67.88 27.19 -0.66
CA ILE E 205 -67.74 28.63 -0.55
C ILE E 205 -67.27 29.24 -1.87
N ALA E 206 -66.67 28.45 -2.75
CA ALA E 206 -66.06 28.96 -3.97
C ALA E 206 -67.08 29.71 -4.81
N THR E 207 -66.70 30.91 -5.26
CA THR E 207 -67.57 31.70 -6.12
C THR E 207 -67.90 30.98 -7.41
N CYS E 208 -66.89 30.36 -8.02
CA CYS E 208 -67.14 29.54 -9.20
C CYS E 208 -67.82 28.25 -8.79
N PRO E 209 -68.80 27.76 -9.57
CA PRO E 209 -69.49 26.53 -9.16
C PRO E 209 -68.59 25.30 -9.19
N THR E 210 -67.82 25.14 -10.27
CA THR E 210 -66.89 24.02 -10.39
C THR E 210 -65.49 24.51 -10.06
N ARG E 211 -65.00 24.13 -8.88
CA ARG E 211 -63.65 24.52 -8.48
C ARG E 211 -62.57 23.84 -9.31
N GLY E 212 -62.95 23.01 -10.27
CA GLY E 212 -62.00 22.42 -11.19
C GLY E 212 -61.37 21.15 -10.66
N LYS E 213 -60.57 20.54 -11.52
CA LYS E 213 -59.86 19.31 -11.20
C LYS E 213 -58.36 19.53 -11.38
N ILE E 214 -57.60 18.49 -11.06
CA ILE E 214 -56.17 18.45 -11.34
C ILE E 214 -55.88 17.11 -12.01
N ALA E 215 -54.84 17.08 -12.84
CA ALA E 215 -54.45 15.88 -13.55
C ALA E 215 -53.19 15.31 -12.91
N LEU E 216 -53.26 14.04 -12.50
CA LEU E 216 -52.15 13.34 -11.88
C LEU E 216 -51.66 12.27 -12.84
N VAL E 217 -50.39 12.32 -13.20
CA VAL E 217 -49.76 11.34 -14.08
C VAL E 217 -48.33 11.15 -13.60
N SER E 218 -47.92 9.90 -13.42
CA SER E 218 -46.64 9.61 -12.82
C SER E 218 -45.98 8.45 -13.53
N GLY E 219 -44.65 8.39 -13.42
CA GLY E 219 -43.90 7.32 -14.03
C GLY E 219 -43.80 7.44 -15.53
N LEU E 220 -43.48 8.65 -16.01
CA LEU E 220 -43.26 8.82 -17.44
C LEU E 220 -42.06 8.01 -17.91
N ASN E 221 -40.93 8.17 -17.24
CA ASN E 221 -39.68 7.44 -17.50
C ASN E 221 -39.41 7.28 -18.99
N LEU E 222 -39.27 8.42 -19.67
CA LEU E 222 -38.97 8.43 -21.08
C LEU E 222 -37.57 7.89 -21.34
N ASN E 223 -37.42 7.07 -22.38
CA ASN E 223 -36.13 6.50 -22.71
C ASN E 223 -36.05 6.30 -24.22
N ASN E 224 -34.81 6.16 -24.72
CA ASN E 224 -34.59 6.09 -26.16
C ASN E 224 -35.17 4.81 -26.77
N THR E 225 -35.34 3.76 -25.97
CA THR E 225 -36.02 2.57 -26.46
C THR E 225 -37.42 2.92 -26.95
N SER E 226 -38.14 3.75 -26.19
CA SER E 226 -39.43 4.31 -26.54
C SER E 226 -40.41 3.26 -27.08
N PRO E 227 -40.76 2.23 -26.28
CA PRO E 227 -41.83 1.32 -26.73
C PRO E 227 -43.20 1.99 -26.57
N ASP E 228 -43.52 2.84 -27.54
CA ASP E 228 -44.73 3.67 -27.59
C ASP E 228 -44.94 4.47 -26.30
N ARG E 229 -43.87 4.71 -25.54
CA ARG E 229 -44.00 5.55 -24.36
C ARG E 229 -44.25 7.00 -24.73
N LEU E 230 -43.70 7.46 -25.86
CA LEU E 230 -43.94 8.81 -26.33
C LEU E 230 -45.30 8.93 -27.02
N LEU E 231 -45.83 7.84 -27.56
CA LEU E 231 -47.15 7.90 -28.18
C LEU E 231 -48.23 8.17 -27.14
N ARG E 232 -48.18 7.47 -26.00
CA ARG E 232 -49.10 7.76 -24.92
C ARG E 232 -48.90 9.19 -24.41
N LEU E 233 -47.66 9.66 -24.40
CA LEU E 233 -47.40 11.02 -23.95
C LEU E 233 -48.05 12.05 -24.88
N GLU E 234 -47.95 11.83 -26.19
CA GLU E 234 -48.57 12.75 -27.14
C GLU E 234 -50.09 12.67 -27.07
N ILE E 235 -50.64 11.48 -26.91
CA ILE E 235 -52.08 11.34 -26.76
C ILE E 235 -52.57 12.07 -25.51
N LEU E 236 -51.81 11.96 -24.42
CA LEU E 236 -52.17 12.66 -23.20
C LEU E 236 -52.06 14.17 -23.37
N ARG E 237 -51.03 14.63 -24.09
CA ARG E 237 -50.89 16.05 -24.36
C ARG E 237 -52.09 16.57 -25.13
N GLU E 238 -52.52 15.84 -26.16
CA GLU E 238 -53.68 16.28 -26.92
C GLU E 238 -54.95 16.21 -26.08
N PHE E 239 -55.06 15.20 -25.22
CA PHE E 239 -56.26 15.07 -24.39
C PHE E 239 -56.38 16.24 -23.43
N LEU E 240 -55.27 16.63 -22.80
CA LEU E 240 -55.27 17.82 -21.96
C LEU E 240 -55.40 19.09 -22.77
N MET E 241 -55.07 19.03 -24.06
CA MET E 241 -55.20 20.16 -24.98
C MET E 241 -56.60 20.34 -25.52
N GLY E 242 -57.57 19.55 -25.04
CA GLY E 242 -58.96 19.72 -25.44
C GLY E 242 -59.28 19.26 -26.84
N ARG E 243 -58.53 18.33 -27.40
CA ARG E 243 -58.75 17.85 -28.76
C ARG E 243 -59.35 16.45 -28.81
N ILE E 244 -58.78 15.51 -28.05
CA ILE E 244 -59.26 14.13 -28.07
C ILE E 244 -60.66 14.00 -27.50
N ASN E 245 -61.11 14.99 -26.72
CA ASN E 245 -62.42 14.95 -26.11
C ASN E 245 -63.36 15.91 -26.80
N ASN E 246 -64.63 15.50 -26.91
CA ASN E 246 -65.70 16.38 -27.37
C ASN E 246 -66.05 17.31 -26.22
N LYS E 247 -65.35 18.44 -26.14
CA LYS E 247 -65.44 19.32 -24.99
C LYS E 247 -66.82 19.97 -24.92
N ILE E 248 -67.50 19.77 -23.79
CA ILE E 248 -68.75 20.45 -23.48
C ILE E 248 -68.53 21.22 -22.19
N ASP E 249 -67.30 21.74 -22.03
CA ASP E 249 -66.79 22.26 -20.76
C ASP E 249 -66.70 21.13 -19.73
N ASP E 250 -66.00 20.07 -20.12
CA ASP E 250 -65.72 18.93 -19.26
C ASP E 250 -64.22 18.69 -19.21
N ILE E 251 -63.55 18.90 -20.34
CA ILE E 251 -62.09 18.86 -20.38
C ILE E 251 -61.48 20.23 -20.18
N SER E 252 -62.29 21.30 -20.16
CA SER E 252 -61.81 22.63 -19.85
C SER E 252 -61.71 22.87 -18.35
N LEU E 253 -62.06 21.89 -17.53
CA LEU E 253 -62.00 21.99 -16.07
C LEU E 253 -60.90 21.09 -15.51
N ILE E 254 -59.77 21.02 -16.19
CA ILE E 254 -58.62 20.24 -15.73
C ILE E 254 -57.55 21.10 -15.08
N GLY E 255 -57.46 22.37 -15.46
CA GLY E 255 -56.56 23.30 -14.81
C GLY E 255 -55.13 22.82 -14.64
N ARG E 256 -54.70 22.64 -13.40
CA ARG E 256 -53.34 22.23 -13.08
C ARG E 256 -53.06 20.83 -13.63
N LEU E 257 -51.77 20.49 -13.73
CA LEU E 257 -51.35 19.15 -14.11
C LEU E 257 -50.12 18.80 -13.29
N LEU E 258 -50.18 17.66 -12.60
CA LEU E 258 -49.12 17.23 -11.69
C LEU E 258 -48.42 16.01 -12.25
N ILE E 259 -47.09 16.08 -12.34
CA ILE E 259 -46.25 14.95 -12.70
C ILE E 259 -45.41 14.62 -11.47
N CYS E 260 -45.68 13.47 -10.86
CA CYS E 260 -45.06 13.10 -9.60
C CYS E 260 -44.00 12.03 -9.84
N GLY E 261 -42.78 12.50 -10.10
CA GLY E 261 -41.62 11.62 -10.11
C GLY E 261 -41.48 10.70 -11.30
N ASN E 262 -40.24 10.27 -11.57
CA ASN E 262 -39.92 9.30 -12.61
C ASN E 262 -40.41 9.77 -13.98
N SER E 263 -39.84 10.90 -14.42
CA SER E 263 -40.14 11.43 -15.74
C SER E 263 -39.21 10.90 -16.81
N VAL E 264 -37.94 10.66 -16.47
CA VAL E 264 -36.97 10.13 -17.43
C VAL E 264 -36.49 8.78 -16.94
N ASP E 265 -35.69 8.10 -17.76
CA ASP E 265 -35.18 6.78 -17.42
C ASP E 265 -34.00 6.45 -18.31
N PHE E 266 -32.92 5.94 -17.71
CA PHE E 266 -31.79 5.45 -18.46
C PHE E 266 -30.98 4.52 -17.57
N ASP E 267 -30.53 3.41 -18.14
CA ASP E 267 -29.83 2.36 -17.40
C ASP E 267 -28.39 2.81 -17.16
N ILE E 268 -28.15 3.45 -16.02
CA ILE E 268 -26.83 3.92 -15.67
C ILE E 268 -25.96 2.75 -15.23
N VAL E 271 -26.20 5.28 -20.54
CA VAL E 271 -24.81 5.23 -20.09
C VAL E 271 -24.05 6.42 -20.67
N ASN E 272 -23.18 7.02 -19.85
CA ASN E 272 -22.34 8.15 -20.24
C ASN E 272 -23.15 9.39 -20.59
N LYS E 273 -24.39 9.46 -20.11
CA LYS E 273 -25.21 10.67 -20.17
C LYS E 273 -25.45 11.13 -21.60
N ASP E 274 -25.94 10.23 -22.45
CA ASP E 274 -26.38 10.57 -23.79
C ASP E 274 -27.85 10.30 -24.01
N GLU E 275 -28.33 9.10 -23.65
CA GLU E 275 -29.75 8.82 -23.71
C GLU E 275 -30.53 9.72 -22.76
N LEU E 276 -29.93 10.08 -21.63
CA LEU E 276 -30.59 11.01 -20.70
C LEU E 276 -30.84 12.35 -21.36
N MET E 277 -29.91 12.80 -22.21
CA MET E 277 -30.11 14.08 -22.90
C MET E 277 -31.28 14.01 -23.87
N ILE E 278 -31.43 12.87 -24.57
CA ILE E 278 -32.55 12.74 -25.50
C ILE E 278 -33.87 12.66 -24.74
N SER E 279 -33.87 11.97 -23.59
CA SER E 279 -35.09 11.92 -22.77
C SER E 279 -35.45 13.31 -22.26
N LEU E 280 -34.45 14.08 -21.84
CA LEU E 280 -34.71 15.44 -21.38
C LEU E 280 -35.21 16.31 -22.53
N THR E 281 -34.68 16.09 -23.74
CA THR E 281 -35.16 16.84 -24.89
C THR E 281 -36.62 16.53 -25.19
N GLU E 282 -36.99 15.25 -25.12
CA GLU E 282 -38.39 14.89 -25.34
C GLU E 282 -39.30 15.47 -24.27
N PHE E 283 -38.86 15.45 -23.02
CA PHE E 283 -39.65 16.03 -21.94
C PHE E 283 -39.80 17.54 -22.12
N SER E 284 -38.73 18.21 -22.54
CA SER E 284 -38.80 19.65 -22.79
C SER E 284 -39.74 19.95 -23.95
N LYS E 285 -39.71 19.12 -24.99
CA LYS E 285 -40.66 19.28 -26.09
C LYS E 285 -42.09 19.15 -25.60
N PHE E 286 -42.37 18.12 -24.80
CA PHE E 286 -43.71 17.93 -24.25
C PHE E 286 -44.14 19.14 -23.43
N LEU E 287 -43.24 19.64 -22.58
CA LEU E 287 -43.58 20.79 -21.74
C LEU E 287 -43.84 22.04 -22.57
N HIS E 288 -43.00 22.29 -23.58
CA HIS E 288 -43.18 23.48 -24.41
C HIS E 288 -44.42 23.36 -25.29
N ASN E 289 -44.85 22.15 -25.61
CA ASN E 289 -46.03 21.96 -26.44
C ASN E 289 -47.31 21.93 -25.64
N ILE E 290 -47.26 21.64 -24.34
CA ILE E 290 -48.46 21.60 -23.52
C ILE E 290 -48.64 22.83 -22.65
N LEU E 291 -47.58 23.58 -22.38
CA LEU E 291 -47.64 24.74 -21.48
C LEU E 291 -48.46 25.90 -22.00
N PRO E 292 -48.47 26.20 -23.30
CA PRO E 292 -49.31 27.31 -23.79
C PRO E 292 -50.78 27.18 -23.46
N SER E 293 -51.26 26.01 -23.02
CA SER E 293 -52.66 25.82 -22.66
C SER E 293 -52.82 25.38 -21.21
N ILE E 294 -51.97 24.49 -20.73
CA ILE E 294 -52.08 23.96 -19.38
C ILE E 294 -50.90 24.46 -18.55
N SER E 295 -51.09 24.43 -17.24
CA SER E 295 -50.05 24.81 -16.29
C SER E 295 -49.60 23.54 -15.56
N VAL E 296 -48.30 23.27 -15.61
CA VAL E 296 -47.75 22.03 -15.06
C VAL E 296 -46.87 22.35 -13.87
N ASP E 297 -46.72 21.38 -12.98
CA ASP E 297 -45.72 21.41 -11.92
C ASP E 297 -45.16 20.01 -11.73
N ILE E 298 -43.85 19.87 -11.86
CA ILE E 298 -43.19 18.58 -11.93
C ILE E 298 -42.52 18.28 -10.60
N MET E 299 -42.73 17.07 -10.09
CA MET E 299 -42.07 16.55 -8.90
C MET E 299 -40.92 15.65 -9.32
N PRO E 300 -39.73 15.83 -8.77
CA PRO E 300 -38.64 14.89 -9.07
C PRO E 300 -38.91 13.52 -8.48
N GLY E 301 -38.21 12.53 -9.03
CA GLY E 301 -38.30 11.18 -8.52
C GLY E 301 -36.94 10.64 -8.15
N THR E 302 -36.89 9.36 -7.74
CA THR E 302 -35.61 8.75 -7.40
C THR E 302 -34.77 8.44 -8.63
N ASN E 303 -35.39 8.36 -9.80
CA ASN E 303 -34.66 8.17 -11.05
C ASN E 303 -34.52 9.46 -11.85
N ASP E 304 -35.27 10.50 -11.49
CA ASP E 304 -35.15 11.77 -12.17
C ASP E 304 -33.78 12.39 -11.89
N PRO E 305 -33.31 13.29 -12.76
CA PRO E 305 -32.01 13.93 -12.52
C PRO E 305 -32.05 14.87 -11.33
N SER E 306 -32.23 14.33 -10.14
CA SER E 306 -32.20 15.10 -8.90
C SER E 306 -31.54 14.23 -7.84
N ASP E 307 -31.56 14.69 -6.60
CA ASP E 307 -30.89 13.99 -5.51
C ASP E 307 -31.48 12.59 -5.32
N LYS E 308 -30.70 11.73 -4.68
CA LYS E 308 -31.17 10.40 -4.31
C LYS E 308 -31.75 10.36 -2.91
N SER E 309 -31.30 11.23 -2.01
CA SER E 309 -31.93 11.36 -0.70
C SER E 309 -33.38 11.78 -0.87
N LEU E 310 -34.21 11.43 0.13
CA LEU E 310 -35.64 11.63 -0.01
C LEU E 310 -36.04 13.09 -0.23
N PRO E 311 -35.57 14.06 0.55
CA PRO E 311 -36.00 15.44 0.28
C PRO E 311 -35.39 15.98 -1.00
N GLN E 312 -35.79 15.41 -2.13
CA GLN E 312 -35.19 15.76 -3.41
C GLN E 312 -35.46 17.23 -3.74
N GLN E 313 -34.39 17.99 -3.88
CA GLN E 313 -34.52 19.38 -4.30
C GLN E 313 -35.12 19.44 -5.70
N PRO E 314 -35.74 20.56 -6.06
CA PRO E 314 -36.43 20.65 -7.35
C PRO E 314 -35.48 20.46 -8.52
N PHE E 315 -36.07 20.30 -9.70
CA PHE E 315 -35.30 20.20 -10.93
C PHE E 315 -34.52 21.49 -11.17
N HIS E 316 -33.56 21.41 -12.07
CA HIS E 316 -32.78 22.58 -12.46
C HIS E 316 -33.14 22.96 -13.90
N LYS E 317 -32.97 24.24 -14.21
CA LYS E 317 -33.33 24.73 -15.54
C LYS E 317 -32.39 24.19 -16.62
N SER E 318 -31.18 23.80 -16.24
CA SER E 318 -30.21 23.29 -17.21
C SER E 318 -30.64 21.97 -17.83
N LEU E 319 -31.74 21.37 -17.36
CA LEU E 319 -32.21 20.10 -17.92
C LEU E 319 -33.18 20.29 -19.08
N PHE E 320 -33.66 21.50 -19.30
CA PHE E 320 -34.69 21.77 -20.30
C PHE E 320 -34.12 22.59 -21.44
N ASP E 321 -34.86 22.63 -22.55
CA ASP E 321 -34.44 23.38 -23.72
C ASP E 321 -34.66 24.88 -23.51
N LYS E 322 -34.37 25.65 -24.56
CA LYS E 322 -34.43 27.14 -24.53
C LYS E 322 -35.86 27.69 -24.42
N SER E 323 -36.85 27.05 -25.03
CA SER E 323 -38.25 27.54 -24.93
C SER E 323 -38.70 27.47 -23.47
N LEU E 324 -38.36 26.37 -22.80
CA LEU E 324 -38.70 26.24 -21.36
C LEU E 324 -37.91 27.33 -20.62
N GLU E 325 -36.64 27.53 -20.98
CA GLU E 325 -35.81 28.57 -20.31
C GLU E 325 -36.54 29.91 -20.40
N SER E 326 -37.16 30.19 -21.55
CA SER E 326 -37.95 31.45 -21.71
C SER E 326 -39.09 31.42 -20.71
N TYR E 327 -39.76 30.26 -20.57
CA TYR E 327 -40.83 30.10 -19.54
C TYR E 327 -40.27 30.23 -18.12
N PHE E 328 -38.96 29.97 -17.93
CA PHE E 328 -38.34 30.03 -16.61
C PHE E 328 -38.07 31.45 -16.15
N ASN E 329 -38.73 32.44 -16.74
CA ASN E 329 -38.57 33.82 -16.29
C ASN E 329 -39.03 33.96 -14.83
N GLY E 330 -38.40 34.90 -14.12
CA GLY E 330 -38.75 35.12 -12.75
C GLY E 330 -40.17 35.63 -12.58
N SER E 331 -40.72 35.40 -11.39
CA SER E 331 -42.08 35.80 -11.05
C SER E 331 -43.10 35.23 -12.04
N ASN E 332 -42.85 34.01 -12.51
CA ASN E 332 -43.73 33.34 -13.46
C ASN E 332 -43.94 31.90 -13.05
N LYS E 333 -44.04 31.65 -11.74
CA LYS E 333 -44.19 30.29 -11.24
C LYS E 333 -45.59 29.73 -11.44
N GLU E 334 -46.56 30.55 -11.83
CA GLU E 334 -47.92 30.07 -12.03
C GLU E 334 -48.04 29.15 -13.23
N ILE E 335 -47.10 29.23 -14.18
CA ILE E 335 -47.13 28.37 -15.36
C ILE E 335 -46.43 27.07 -15.03
N LEU E 336 -45.16 27.17 -14.64
CA LEU E 336 -44.35 26.01 -14.23
C LEU E 336 -43.83 26.27 -12.83
N ASN E 337 -43.84 25.22 -12.00
CA ASN E 337 -43.46 25.37 -10.61
C ASN E 337 -42.18 24.62 -10.25
N LEU E 338 -42.08 23.34 -10.61
CA LEU E 338 -40.93 22.51 -10.29
C LEU E 338 -40.71 22.47 -8.78
N VAL E 339 -41.66 21.83 -8.10
CA VAL E 339 -41.63 21.69 -6.64
C VAL E 339 -40.68 20.57 -6.25
N THR E 340 -40.39 20.48 -4.95
CA THR E 340 -39.56 19.38 -4.43
C THR E 340 -40.31 18.06 -4.54
N ASN E 341 -39.65 16.97 -4.15
CA ASN E 341 -40.32 15.68 -4.31
C ASN E 341 -41.50 15.56 -3.36
N PRO E 342 -41.33 15.51 -2.03
CA PRO E 342 -42.52 15.56 -1.16
C PRO E 342 -42.92 17.01 -0.95
N TYR E 343 -44.03 17.41 -1.56
CA TYR E 343 -44.48 18.79 -1.50
C TYR E 343 -45.91 18.86 -0.97
N GLU E 344 -46.24 20.00 -0.38
CA GLU E 344 -47.54 20.25 0.23
C GLU E 344 -48.19 21.43 -0.49
N PHE E 345 -48.94 21.13 -1.54
CA PHE E 345 -49.66 22.17 -2.27
C PHE E 345 -50.85 22.65 -1.44
N SER E 346 -51.55 23.66 -1.97
CA SER E 346 -52.86 24.04 -1.44
C SER E 346 -53.66 24.55 -2.63
N TYR E 347 -54.39 23.63 -3.28
CA TYR E 347 -55.14 23.94 -4.50
C TYR E 347 -56.44 24.61 -4.13
N ASN E 348 -56.35 25.90 -3.78
CA ASN E 348 -57.49 26.69 -3.34
C ASN E 348 -58.15 26.05 -2.11
N GLY E 349 -57.35 25.88 -1.06
CA GLY E 349 -57.83 25.36 0.19
C GLY E 349 -57.72 23.85 0.34
N VAL E 350 -57.47 23.13 -0.75
CA VAL E 350 -57.36 21.67 -0.70
C VAL E 350 -55.89 21.35 -0.47
N ASP E 351 -55.51 21.23 0.81
CA ASP E 351 -54.14 20.89 1.16
C ASP E 351 -53.79 19.49 0.69
N VAL E 352 -52.90 19.39 -0.28
CA VAL E 352 -52.54 18.11 -0.90
C VAL E 352 -51.10 17.79 -0.59
N LEU E 353 -50.84 16.55 -0.21
CA LEU E 353 -49.49 16.05 0.02
C LEU E 353 -49.21 14.94 -0.98
N ALA E 354 -48.16 15.11 -1.77
CA ALA E 354 -47.80 14.17 -2.82
C ALA E 354 -46.35 13.75 -2.67
N VAL E 355 -46.09 12.46 -2.88
CA VAL E 355 -44.74 11.90 -2.84
C VAL E 355 -44.55 11.04 -4.08
N SER E 356 -43.28 10.84 -4.45
CA SER E 356 -42.97 10.03 -5.61
C SER E 356 -43.40 8.57 -5.43
N GLY E 357 -43.58 8.13 -4.19
CA GLY E 357 -43.97 6.76 -3.93
C GLY E 357 -42.85 5.84 -3.55
N LYS E 358 -41.61 6.34 -3.46
CA LYS E 358 -40.50 5.49 -3.06
C LYS E 358 -40.66 4.99 -1.63
N ASN E 359 -41.25 5.80 -0.76
CA ASN E 359 -41.41 5.39 0.62
C ASN E 359 -42.37 4.21 0.74
N ILE E 360 -43.48 4.24 0.01
CA ILE E 360 -44.44 3.14 0.08
C ILE E 360 -43.86 1.88 -0.54
N ASN E 361 -43.08 2.01 -1.62
CA ASN E 361 -42.43 0.84 -2.20
C ASN E 361 -41.42 0.24 -1.23
N ASP E 362 -40.66 1.09 -0.54
CA ASP E 362 -39.72 0.60 0.46
C ASP E 362 -40.44 -0.10 1.60
N ILE E 363 -41.59 0.44 2.02
CA ILE E 363 -42.38 -0.23 3.06
C ILE E 363 -42.86 -1.58 2.56
N CYS E 364 -43.30 -1.65 1.30
CA CYS E 364 -43.71 -2.92 0.72
C CYS E 364 -42.55 -3.91 0.68
N LYS E 365 -41.32 -3.42 0.59
CA LYS E 365 -40.18 -4.31 0.72
C LYS E 365 -40.10 -4.94 2.11
N TYR E 366 -40.75 -4.32 3.11
CA TYR E 366 -40.71 -4.81 4.48
C TYR E 366 -41.83 -5.80 4.81
N VAL E 367 -42.80 -5.98 3.92
CA VAL E 367 -43.89 -6.90 4.20
C VAL E 367 -44.04 -7.90 3.07
N ILE E 368 -44.24 -7.40 1.86
CA ILE E 368 -44.46 -8.25 0.68
C ILE E 368 -43.19 -9.04 0.41
N PRO E 369 -43.23 -10.37 0.52
CA PRO E 369 -42.02 -11.17 0.30
C PRO E 369 -41.85 -11.58 -1.15
N SER E 370 -40.62 -11.97 -1.47
CA SER E 370 -40.30 -12.50 -2.79
C SER E 370 -40.43 -14.03 -2.78
N ASN E 371 -39.89 -14.68 -3.80
CA ASN E 371 -39.91 -16.13 -3.92
C ASN E 371 -39.31 -16.81 -2.69
N PHE E 388 -50.31 -14.15 5.49
CA PHE E 388 -49.64 -13.65 4.29
C PHE E 388 -50.30 -12.36 3.82
N LYS E 389 -49.50 -11.48 3.22
CA LYS E 389 -49.98 -10.21 2.68
C LYS E 389 -49.53 -10.08 1.23
N ASP E 390 -50.49 -10.02 0.32
CA ASP E 390 -50.21 -9.75 -1.08
C ASP E 390 -50.27 -8.24 -1.31
N ASP E 391 -50.24 -7.82 -2.57
CA ASP E 391 -50.23 -6.38 -2.89
C ASP E 391 -51.26 -6.12 -3.99
N ILE E 392 -52.51 -5.89 -3.58
CA ILE E 392 -53.52 -5.34 -4.47
C ILE E 392 -54.15 -4.13 -3.80
N GLU E 393 -54.70 -4.34 -2.60
CA GLU E 393 -55.22 -3.27 -1.77
C GLU E 393 -54.42 -3.06 -0.50
N HIS E 394 -53.53 -3.99 -0.16
CA HIS E 394 -52.70 -3.84 1.03
C HIS E 394 -51.76 -2.65 0.92
N ARG E 395 -51.48 -2.16 -0.29
CA ARG E 395 -50.71 -0.93 -0.41
C ARG E 395 -51.51 0.26 0.10
N LEU E 396 -52.81 0.30 -0.15
CA LEU E 396 -53.66 1.30 0.45
C LEU E 396 -53.66 1.17 1.97
N ASP E 397 -53.60 -0.06 2.48
CA ASP E 397 -53.50 -0.25 3.93
C ASP E 397 -52.17 0.27 4.46
N LEU E 398 -51.10 0.13 3.67
CA LEU E 398 -49.81 0.66 4.10
C LEU E 398 -49.82 2.18 4.13
N MET E 399 -50.45 2.82 3.14
CA MET E 399 -50.60 4.26 3.18
C MET E 399 -51.48 4.69 4.35
N GLU E 400 -52.52 3.91 4.64
CA GLU E 400 -53.37 4.22 5.78
C GLU E 400 -52.59 4.13 7.08
N CYS E 401 -51.71 3.13 7.20
CA CYS E 401 -50.85 3.04 8.37
C CYS E 401 -49.90 4.23 8.45
N THR E 402 -49.26 4.55 7.33
CA THR E 402 -48.39 5.72 7.27
C THR E 402 -49.12 6.98 7.73
N MET E 403 -50.42 7.06 7.47
CA MET E 403 -51.20 8.20 7.95
C MET E 403 -51.63 8.04 9.40
N LYS E 404 -51.75 6.81 9.89
CA LYS E 404 -51.99 6.60 11.32
C LYS E 404 -50.82 7.10 12.14
N TRP E 405 -49.61 6.67 11.78
CA TRP E 405 -48.41 7.32 12.25
C TRP E 405 -48.37 8.74 11.70
N GLN E 406 -47.40 9.52 12.17
CA GLN E 406 -47.34 10.92 11.76
C GLN E 406 -46.05 11.22 11.02
N ASN E 407 -45.54 10.27 10.26
CA ASN E 407 -44.43 10.50 9.35
C ASN E 407 -44.65 9.72 8.07
N ILE E 408 -44.34 10.36 6.94
CA ILE E 408 -44.55 9.74 5.63
C ILE E 408 -43.39 8.84 5.22
N ALA E 409 -42.29 8.84 5.96
CA ALA E 409 -41.14 7.98 5.68
C ALA E 409 -40.69 7.35 6.99
N PRO E 410 -41.33 6.24 7.39
CA PRO E 410 -40.85 5.55 8.61
C PRO E 410 -39.42 5.07 8.50
N THR E 411 -39.08 4.40 7.40
CA THR E 411 -37.71 3.95 7.18
C THR E 411 -36.88 5.05 6.55
N ALA E 412 -36.87 6.24 7.15
CA ALA E 412 -36.21 7.38 6.51
C ALA E 412 -34.70 7.27 6.56
N PRO E 413 -34.06 7.09 7.72
CA PRO E 413 -32.59 6.98 7.70
C PRO E 413 -32.13 5.62 7.21
N ASP E 414 -32.77 4.54 7.67
CA ASP E 414 -32.18 3.22 7.53
C ASP E 414 -32.32 2.63 6.13
N THR E 415 -33.48 2.76 5.51
CA THR E 415 -33.65 1.96 4.30
C THR E 415 -33.78 2.80 3.04
N LEU E 416 -34.64 3.81 3.03
CA LEU E 416 -34.74 4.72 1.89
C LEU E 416 -33.94 5.97 2.26
N TRP E 417 -32.73 6.07 1.73
CA TRP E 417 -31.75 7.02 2.22
C TRP E 417 -32.25 8.45 2.13
N CYS E 418 -31.97 9.22 3.18
CA CYS E 418 -32.39 10.61 3.27
C CYS E 418 -31.25 11.45 3.84
N TYR E 419 -31.47 12.75 3.88
CA TYR E 419 -30.46 13.66 4.42
C TYR E 419 -30.41 13.52 5.94
N PRO E 420 -29.22 13.43 6.54
CA PRO E 420 -29.15 13.29 7.99
C PRO E 420 -29.58 14.56 8.72
N TYR E 421 -30.89 14.78 8.78
CA TYR E 421 -31.43 15.98 9.41
C TYR E 421 -31.01 16.05 10.88
N THR E 422 -30.94 17.28 11.40
CA THR E 422 -30.62 17.52 12.79
C THR E 422 -31.65 18.48 13.38
N ASP E 423 -32.19 18.12 14.54
CA ASP E 423 -33.03 19.01 15.35
C ASP E 423 -34.38 19.28 14.70
N LYS E 424 -34.60 18.79 13.49
CA LYS E 424 -35.87 19.00 12.82
C LYS E 424 -36.01 17.99 11.69
N ASP E 425 -37.15 17.31 11.65
CA ASP E 425 -37.43 16.29 10.64
C ASP E 425 -38.65 16.73 9.84
N PRO E 426 -38.56 16.90 8.53
CA PRO E 426 -39.73 17.31 7.76
C PRO E 426 -40.64 16.14 7.40
N PHE E 427 -40.12 14.92 7.53
CA PHE E 427 -40.91 13.74 7.18
C PHE E 427 -42.01 13.48 8.20
N VAL E 428 -41.80 13.89 9.46
CA VAL E 428 -42.85 13.78 10.45
C VAL E 428 -43.91 14.83 10.18
N LEU E 429 -45.17 14.45 10.29
CA LEU E 429 -46.26 15.35 9.92
C LEU E 429 -46.54 16.35 11.02
N ASP E 430 -46.98 17.54 10.62
CA ASP E 430 -47.47 18.54 11.55
C ASP E 430 -48.97 18.77 11.43
N LYS E 431 -49.57 18.42 10.31
CA LYS E 431 -51.01 18.50 10.12
C LYS E 431 -51.41 17.50 9.04
N TRP E 432 -52.61 16.98 9.17
CA TRP E 432 -53.08 16.00 8.20
C TRP E 432 -53.60 16.70 6.94
N PRO E 433 -53.15 16.31 5.76
CA PRO E 433 -53.61 16.96 4.53
C PRO E 433 -54.90 16.33 4.02
N HIS E 434 -55.74 17.17 3.40
CA HIS E 434 -57.01 16.67 2.88
C HIS E 434 -56.81 15.55 1.88
N VAL E 435 -55.76 15.62 1.07
CA VAL E 435 -55.45 14.57 0.10
C VAL E 435 -54.02 14.09 0.35
N TYR E 436 -53.78 12.82 0.02
CA TYR E 436 -52.47 12.22 0.15
C TYR E 436 -52.24 11.33 -1.07
N ILE E 437 -51.33 11.75 -1.94
CA ILE E 437 -51.09 11.07 -3.21
C ILE E 437 -49.79 10.32 -3.13
N VAL E 438 -49.80 9.08 -3.63
CA VAL E 438 -48.62 8.23 -3.68
C VAL E 438 -48.44 7.79 -5.13
N ALA E 439 -47.31 8.15 -5.72
CA ALA E 439 -47.08 7.90 -7.15
C ALA E 439 -46.32 6.60 -7.34
N ASN E 440 -46.15 6.21 -8.61
CA ASN E 440 -45.34 5.05 -9.00
C ASN E 440 -45.83 3.77 -8.34
N GLN E 441 -47.13 3.60 -8.28
CA GLN E 441 -47.65 2.39 -7.69
C GLN E 441 -48.09 1.40 -8.75
N PRO E 442 -47.98 0.09 -8.49
CA PRO E 442 -48.37 -0.91 -9.49
C PRO E 442 -49.86 -0.95 -9.77
N TYR E 443 -50.69 -0.30 -8.94
CA TYR E 443 -52.13 -0.36 -9.11
C TYR E 443 -52.75 1.00 -8.79
N PHE E 444 -54.00 1.16 -9.20
CA PHE E 444 -54.76 2.37 -8.92
C PHE E 444 -55.81 2.08 -7.86
N GLY E 445 -56.00 3.04 -6.95
CA GLY E 445 -56.98 2.90 -5.90
C GLY E 445 -57.04 4.11 -5.01
N THR E 446 -58.25 4.47 -4.56
CA THR E 446 -58.43 5.61 -3.67
C THR E 446 -59.26 5.16 -2.46
N ARG E 447 -59.06 5.85 -1.35
CA ARG E 447 -59.79 5.50 -0.13
C ARG E 447 -59.76 6.69 0.82
N VAL E 448 -60.91 6.98 1.42
CA VAL E 448 -61.03 8.01 2.43
C VAL E 448 -60.96 7.35 3.80
N VAL E 449 -59.99 7.78 4.61
CA VAL E 449 -59.75 7.20 5.92
C VAL E 449 -59.92 8.29 6.97
N GLU E 450 -60.62 7.96 8.05
CA GLU E 450 -60.93 8.90 9.12
C GLU E 450 -60.21 8.46 10.39
N ILE E 451 -59.36 9.33 10.92
CA ILE E 451 -58.61 9.05 12.15
C ILE E 451 -58.93 10.19 13.11
N GLY E 452 -59.94 10.00 13.94
CA GLY E 452 -60.32 11.01 14.90
C GLY E 452 -61.00 12.22 14.29
N GLY E 453 -62.04 11.98 13.50
CA GLY E 453 -62.82 13.03 12.86
C GLY E 453 -62.21 13.61 11.61
N LYS E 454 -60.90 13.84 11.62
CA LYS E 454 -60.19 14.40 10.47
C LYS E 454 -60.02 13.30 9.44
N ASN E 455 -60.95 13.23 8.50
CA ASN E 455 -60.88 12.25 7.42
C ASN E 455 -60.16 12.84 6.22
N ILE E 456 -59.30 12.03 5.61
CA ILE E 456 -58.47 12.45 4.49
C ILE E 456 -58.56 11.42 3.37
N LYS E 457 -58.40 11.91 2.14
CA LYS E 457 -58.42 11.05 0.96
C LYS E 457 -57.00 10.63 0.61
N ILE E 458 -56.83 9.36 0.27
CA ILE E 458 -55.54 8.80 -0.09
C ILE E 458 -55.69 8.15 -1.46
N ILE E 459 -54.90 8.63 -2.42
CA ILE E 459 -54.98 8.17 -3.80
C ILE E 459 -53.67 7.47 -4.16
N SER E 460 -53.77 6.44 -4.99
CA SER E 460 -52.62 5.66 -5.45
C SER E 460 -52.54 5.78 -6.96
N VAL E 461 -51.88 6.81 -7.45
CA VAL E 461 -51.73 7.01 -8.89
C VAL E 461 -50.67 6.05 -9.42
N PRO E 462 -50.97 5.28 -10.46
CA PRO E 462 -50.02 4.28 -10.95
C PRO E 462 -48.98 4.90 -11.86
N GLU E 463 -48.13 4.04 -12.41
CA GLU E 463 -47.12 4.45 -13.36
C GLU E 463 -47.76 4.61 -14.73
N PHE E 464 -47.59 5.80 -15.33
CA PHE E 464 -48.19 6.06 -16.63
C PHE E 464 -47.58 5.19 -17.71
N SER E 465 -46.34 4.73 -17.51
CA SER E 465 -45.65 3.97 -18.55
C SER E 465 -46.26 2.59 -18.73
N SER E 466 -46.46 1.87 -17.63
CA SER E 466 -47.06 0.54 -17.71
C SER E 466 -48.51 0.64 -18.17
N THR E 467 -49.34 1.32 -17.39
CA THR E 467 -50.74 1.56 -17.73
C THR E 467 -50.95 3.05 -17.88
N GLY E 468 -51.59 3.46 -18.97
CA GLY E 468 -51.73 4.86 -19.28
C GLY E 468 -52.73 5.61 -18.43
N MET E 469 -53.05 5.07 -17.26
CA MET E 469 -54.06 5.69 -16.41
C MET E 469 -53.57 7.01 -15.83
N ILE E 470 -54.33 8.07 -16.07
CA ILE E 470 -54.14 9.34 -15.37
C ILE E 470 -55.34 9.54 -14.47
N ILE E 471 -55.20 10.45 -13.50
CA ILE E 471 -56.20 10.63 -12.46
C ILE E 471 -56.65 12.08 -12.46
N LEU E 472 -57.91 12.31 -12.83
CA LEU E 472 -58.54 13.61 -12.63
C LEU E 472 -59.04 13.66 -11.19
N LEU E 473 -58.28 14.30 -10.32
CA LEU E 473 -58.70 14.48 -8.94
C LEU E 473 -59.53 15.76 -8.87
N ASP E 474 -60.82 15.60 -8.55
CA ASP E 474 -61.68 16.76 -8.41
C ASP E 474 -61.38 17.49 -7.11
N LEU E 475 -61.30 18.81 -7.19
CA LEU E 475 -61.09 19.62 -6.00
C LEU E 475 -62.40 20.01 -5.33
N GLU E 476 -63.52 19.86 -6.04
CA GLU E 476 -64.82 20.20 -5.45
C GLU E 476 -65.19 19.21 -4.34
N THR E 477 -65.17 17.91 -4.65
CA THR E 477 -65.57 16.91 -3.68
C THR E 477 -64.66 15.68 -3.67
N LEU E 478 -63.48 15.75 -4.27
CA LEU E 478 -62.47 14.69 -4.18
C LEU E 478 -62.97 13.37 -4.75
N GLU E 479 -63.26 13.39 -6.04
CA GLU E 479 -63.62 12.19 -6.80
C GLU E 479 -62.50 11.91 -7.79
N ALA E 480 -61.62 10.98 -7.42
CA ALA E 480 -60.47 10.65 -8.28
C ALA E 480 -60.90 9.81 -9.46
N GLU E 481 -61.31 10.45 -10.54
CA GLU E 481 -61.71 9.74 -11.75
C GLU E 481 -60.47 9.28 -12.51
N THR E 482 -60.63 8.20 -13.26
CA THR E 482 -59.52 7.63 -14.02
C THR E 482 -59.73 7.86 -15.51
N VAL E 483 -58.61 8.02 -16.23
CA VAL E 483 -58.61 8.15 -17.68
C VAL E 483 -57.48 7.28 -18.22
N LYS E 484 -57.81 6.11 -18.74
CA LYS E 484 -56.83 5.16 -19.23
C LYS E 484 -56.55 5.40 -20.71
N ILE E 485 -55.28 5.29 -21.09
CA ILE E 485 -54.85 5.50 -22.46
C ILE E 485 -54.09 4.26 -22.91
N ASP E 486 -54.47 3.72 -24.06
CA ASP E 486 -53.82 2.52 -24.58
C ASP E 486 -53.48 2.66 -26.06
N LYS F 4 -60.26 24.47 -49.65
CA LYS F 4 -59.24 24.42 -48.61
C LYS F 4 -58.04 23.60 -49.07
N ALA F 5 -56.84 23.99 -48.64
CA ALA F 5 -55.60 23.34 -49.06
C ALA F 5 -55.36 22.00 -48.39
N SER F 6 -56.36 21.44 -47.69
CA SER F 6 -56.18 20.20 -46.95
C SER F 6 -55.66 19.08 -47.84
N TYR F 7 -56.37 18.80 -48.93
CA TYR F 7 -55.97 17.71 -49.82
C TYR F 7 -54.57 17.94 -50.38
N PHE F 8 -54.19 19.19 -50.60
CA PHE F 8 -52.88 19.49 -51.15
C PHE F 8 -51.79 19.41 -50.08
N ILE F 9 -52.02 20.04 -48.93
CA ILE F 9 -51.00 20.09 -47.88
C ILE F 9 -50.86 18.75 -47.17
N ASN F 10 -51.84 17.87 -47.28
CA ASN F 10 -51.67 16.50 -46.80
C ASN F 10 -50.73 15.73 -47.71
N GLU F 11 -50.88 15.90 -49.03
CA GLU F 11 -50.04 15.18 -49.97
C GLU F 11 -48.58 15.60 -49.86
N LYS F 12 -48.32 16.86 -49.50
CA LYS F 12 -46.94 17.28 -49.25
C LYS F 12 -46.33 16.49 -48.09
N LEU F 13 -47.15 16.09 -47.12
CA LEU F 13 -46.72 15.19 -46.07
C LEU F 13 -46.81 13.72 -46.48
N PHE F 14 -47.12 13.45 -47.75
CA PHE F 14 -47.16 12.10 -48.29
C PHE F 14 -46.10 11.84 -49.34
N THR F 15 -45.69 12.84 -50.11
CA THR F 15 -44.45 12.72 -50.87
C THR F 15 -43.26 12.61 -49.92
N GLU F 16 -43.31 13.34 -48.81
CA GLU F 16 -42.39 13.14 -47.70
C GLU F 16 -42.91 11.99 -46.86
N VAL F 17 -42.05 10.99 -46.63
CA VAL F 17 -42.49 9.75 -46.00
C VAL F 17 -42.95 9.95 -44.56
N LYS F 18 -42.51 11.04 -43.92
CA LYS F 18 -42.83 11.26 -42.52
C LYS F 18 -44.34 11.37 -42.32
N PRO F 19 -44.90 10.72 -41.30
CA PRO F 19 -46.36 10.71 -41.13
C PRO F 19 -46.91 12.09 -40.85
N VAL F 20 -48.23 12.22 -41.08
CA VAL F 20 -48.95 13.46 -40.84
C VAL F 20 -49.94 13.24 -39.71
N LEU F 21 -49.76 13.96 -38.62
CA LEU F 21 -50.65 13.85 -37.48
C LEU F 21 -52.00 14.52 -37.79
N PHE F 22 -53.01 14.17 -36.99
CA PHE F 22 -54.26 14.90 -37.08
C PHE F 22 -54.12 16.32 -36.55
N THR F 23 -53.04 16.60 -35.81
CA THR F 23 -52.73 17.96 -35.40
C THR F 23 -51.90 18.70 -36.45
N ASP F 24 -51.32 17.99 -37.41
CA ASP F 24 -50.64 18.67 -38.50
C ASP F 24 -51.63 19.48 -39.34
N LEU F 25 -52.88 19.05 -39.40
CA LEU F 25 -53.90 19.87 -40.07
C LEU F 25 -54.12 21.18 -39.32
N ILE F 26 -54.14 21.14 -37.99
CA ILE F 26 -54.27 22.36 -37.20
C ILE F 26 -53.03 23.24 -37.37
N HIS F 27 -51.85 22.61 -37.50
CA HIS F 27 -50.62 23.36 -37.69
C HIS F 27 -50.59 24.03 -39.05
N HIS F 28 -51.13 23.36 -40.06
CA HIS F 28 -51.06 23.87 -41.42
C HIS F 28 -52.16 24.88 -41.70
N LEU F 29 -53.42 24.44 -41.63
CA LEU F 29 -54.54 25.26 -42.06
C LEU F 29 -55.11 26.13 -40.94
N LYS F 30 -54.68 25.93 -39.69
CA LYS F 30 -55.13 26.72 -38.55
C LYS F 30 -56.64 26.60 -38.37
N ILE F 31 -57.12 25.35 -38.29
CA ILE F 31 -58.54 25.07 -38.13
C ILE F 31 -58.73 24.26 -36.85
N GLY F 32 -59.98 24.22 -36.37
CA GLY F 32 -60.31 23.51 -35.16
C GLY F 32 -60.15 22.01 -35.29
N PRO F 33 -60.06 21.32 -34.15
CA PRO F 33 -59.84 19.87 -34.19
C PRO F 33 -60.96 19.09 -34.86
N SER F 34 -62.21 19.48 -34.63
CA SER F 34 -63.32 18.75 -35.22
C SER F 34 -63.31 18.85 -36.73
N MET F 35 -63.02 20.03 -37.26
CA MET F 35 -62.94 20.19 -38.71
C MET F 35 -61.75 19.41 -39.28
N ALA F 36 -60.64 19.37 -38.56
CA ALA F 36 -59.51 18.56 -39.01
C ALA F 36 -59.87 17.08 -39.04
N LYS F 37 -60.63 16.62 -38.06
CA LYS F 37 -61.07 15.23 -38.06
C LYS F 37 -62.00 14.95 -39.22
N LYS F 38 -62.91 15.87 -39.52
CA LYS F 38 -63.78 15.71 -40.68
C LYS F 38 -62.97 15.66 -41.97
N LEU F 39 -61.94 16.50 -42.06
CA LEU F 39 -61.08 16.51 -43.23
C LEU F 39 -60.38 15.18 -43.42
N MET F 40 -59.78 14.67 -42.34
CA MET F 40 -59.11 13.37 -42.43
C MET F 40 -60.10 12.27 -42.76
N PHE F 41 -61.32 12.35 -42.22
CA PHE F 41 -62.33 11.33 -42.51
C PHE F 41 -62.69 11.32 -43.99
N ASP F 42 -62.97 12.50 -44.57
CA ASP F 42 -63.32 12.52 -45.98
C ASP F 42 -62.13 12.11 -46.85
N TYR F 43 -60.92 12.49 -46.45
CA TYR F 43 -59.74 12.05 -47.18
C TYR F 43 -59.63 10.52 -47.16
N TYR F 44 -59.98 9.90 -46.04
CA TYR F 44 -60.00 8.44 -45.98
C TYR F 44 -61.17 7.85 -46.75
N LYS F 45 -62.24 8.63 -46.97
CA LYS F 45 -63.45 8.07 -47.57
C LYS F 45 -63.33 7.99 -49.09
N GLN F 46 -63.17 9.14 -49.76
CA GLN F 46 -63.20 9.19 -51.22
C GLN F 46 -61.85 9.53 -51.85
N THR F 47 -60.89 10.04 -51.07
CA THR F 47 -59.58 10.36 -51.59
C THR F 47 -58.59 9.20 -51.45
N THR F 48 -59.10 7.97 -51.41
CA THR F 48 -58.26 6.79 -51.30
C THR F 48 -58.38 5.91 -52.53
N ALA F 50 -54.51 7.13 -52.73
CA ALA F 50 -53.31 6.30 -52.64
C ALA F 50 -53.49 5.18 -51.62
N LYS F 51 -52.38 4.63 -51.14
CA LYS F 51 -52.38 3.56 -50.17
C LYS F 51 -51.61 4.01 -48.93
N TYR F 52 -52.20 3.78 -47.76
CA TYR F 52 -51.58 4.18 -46.50
C TYR F 52 -52.18 3.34 -45.38
N ASN F 53 -51.37 3.07 -44.37
CA ASN F 53 -51.86 2.38 -43.18
C ASN F 53 -52.60 3.37 -42.29
N CYS F 54 -53.83 3.00 -41.91
CA CYS F 54 -54.69 3.87 -41.12
C CYS F 54 -54.78 3.36 -39.69
N VAL F 55 -54.83 4.30 -38.75
CA VAL F 55 -55.02 4.00 -37.34
C VAL F 55 -56.07 4.94 -36.79
N VAL F 56 -57.05 4.39 -36.08
CA VAL F 56 -58.12 5.17 -35.50
C VAL F 56 -58.07 5.03 -33.98
N ILE F 57 -58.54 6.06 -33.29
CA ILE F 57 -58.61 6.06 -31.83
C ILE F 57 -60.07 6.24 -31.43
N CYS F 58 -60.64 5.23 -30.80
CA CYS F 58 -62.04 5.23 -30.40
C CYS F 58 -62.14 5.56 -28.92
N CYS F 59 -62.92 6.58 -28.59
CA CYS F 59 -63.18 6.91 -27.19
C CYS F 59 -64.18 5.91 -26.60
N TYR F 60 -64.33 5.95 -25.28
CA TYR F 60 -65.18 5.01 -24.56
C TYR F 60 -65.90 5.77 -23.45
N LYS F 61 -66.66 5.03 -22.64
CA LYS F 61 -67.31 5.62 -21.48
C LYS F 61 -66.31 5.84 -20.34
N ASP F 62 -65.41 4.88 -20.12
CA ASP F 62 -64.33 5.04 -19.16
C ASP F 62 -63.16 5.84 -19.73
N GLN F 63 -63.39 6.53 -20.85
CA GLN F 63 -62.37 7.34 -21.51
C GLN F 63 -61.15 6.50 -21.86
N THR F 64 -61.36 5.21 -22.14
CA THR F 64 -60.28 4.30 -22.51
C THR F 64 -59.87 4.62 -23.95
N ILE F 65 -59.11 5.70 -24.09
CA ILE F 65 -58.66 6.15 -25.40
C ILE F 65 -57.58 5.19 -25.89
N LYS F 66 -57.98 4.25 -26.74
CA LYS F 66 -57.08 3.22 -27.23
C LYS F 66 -56.84 3.39 -28.72
N ILE F 67 -55.59 3.14 -29.13
CA ILE F 67 -55.25 3.16 -30.55
C ILE F 67 -55.69 1.83 -31.15
N ILE F 68 -56.74 1.88 -31.98
CA ILE F 68 -57.29 0.67 -32.58
C ILE F 68 -56.36 0.25 -33.70
N HIS F 69 -55.51 -0.74 -33.44
CA HIS F 69 -54.64 -1.32 -34.44
C HIS F 69 -55.16 -2.69 -34.86
N ASP F 70 -54.64 -3.17 -36.00
CA ASP F 70 -54.97 -4.45 -36.62
C ASP F 70 -56.46 -4.60 -36.91
N LEU F 71 -57.21 -3.52 -36.72
CA LEU F 71 -58.64 -3.45 -37.06
C LEU F 71 -59.42 -4.58 -36.41
N SER F 72 -59.27 -4.72 -35.09
CA SER F 72 -60.04 -5.72 -34.35
C SER F 72 -61.44 -5.22 -34.03
N ASN F 73 -61.53 -4.03 -33.41
CA ASN F 73 -62.78 -3.36 -33.05
C ASN F 73 -63.78 -4.29 -32.35
N ILE F 74 -63.29 -5.35 -31.72
CA ILE F 74 -64.14 -6.30 -31.00
C ILE F 74 -64.57 -5.76 -29.64
N PRO F 75 -63.64 -5.26 -28.78
CA PRO F 75 -64.06 -4.87 -27.43
C PRO F 75 -64.99 -3.67 -27.38
N GLN F 76 -66.23 -3.90 -26.93
CA GLN F 76 -67.19 -2.85 -26.63
C GLN F 76 -67.46 -1.98 -27.86
N GLN F 77 -68.06 -2.61 -28.87
CA GLN F 77 -68.49 -1.87 -30.06
C GLN F 77 -69.52 -0.81 -29.71
N ASP F 78 -70.39 -1.08 -28.73
CA ASP F 78 -71.44 -0.14 -28.35
C ASP F 78 -70.97 0.90 -27.35
N SER F 79 -69.99 0.57 -26.51
CA SER F 79 -69.49 1.52 -25.52
C SER F 79 -68.60 2.59 -26.13
N ILE F 80 -68.42 2.60 -27.45
CA ILE F 80 -67.61 3.60 -28.11
C ILE F 80 -68.51 4.79 -28.45
N ILE F 81 -68.27 5.93 -27.80
CA ILE F 81 -69.05 7.12 -28.05
C ILE F 81 -68.47 7.99 -29.16
N ASP F 82 -67.20 7.81 -29.50
CA ASP F 82 -66.56 8.60 -30.54
C ASP F 82 -65.33 7.87 -31.02
N CYS F 83 -64.93 8.16 -32.25
CA CYS F 83 -63.72 7.57 -32.81
C CYS F 83 -63.14 8.50 -33.85
N PHE F 84 -61.99 9.09 -33.56
CA PHE F 84 -61.27 9.89 -34.54
C PHE F 84 -60.36 8.99 -35.37
N ILE F 85 -59.95 9.52 -36.51
CA ILE F 85 -58.97 8.85 -37.37
C ILE F 85 -57.62 9.49 -37.08
N TYR F 86 -56.71 8.72 -36.51
CA TYR F 86 -55.43 9.25 -36.05
C TYR F 86 -54.49 9.44 -37.24
N ALA F 87 -53.21 9.69 -36.96
CA ALA F 87 -52.22 10.07 -37.97
C ALA F 87 -52.16 9.09 -39.13
N PHE F 88 -51.66 9.57 -40.27
CA PHE F 88 -51.50 8.75 -41.46
C PHE F 88 -50.05 8.29 -41.56
N ASN F 89 -49.84 6.97 -41.49
CA ASN F 89 -48.50 6.44 -41.64
C ASN F 89 -48.45 5.48 -42.83
N PRO F 90 -47.37 5.53 -43.63
CA PRO F 90 -47.24 4.66 -44.80
C PRO F 90 -46.67 3.28 -44.47
N PHE F 94 -42.27 5.83 -34.57
CA PHE F 94 -43.43 6.42 -35.22
C PHE F 94 -43.03 7.72 -35.90
N ILE F 95 -43.43 8.84 -35.29
CA ILE F 95 -43.15 10.17 -35.82
C ILE F 95 -42.11 10.83 -34.91
N PRO F 96 -41.12 11.55 -35.46
CA PRO F 96 -40.31 12.43 -34.61
C PRO F 96 -41.24 13.36 -33.83
N TYR F 97 -41.30 13.16 -32.52
CA TYR F 97 -42.39 13.70 -31.74
C TYR F 97 -42.15 15.17 -31.40
N TYR F 98 -43.24 15.92 -31.34
CA TYR F 98 -43.23 17.32 -30.94
C TYR F 98 -42.31 18.13 -31.83
N ASP F 99 -42.64 18.17 -33.11
CA ASP F 99 -42.05 19.16 -34.00
C ASP F 99 -42.55 20.51 -33.52
N ILE F 100 -41.67 21.26 -32.86
CA ILE F 100 -42.05 22.41 -32.04
C ILE F 100 -42.94 23.36 -32.80
N ILE F 101 -44.14 23.60 -32.28
CA ILE F 101 -45.12 24.50 -32.87
C ILE F 101 -45.34 25.65 -31.89
N ASP F 102 -45.44 26.86 -32.43
CA ASP F 102 -45.66 28.04 -31.59
C ASP F 102 -47.02 28.03 -30.90
N GLN F 103 -47.96 27.21 -31.37
CA GLN F 103 -49.27 27.03 -30.75
C GLN F 103 -50.07 28.32 -30.68
N LYS F 104 -49.73 29.31 -31.49
CA LYS F 104 -50.52 30.53 -31.56
C LYS F 104 -51.70 30.32 -32.49
N ASP F 105 -52.90 30.64 -32.00
CA ASP F 105 -54.16 30.50 -32.73
C ASP F 105 -54.45 29.05 -33.12
N CYS F 106 -53.74 28.08 -32.54
CA CYS F 106 -54.02 26.68 -32.73
C CYS F 106 -54.59 26.02 -31.48
N LEU F 107 -55.05 26.82 -30.53
CA LEU F 107 -55.50 26.35 -29.23
C LEU F 107 -57.01 26.37 -29.17
N THR F 108 -57.62 25.18 -29.07
CA THR F 108 -59.04 25.11 -28.73
C THR F 108 -59.28 25.64 -27.32
N ILE F 109 -58.28 25.47 -26.45
CA ILE F 109 -58.36 25.89 -25.06
C ILE F 109 -57.10 26.66 -24.71
N LYS F 110 -57.24 27.96 -24.49
CA LYS F 110 -56.09 28.78 -24.14
C LYS F 110 -55.80 28.67 -22.64
N ASN F 111 -54.59 29.07 -22.26
CA ASN F 111 -54.20 28.98 -20.87
C ASN F 111 -54.82 30.11 -20.06
N SER F 112 -54.88 29.89 -18.75
CA SER F 112 -55.47 30.84 -17.83
C SER F 112 -54.45 31.80 -17.23
N TYR F 113 -53.29 31.95 -17.85
CA TYR F 113 -52.24 32.77 -17.26
C TYR F 113 -51.57 33.68 -18.29
N GLU F 114 -50.47 34.30 -17.90
CA GLU F 114 -49.95 35.48 -18.58
C GLU F 114 -48.62 35.25 -19.29
N LEU F 115 -47.72 34.45 -18.72
CA LEU F 115 -46.38 34.26 -19.26
C LEU F 115 -45.65 35.60 -19.38
N LYS F 116 -45.44 36.24 -18.23
CA LYS F 116 -44.79 37.53 -18.19
C LYS F 116 -43.28 37.41 -18.09
N MET G 1 44.36 33.72 22.73
CA MET G 1 43.71 33.06 21.55
C MET G 1 44.79 32.67 20.53
N LEU G 2 44.37 32.02 19.45
CA LEU G 2 45.28 31.59 18.35
C LEU G 2 44.92 32.39 17.08
N GLU G 3 45.84 33.25 16.64
CA GLU G 3 45.62 34.07 15.45
C GLU G 3 46.60 33.65 14.37
N ALA G 4 46.12 32.87 13.41
CA ALA G 4 46.89 32.45 12.24
C ALA G 4 46.09 32.82 11.01
N LYS G 5 46.49 33.88 10.31
CA LYS G 5 45.78 34.38 9.16
C LYS G 5 46.58 34.06 7.89
N PHE G 6 45.97 33.31 6.99
CA PHE G 6 46.60 32.94 5.73
C PHE G 6 46.56 34.14 4.78
N GLU G 7 47.51 34.17 3.84
CA GLU G 7 47.54 35.26 2.86
C GLU G 7 46.33 35.20 1.95
N GLU G 8 45.93 33.99 1.55
CA GLU G 8 44.75 33.78 0.74
C GLU G 8 44.03 32.53 1.21
N ALA G 9 42.70 32.54 1.14
CA ALA G 9 41.92 31.39 1.58
C ALA G 9 42.18 30.16 0.73
N SER G 10 42.57 30.34 -0.53
CA SER G 10 42.80 29.23 -1.45
C SER G 10 44.08 28.46 -1.15
N LEU G 11 44.85 28.86 -0.13
CA LEU G 11 46.08 28.17 0.21
C LEU G 11 45.81 26.96 1.10
N PHE G 12 45.07 27.16 2.19
CA PHE G 12 44.69 26.07 3.09
C PHE G 12 43.92 24.97 2.37
N LYS G 13 43.07 25.34 1.40
CA LYS G 13 42.34 24.35 0.63
C LYS G 13 43.28 23.39 -0.09
N ARG G 14 44.21 23.92 -0.88
CA ARG G 14 45.17 23.07 -1.58
C ARG G 14 46.06 22.32 -0.61
N ILE G 15 46.38 22.94 0.53
CA ILE G 15 47.20 22.25 1.54
C ILE G 15 46.50 20.98 2.00
N ILE G 16 45.20 21.08 2.32
CA ILE G 16 44.46 19.93 2.81
C ILE G 16 44.05 18.98 1.68
N ASP G 17 44.07 19.43 0.42
CA ASP G 17 43.77 18.52 -0.68
C ASP G 17 44.64 17.27 -0.70
N GLY G 18 45.84 17.33 -0.13
CA GLY G 18 46.68 16.14 -0.08
C GLY G 18 46.26 15.19 1.03
N PHE G 19 45.87 15.73 2.17
CA PHE G 19 45.51 14.93 3.33
C PHE G 19 44.17 14.21 3.13
N LYS G 20 43.17 14.96 2.68
CA LYS G 20 41.76 14.56 2.68
C LYS G 20 41.53 13.11 2.28
N ASP G 21 42.14 12.68 1.18
CA ASP G 21 41.89 11.34 0.64
C ASP G 21 42.55 10.24 1.46
N CYS G 22 43.85 10.38 1.75
CA CYS G 22 44.58 9.30 2.41
C CYS G 22 44.52 9.40 3.93
N VAL G 23 44.57 10.61 4.48
CA VAL G 23 44.63 10.82 5.92
C VAL G 23 43.21 10.86 6.47
N GLN G 24 42.95 10.00 7.46
CA GLN G 24 41.63 9.95 8.08
C GLN G 24 41.50 11.02 9.17
N LEU G 25 42.34 10.93 10.19
CA LEU G 25 42.38 11.90 11.28
C LEU G 25 43.82 12.35 11.51
N VAL G 26 43.97 13.63 11.87
CA VAL G 26 45.32 14.21 12.10
C VAL G 26 45.25 15.27 13.22
N ASN G 27 46.19 15.20 14.17
CA ASN G 27 46.26 16.17 15.29
C ASN G 27 47.26 17.28 14.93
N PHE G 28 46.78 18.51 14.75
CA PHE G 28 47.62 19.64 14.37
C PHE G 28 48.27 20.20 15.62
N GLN G 29 49.60 20.18 15.65
CA GLN G 29 50.36 20.71 16.77
C GLN G 29 50.92 22.07 16.37
N CYS G 30 50.37 23.12 16.97
CA CYS G 30 50.78 24.49 16.67
C CYS G 30 51.93 24.90 17.57
N LYS G 31 52.83 25.71 17.01
CA LYS G 31 53.99 26.20 17.76
C LYS G 31 54.19 27.69 17.52
N GLU G 32 55.31 28.23 17.99
CA GLU G 32 55.60 29.64 17.85
C GLU G 32 56.30 29.97 16.53
N ASP G 33 56.63 28.96 15.72
CA ASP G 33 57.28 29.17 14.43
C ASP G 33 56.44 28.70 13.25
N GLY G 34 55.29 28.09 13.49
CA GLY G 34 54.44 27.62 12.43
C GLY G 34 53.59 26.45 12.91
N ILE G 35 53.07 25.70 11.95
CA ILE G 35 52.19 24.57 12.22
C ILE G 35 52.81 23.30 11.64
N ILE G 36 52.73 22.23 12.42
CA ILE G 36 53.22 20.92 11.99
C ILE G 36 52.21 19.87 12.42
N ALA G 37 52.09 18.81 11.61
CA ALA G 37 51.14 17.74 11.88
C ALA G 37 51.51 16.53 11.03
N GLN G 38 51.35 15.35 11.61
CA GLN G 38 51.71 14.12 10.93
C GLN G 38 50.66 13.06 11.23
N ALA G 39 50.63 12.03 10.39
CA ALA G 39 49.70 10.92 10.55
C ALA G 39 50.20 9.75 9.71
N VAL G 40 49.69 8.56 10.02
CA VAL G 40 50.01 7.35 9.28
C VAL G 40 48.72 6.64 8.93
N ASP G 41 48.69 6.01 7.75
CA ASP G 41 47.51 5.29 7.31
C ASP G 41 47.20 4.13 8.25
N ASP G 42 45.97 3.61 8.13
CA ASP G 42 45.56 2.48 8.96
C ASP G 42 46.33 1.20 8.63
N SER G 43 46.92 1.11 7.45
CA SER G 43 47.74 -0.04 7.08
C SER G 43 49.22 0.18 7.36
N ARG G 44 49.62 1.38 7.80
CA ARG G 44 50.98 1.68 8.23
C ARG G 44 51.99 1.47 7.09
N VAL G 45 51.67 2.01 5.92
CA VAL G 45 52.59 2.01 4.79
C VAL G 45 53.00 3.41 4.36
N LEU G 46 52.15 4.41 4.55
CA LEU G 46 52.45 5.78 4.15
C LEU G 46 52.40 6.70 5.35
N LEU G 47 53.39 7.58 5.46
CA LEU G 47 53.47 8.56 6.54
C LEU G 47 53.47 9.95 5.93
N VAL G 48 52.57 10.81 6.42
CA VAL G 48 52.45 12.18 5.95
C VAL G 48 53.05 13.10 7.00
N SER G 49 53.65 14.21 6.56
CA SER G 49 54.26 15.19 7.45
C SER G 49 54.01 16.58 6.90
N LEU G 50 53.34 17.42 7.69
CA LEU G 50 53.02 18.79 7.30
C LEU G 50 53.94 19.75 8.04
N GLU G 51 54.43 20.75 7.30
CA GLU G 51 55.25 21.81 7.88
C GLU G 51 54.88 23.12 7.20
N ILE G 52 54.28 24.03 7.96
CA ILE G 52 53.85 25.33 7.45
C ILE G 52 54.50 26.40 8.33
N GLY G 53 55.31 27.26 7.70
CA GLY G 53 55.99 28.31 8.43
C GLY G 53 55.21 29.61 8.47
N VAL G 54 55.70 30.55 9.28
CA VAL G 54 55.02 31.82 9.47
C VAL G 54 55.02 32.64 8.19
N GLU G 55 56.05 32.46 7.35
CA GLU G 55 56.18 33.26 6.13
C GLU G 55 55.00 33.10 5.18
N ALA G 56 54.20 32.04 5.34
CA ALA G 56 52.99 31.83 4.55
C ALA G 56 51.76 32.42 5.23
N PHE G 57 51.96 33.35 6.16
CA PHE G 57 50.89 33.99 6.88
C PHE G 57 51.11 35.50 6.91
N GLN G 58 50.02 36.26 6.83
CA GLN G 58 50.08 37.69 7.02
C GLN G 58 50.29 38.08 8.48
N GLU G 59 49.85 37.24 9.42
CA GLU G 59 50.04 37.48 10.84
C GLU G 59 49.90 36.18 11.61
N TYR G 60 50.82 35.92 12.54
CA TYR G 60 50.80 34.69 13.32
C TYR G 60 51.04 35.03 14.79
N ARG G 61 50.21 34.46 15.67
CA ARG G 61 50.36 34.67 17.10
C ARG G 61 49.88 33.40 17.81
N CYS G 62 50.84 32.58 18.23
CA CYS G 62 50.53 31.31 18.89
C CYS G 62 51.35 31.17 20.16
N ASP G 63 51.28 32.18 21.04
CA ASP G 63 52.07 32.30 22.26
C ASP G 63 52.25 30.97 22.98
N HIS G 64 51.17 30.20 23.14
CA HIS G 64 51.30 28.90 23.78
C HIS G 64 51.13 27.79 22.76
N PRO G 65 51.91 26.71 22.87
CA PRO G 65 51.74 25.59 21.94
C PRO G 65 50.36 24.97 22.07
N VAL G 66 49.77 24.66 20.91
CA VAL G 66 48.41 24.11 20.85
C VAL G 66 48.46 22.75 20.16
N THR G 67 47.47 21.90 20.45
CA THR G 67 47.39 20.54 19.82
C THR G 67 45.93 20.15 19.64
N LEU G 68 45.42 20.23 18.40
CA LEU G 68 44.00 19.89 18.11
C LEU G 68 43.92 18.82 17.01
N GLY G 69 43.13 17.77 17.23
CA GLY G 69 42.94 16.70 16.21
C GLY G 69 41.49 16.65 15.77
N MET G 70 41.23 16.77 14.47
CA MET G 70 39.83 16.77 13.94
C MET G 70 39.74 15.93 12.66
N ASP G 71 38.56 15.93 12.03
CA ASP G 71 38.30 15.23 10.78
C ASP G 71 38.54 16.14 9.57
N LEU G 72 39.21 15.60 8.57
CA LEU G 72 39.53 16.40 7.37
C LEU G 72 38.32 16.55 6.46
N THR G 73 37.48 15.52 6.40
CA THR G 73 36.28 15.60 5.57
C THR G 73 35.35 16.71 6.03
N SER G 74 35.22 16.88 7.35
CA SER G 74 34.40 17.96 7.87
C SER G 74 35.11 19.31 7.72
N LEU G 75 36.43 19.33 7.90
CA LEU G 75 37.17 20.57 7.75
C LEU G 75 37.16 21.05 6.30
N SER G 76 37.30 20.12 5.35
CA SER G 76 37.27 20.50 3.94
C SER G 76 35.94 21.15 3.57
N LYS G 77 34.84 20.71 4.18
CA LYS G 77 33.54 21.33 3.97
C LYS G 77 33.58 22.79 4.38
N ILE G 78 34.16 23.08 5.55
CA ILE G 78 34.27 24.43 6.08
C ILE G 78 35.15 25.27 5.15
N LEU G 79 36.23 24.67 4.65
CA LEU G 79 37.16 25.42 3.80
C LEU G 79 36.58 25.70 2.42
N ARG G 80 35.69 24.85 1.93
CA ARG G 80 35.08 25.08 0.63
C ARG G 80 34.16 26.28 0.60
N CYS G 81 33.80 26.82 1.77
CA CYS G 81 32.92 27.97 1.84
C CYS G 81 33.66 29.27 1.62
N GLY G 82 34.94 29.18 1.24
CA GLY G 82 35.81 30.34 1.12
C GLY G 82 35.84 30.86 -0.31
N ASN G 83 35.51 32.14 -0.46
CA ASN G 83 35.62 32.80 -1.75
C ASN G 83 37.09 33.07 -2.06
N ASN G 84 37.36 33.39 -3.33
CA ASN G 84 38.70 33.70 -3.77
C ASN G 84 39.15 35.11 -3.40
N THR G 85 38.29 35.88 -2.71
CA THR G 85 38.64 37.22 -2.27
C THR G 85 38.62 37.36 -0.75
N ASP G 86 38.44 36.26 -0.03
CA ASP G 86 38.41 36.28 1.43
C ASP G 86 39.77 35.87 1.99
N THR G 87 39.95 36.08 3.29
CA THR G 87 41.17 35.74 3.99
C THR G 87 40.84 34.81 5.14
N LEU G 88 41.47 33.64 5.17
CA LEU G 88 41.24 32.66 6.22
C LEU G 88 41.99 33.04 7.48
N THR G 89 41.39 32.74 8.63
CA THR G 89 41.98 33.05 9.93
C THR G 89 41.55 31.97 10.93
N LEU G 90 42.49 31.14 11.37
CA LEU G 90 42.20 30.15 12.38
C LEU G 90 42.13 30.81 13.75
N ILE G 91 41.09 30.48 14.53
CA ILE G 91 40.85 31.12 15.81
C ILE G 91 40.55 30.02 16.83
N ALA G 92 41.37 29.93 17.87
CA ALA G 92 41.20 28.96 18.94
C ALA G 92 41.64 29.57 20.25
N ASP G 93 40.89 29.27 21.31
CA ASP G 93 41.16 29.83 22.63
C ASP G 93 42.19 28.97 23.37
N ASN G 94 42.35 29.23 24.66
CA ASN G 94 43.24 28.42 25.48
C ASN G 94 42.59 27.06 25.74
N THR G 95 43.35 25.98 25.50
CA THR G 95 42.85 24.61 25.57
C THR G 95 41.58 24.49 24.74
N PRO G 96 41.69 24.56 23.40
CA PRO G 96 40.49 24.65 22.57
C PRO G 96 39.69 23.36 22.58
N ASP G 97 38.37 23.50 22.65
CA ASP G 97 37.45 22.39 22.42
C ASP G 97 36.84 22.44 21.02
N SER G 98 37.01 23.56 20.31
CA SER G 98 36.51 23.72 18.95
C SER G 98 37.29 24.81 18.24
N ILE G 99 37.56 24.62 16.95
CA ILE G 99 38.29 25.60 16.17
C ILE G 99 37.29 26.50 15.45
N ILE G 100 37.72 27.74 15.17
CA ILE G 100 36.88 28.74 14.54
C ILE G 100 37.59 29.26 13.30
N LEU G 101 36.94 29.13 12.14
CA LEU G 101 37.47 29.61 10.88
C LEU G 101 36.73 30.88 10.48
N LEU G 102 37.47 31.86 9.98
CA LEU G 102 36.95 33.20 9.75
C LEU G 102 37.29 33.64 8.34
N PHE G 103 36.26 34.04 7.58
CA PHE G 103 36.42 34.61 6.25
C PHE G 103 35.97 36.06 6.26
N GLU G 104 36.85 36.96 5.81
CA GLU G 104 36.52 38.37 5.72
C GLU G 104 36.99 38.90 4.38
N ASP G 105 36.26 39.90 3.87
CA ASP G 105 36.61 40.57 2.64
C ASP G 105 37.40 41.84 2.95
N THR G 106 37.65 42.65 1.92
CA THR G 106 38.41 43.88 2.09
C THR G 106 37.71 45.10 1.49
N LYS G 107 36.58 44.91 0.82
CA LYS G 107 35.85 46.04 0.25
C LYS G 107 34.43 46.11 0.81
N LYS G 108 33.85 44.95 1.11
CA LYS G 108 32.52 44.86 1.69
C LYS G 108 32.60 44.04 2.97
N ASP G 109 32.01 44.57 4.04
CA ASP G 109 32.07 43.91 5.33
C ASP G 109 31.24 42.62 5.30
N ARG G 110 31.92 41.49 5.17
CA ARG G 110 31.27 40.18 5.11
C ARG G 110 32.02 39.24 6.04
N ILE G 111 31.43 38.96 7.20
CA ILE G 111 32.05 38.10 8.21
C ILE G 111 31.41 36.72 8.10
N ALA G 112 32.22 35.71 7.78
CA ALA G 112 31.77 34.33 7.72
C ALA G 112 32.51 33.57 8.81
N GLU G 113 31.82 33.27 9.91
CA GLU G 113 32.40 32.57 11.04
C GLU G 113 31.84 31.16 11.10
N TYR G 114 32.73 30.18 11.04
CA TYR G 114 32.35 28.77 11.08
C TYR G 114 33.02 28.11 12.28
N SER G 115 32.26 27.28 12.99
CA SER G 115 32.78 26.51 14.10
C SER G 115 33.02 25.07 13.66
N LEU G 116 33.96 24.41 14.32
CA LEU G 116 34.29 23.03 13.97
C LEU G 116 34.74 22.31 15.23
N LYS G 117 33.98 21.31 15.66
CA LYS G 117 34.37 20.53 16.83
C LYS G 117 35.64 19.73 16.53
N LEU G 118 36.50 19.62 17.54
CA LEU G 118 37.79 18.89 17.38
C LEU G 118 37.62 17.46 17.93
N ASP G 120 39.86 14.46 19.45
CA ASP G 120 41.08 13.97 20.16
C ASP G 120 41.17 12.46 20.01
N ILE G 121 42.25 11.98 19.37
CA ILE G 121 42.49 10.55 19.16
C ILE G 121 43.50 9.99 20.14
N ASP G 122 44.06 10.81 21.02
CA ASP G 122 45.04 10.37 22.01
C ASP G 122 46.25 9.72 21.35
N ALA G 123 46.73 10.33 20.26
CA ALA G 123 47.88 9.81 19.53
C ALA G 123 48.64 10.98 18.92
N ASP G 124 49.89 11.14 19.33
CA ASP G 124 50.74 12.21 18.81
C ASP G 124 52.12 11.67 18.48
N PHE G 125 52.17 10.50 17.84
CA PHE G 125 53.43 9.84 17.50
C PHE G 125 54.00 10.47 16.23
N LEU G 126 55.04 11.28 16.39
CA LEU G 126 55.74 11.91 15.26
C LEU G 126 57.15 11.33 15.21
N LYS G 127 57.44 10.57 14.16
CA LYS G 127 58.72 9.90 14.02
C LYS G 127 59.25 10.07 12.60
N ILE G 128 60.47 10.59 12.50
CA ILE G 128 61.18 10.69 11.23
C ILE G 128 62.62 10.22 11.46
N GLU G 129 63.11 9.38 10.56
CA GLU G 129 64.44 8.77 10.75
C GLU G 129 65.34 8.96 9.54
N GLU G 130 64.77 8.92 8.34
CA GLU G 130 65.57 9.00 7.13
C GLU G 130 65.91 10.45 6.80
N LEU G 131 67.22 10.73 6.69
CA LEU G 131 67.68 12.07 6.31
C LEU G 131 68.70 12.00 5.17
N GLN G 132 68.94 10.82 4.61
CA GLN G 132 69.91 10.67 3.54
C GLN G 132 69.49 9.56 2.58
N TYR G 133 69.13 9.93 1.36
CA TYR G 133 68.69 8.99 0.34
C TYR G 133 69.75 8.80 -0.72
N ASP G 134 69.63 7.70 -1.48
CA ASP G 134 70.63 7.36 -2.46
C ASP G 134 70.45 8.11 -3.77
N SER G 135 69.30 8.74 -4.00
CA SER G 135 69.07 9.49 -5.23
C SER G 135 68.05 10.58 -4.96
N THR G 136 68.20 11.70 -5.64
CA THR G 136 67.29 12.85 -5.53
C THR G 136 66.92 13.31 -6.93
N LEU G 137 65.61 13.51 -7.15
CA LEU G 137 65.12 13.96 -8.44
C LEU G 137 63.99 14.95 -8.22
N SER G 138 63.69 15.72 -9.27
CA SER G 138 62.61 16.69 -9.24
C SER G 138 61.99 16.79 -10.62
N LEU G 139 60.67 16.96 -10.65
CA LEU G 139 59.92 16.99 -11.90
C LEU G 139 58.60 17.69 -11.64
N PRO G 140 57.90 18.12 -12.69
CA PRO G 140 56.59 18.76 -12.49
C PRO G 140 55.60 17.83 -11.80
N SER G 141 54.76 18.40 -10.95
CA SER G 141 53.78 17.60 -10.22
C SER G 141 52.71 17.05 -11.15
N SER G 142 52.39 17.76 -12.23
CA SER G 142 51.40 17.27 -13.18
C SER G 142 51.95 16.14 -14.04
N GLU G 143 53.25 16.20 -14.36
CA GLU G 143 53.85 15.15 -15.17
C GLU G 143 53.96 13.83 -14.41
N PHE G 144 54.37 13.87 -13.14
CA PHE G 144 54.50 12.64 -12.36
C PHE G 144 53.15 11.96 -12.14
N SER G 145 52.14 12.76 -11.79
CA SER G 145 50.79 12.24 -11.59
C SER G 145 50.27 11.58 -12.86
N LYS G 146 50.61 12.15 -14.02
CA LYS G 146 50.20 11.61 -15.31
C LYS G 146 50.77 10.21 -15.49
N ILE G 147 52.08 10.06 -15.33
CA ILE G 147 52.75 8.77 -15.47
C ILE G 147 52.16 7.77 -14.48
N VAL G 148 51.91 8.24 -13.25
CA VAL G 148 51.40 7.35 -12.20
C VAL G 148 50.04 6.81 -12.58
N ARG G 149 49.11 7.69 -12.93
CA ARG G 149 47.76 7.23 -13.27
C ARG G 149 47.72 6.50 -14.60
N ASP G 150 48.72 6.70 -15.47
CA ASP G 150 48.80 5.90 -16.69
C ASP G 150 49.25 4.48 -16.38
N LEU G 151 50.25 4.34 -15.50
CA LEU G 151 50.76 3.00 -15.19
C LEU G 151 49.83 2.23 -14.28
N SER G 152 49.03 2.92 -13.46
CA SER G 152 48.14 2.23 -12.53
C SER G 152 47.03 1.47 -13.26
N GLN G 153 46.74 1.82 -14.50
CA GLN G 153 45.68 1.14 -15.25
C GLN G 153 46.07 -0.26 -15.66
N LEU G 154 47.37 -0.58 -15.69
CA LEU G 154 47.85 -1.87 -16.15
C LEU G 154 48.20 -2.83 -15.03
N SER G 155 48.34 -2.34 -13.80
CA SER G 155 48.75 -3.22 -12.70
C SER G 155 48.40 -2.54 -11.38
N ASP G 156 48.62 -3.27 -10.29
CA ASP G 156 48.37 -2.77 -8.95
C ASP G 156 49.62 -2.24 -8.26
N SER G 157 50.78 -2.28 -8.93
CA SER G 157 52.03 -1.80 -8.37
C SER G 157 52.85 -1.13 -9.46
N ILE G 158 53.70 -0.18 -9.05
CA ILE G 158 54.55 0.57 -9.97
C ILE G 158 55.97 0.55 -9.42
N ASN G 159 56.93 0.21 -10.28
CA ASN G 159 58.34 0.13 -9.90
C ASN G 159 59.06 1.33 -10.49
N ILE G 160 59.69 2.13 -9.63
CA ILE G 160 60.42 3.30 -10.06
C ILE G 160 61.90 2.98 -10.22
N ILE G 162 65.43 3.04 -10.39
CA ILE G 162 66.30 4.16 -10.74
C ILE G 162 67.64 3.66 -11.26
N THR G 163 67.95 4.02 -12.50
CA THR G 163 69.20 3.64 -13.15
C THR G 163 70.05 4.89 -13.37
N LYS G 164 71.23 4.69 -13.96
CA LYS G 164 72.18 5.78 -14.17
C LYS G 164 71.63 6.87 -15.08
N GLU G 165 71.40 8.06 -14.52
CA GLU G 165 71.02 9.24 -15.28
C GLU G 165 69.75 9.01 -16.09
N THR G 166 68.79 8.30 -15.50
CA THR G 166 67.51 8.07 -16.15
C THR G 166 66.48 7.71 -15.08
N ILE G 167 65.26 8.18 -15.27
CA ILE G 167 64.15 7.82 -14.38
C ILE G 167 63.25 6.85 -15.13
N LYS G 168 63.15 5.61 -14.62
CA LYS G 168 62.41 4.55 -15.29
C LYS G 168 61.15 4.24 -14.49
N PHE G 169 60.01 4.21 -15.18
CA PHE G 169 58.74 3.86 -14.59
C PHE G 169 58.19 2.63 -15.32
N VAL G 170 58.13 1.51 -14.63
CA VAL G 170 57.75 0.24 -15.24
C VAL G 170 56.60 -0.38 -14.44
N ALA G 171 55.64 -0.96 -15.18
CA ALA G 171 54.50 -1.62 -14.58
C ALA G 171 54.08 -2.79 -15.47
N ASP G 172 53.97 -3.97 -14.88
CA ASP G 172 53.62 -5.19 -15.60
C ASP G 172 52.32 -5.76 -15.01
N GLY G 173 51.39 -6.13 -15.88
CA GLY G 173 50.12 -6.63 -15.41
C GLY G 173 49.52 -7.74 -16.26
N ASP G 174 48.19 -7.90 -16.18
CA ASP G 174 47.52 -8.99 -16.89
C ASP G 174 47.31 -8.64 -18.36
N ILE G 175 46.77 -7.45 -18.64
CA ILE G 175 46.51 -7.06 -20.02
C ILE G 175 47.79 -6.74 -20.77
N GLY G 176 48.89 -6.51 -20.07
CA GLY G 176 50.15 -6.18 -20.71
C GLY G 176 51.08 -5.45 -19.75
N SER G 177 52.08 -4.80 -20.32
CA SER G 177 53.06 -4.06 -19.56
C SER G 177 53.15 -2.62 -20.05
N GLY G 178 53.84 -1.80 -19.28
CA GLY G 178 54.03 -0.40 -19.63
C GLY G 178 55.29 0.17 -19.00
N SER G 179 56.08 0.87 -19.79
CA SER G 179 57.35 1.42 -19.32
C SER G 179 57.51 2.84 -19.85
N VAL G 180 57.76 3.79 -18.95
CA VAL G 180 58.00 5.17 -19.30
C VAL G 180 59.37 5.56 -18.77
N ILE G 181 60.23 6.03 -19.67
CA ILE G 181 61.62 6.35 -19.35
C ILE G 181 61.79 7.85 -19.58
N ILE G 182 62.05 8.59 -18.51
CA ILE G 182 62.24 10.04 -18.55
C ILE G 182 63.66 10.36 -18.14
N LYS G 183 64.30 11.18 -18.98
CA LYS G 183 65.70 11.64 -18.82
C LYS G 183 65.66 13.13 -18.43
N PRO G 184 66.55 13.59 -17.53
CA PRO G 184 66.49 14.98 -17.05
C PRO G 184 66.71 16.16 -18.02
N PHE G 185 67.74 16.10 -18.87
CA PHE G 185 68.07 17.31 -19.68
C PHE G 185 66.91 17.75 -20.59
N VAL G 186 66.59 19.05 -20.51
CA VAL G 186 65.51 19.72 -21.30
C VAL G 186 66.06 21.05 -21.80
N ASP G 187 65.83 21.39 -23.08
CA ASP G 187 66.32 22.67 -23.66
C ASP G 187 65.20 23.72 -23.63
N MET G 188 64.03 23.36 -23.11
CA MET G 188 62.85 24.26 -23.04
C MET G 188 63.23 25.64 -22.48
N GLU G 189 64.21 25.66 -21.57
CA GLU G 189 64.73 26.87 -20.88
C GLU G 189 63.61 27.47 -20.03
N HIS G 190 62.77 26.59 -19.46
CA HIS G 190 61.65 27.00 -18.56
C HIS G 190 61.98 26.51 -17.15
N PRO G 191 62.02 27.40 -16.14
CA PRO G 191 62.35 27.00 -14.77
C PRO G 191 61.23 26.24 -14.04
N GLU G 192 60.34 25.55 -14.77
CA GLU G 192 59.30 24.82 -14.06
C GLU G 192 59.14 23.41 -14.61
N THR G 193 59.01 23.28 -15.93
CA THR G 193 58.88 21.97 -16.56
C THR G 193 60.21 21.23 -16.65
N SER G 194 61.29 21.80 -16.13
CA SER G 194 62.57 21.12 -16.13
C SER G 194 62.54 19.92 -15.19
N ILE G 195 63.50 19.02 -15.38
CA ILE G 195 63.62 17.79 -14.60
C ILE G 195 65.08 17.60 -14.24
N LYS G 196 65.36 17.44 -12.94
CA LYS G 196 66.71 17.24 -12.45
C LYS G 196 66.82 15.89 -11.76
N LEU G 197 68.04 15.34 -11.76
CA LEU G 197 68.31 14.06 -11.12
C LEU G 197 69.74 14.07 -10.59
N GLU G 198 69.89 13.75 -9.32
CA GLU G 198 71.22 13.69 -8.70
C GLU G 198 71.42 12.37 -7.98
N ASP G 200 73.58 8.68 -7.39
CA ASP G 200 74.70 8.07 -6.68
C ASP G 200 74.69 6.56 -6.81
N GLN G 201 73.76 5.92 -6.11
CA GLN G 201 73.64 4.47 -6.10
C GLN G 201 72.34 4.05 -6.79
N PRO G 202 72.39 3.02 -7.64
CA PRO G 202 71.17 2.56 -8.29
C PRO G 202 70.13 2.10 -7.29
N VAL G 203 68.87 2.41 -7.58
CA VAL G 203 67.76 2.10 -6.69
C VAL G 203 66.69 1.35 -7.48
N ASP G 204 66.14 0.30 -6.89
CA ASP G 204 65.10 -0.49 -7.54
C ASP G 204 64.15 -0.99 -6.45
N LEU G 205 62.95 -0.41 -6.40
CA LEU G 205 61.96 -0.76 -5.40
C LEU G 205 60.57 -0.53 -5.97
N THR G 206 59.68 -1.50 -5.73
CA THR G 206 58.30 -1.43 -6.18
C THR G 206 57.39 -1.02 -5.03
N PHE G 207 56.45 -0.13 -5.33
CA PHE G 207 55.53 0.40 -4.34
C PHE G 207 54.10 -0.01 -4.69
N GLY G 208 53.15 0.53 -3.93
CA GLY G 208 51.74 0.26 -4.18
C GLY G 208 51.07 1.38 -4.95
N ALA G 209 50.34 1.02 -6.01
CA ALA G 209 49.71 1.99 -6.89
C ALA G 209 48.74 2.89 -6.13
N LYS G 210 47.85 2.29 -5.35
CA LYS G 210 46.85 3.03 -4.58
C LYS G 210 47.50 4.13 -3.75
N TYR G 211 48.57 3.79 -3.04
CA TYR G 211 49.29 4.80 -2.27
C TYR G 211 49.88 5.87 -3.18
N LEU G 212 50.34 5.48 -4.37
CA LEU G 212 50.87 6.44 -5.31
C LEU G 212 49.77 7.35 -5.84
N LEU G 213 48.59 6.79 -6.08
CA LEU G 213 47.45 7.61 -6.48
C LEU G 213 47.09 8.61 -5.38
N ASP G 214 47.11 8.17 -4.13
CA ASP G 214 46.84 9.07 -3.02
C ASP G 214 47.92 10.12 -2.86
N ILE G 215 49.15 9.81 -3.25
CA ILE G 215 50.26 10.75 -3.09
C ILE G 215 50.23 11.81 -4.18
N ILE G 216 49.98 11.39 -5.43
CA ILE G 216 50.06 12.31 -6.56
C ILE G 216 48.94 13.34 -6.49
N LYS G 217 47.94 13.09 -5.65
CA LYS G 217 46.87 14.06 -5.45
C LYS G 217 47.34 15.32 -4.74
N GLY G 218 48.56 15.32 -4.19
CA GLY G 218 49.17 16.51 -3.66
C GLY G 218 49.75 17.43 -4.69
N SER G 219 49.48 17.19 -5.98
CA SER G 219 50.00 18.03 -7.05
C SER G 219 49.35 19.42 -7.08
N SER G 220 48.36 19.67 -6.23
CA SER G 220 47.69 20.96 -6.19
C SER G 220 48.41 21.97 -5.30
N LEU G 221 49.23 21.51 -4.37
CA LEU G 221 49.94 22.43 -3.47
C LEU G 221 51.01 23.23 -4.19
N SER G 222 51.68 22.64 -5.17
CA SER G 222 52.75 23.31 -5.90
C SER G 222 52.80 22.75 -7.31
N ASP G 223 53.77 23.23 -8.08
CA ASP G 223 53.94 22.83 -9.47
C ASP G 223 55.26 22.09 -9.70
N ARG G 224 55.87 21.57 -8.63
CA ARG G 224 57.11 20.82 -8.76
C ARG G 224 57.30 19.90 -7.55
N VAL G 225 57.35 18.59 -7.79
CA VAL G 225 57.48 17.60 -6.73
C VAL G 225 58.84 16.94 -6.83
N GLY G 226 59.51 16.79 -5.70
CA GLY G 226 60.79 16.11 -5.62
C GLY G 226 60.64 14.72 -5.05
N ILE G 227 61.30 13.75 -5.70
CA ILE G 227 61.22 12.35 -5.31
C ILE G 227 62.62 11.88 -4.93
N ARG G 228 62.79 11.41 -3.69
CA ARG G 228 64.06 10.87 -3.22
C ARG G 228 63.88 9.38 -2.98
N LEU G 229 64.78 8.58 -3.52
CA LEU G 229 64.70 7.13 -3.43
C LEU G 229 65.86 6.57 -2.61
N SER G 230 65.58 5.48 -1.91
CA SER G 230 66.59 4.79 -1.12
C SER G 230 66.20 3.33 -0.92
N SER G 231 67.08 2.41 -1.32
CA SER G 231 66.79 0.98 -1.25
C SER G 231 66.53 0.55 0.18
N GLU G 232 65.46 -0.22 0.36
CA GLU G 232 65.03 -0.71 1.68
C GLU G 232 64.82 0.45 2.65
N ALA G 233 64.20 1.52 2.15
CA ALA G 233 63.94 2.70 2.95
C ALA G 233 62.71 3.40 2.36
N PRO G 234 61.83 3.95 3.19
CA PRO G 234 60.64 4.63 2.65
C PRO G 234 61.03 5.83 1.81
N ALA G 235 60.48 5.89 0.60
CA ALA G 235 60.74 6.99 -0.31
C ALA G 235 60.11 8.27 0.21
N LEU G 236 60.66 9.40 -0.23
CA LEU G 236 60.21 10.71 0.21
C LEU G 236 59.56 11.44 -0.97
N PHE G 237 58.26 11.69 -0.85
CA PHE G 237 57.49 12.42 -1.86
C PHE G 237 57.13 13.78 -1.28
N GLN G 238 57.90 14.80 -1.63
CA GLN G 238 57.79 16.12 -1.03
C GLN G 238 57.25 17.12 -2.04
N PHE G 239 56.33 17.97 -1.58
CA PHE G 239 55.79 19.07 -2.38
C PHE G 239 56.24 20.38 -1.75
N ASP G 240 57.02 21.15 -2.48
CA ASP G 240 57.57 22.39 -1.94
C ASP G 240 56.47 23.38 -1.63
N LEU G 241 56.70 24.22 -0.61
CA LEU G 241 55.76 25.27 -0.23
C LEU G 241 56.55 26.49 0.18
N LYS G 242 55.97 27.67 -0.04
CA LYS G 242 56.66 28.94 0.18
C LYS G 242 57.29 29.04 1.56
N SER G 243 56.62 28.51 2.57
CA SER G 243 57.13 28.53 3.94
C SER G 243 57.34 27.14 4.52
N GLY G 244 57.14 26.10 3.73
CA GLY G 244 57.30 24.74 4.22
C GLY G 244 57.21 23.70 3.12
N PHE G 245 56.53 22.59 3.40
CA PHE G 245 56.40 21.51 2.44
C PHE G 245 55.40 20.49 2.96
N LEU G 246 54.97 19.60 2.07
CA LEU G 246 54.21 18.41 2.41
C LEU G 246 54.92 17.20 1.85
N GLN G 247 55.58 16.43 2.72
CA GLN G 247 56.36 15.27 2.31
C GLN G 247 55.62 14.00 2.66
N PHE G 248 55.77 12.99 1.82
CA PHE G 248 55.10 11.71 1.97
C PHE G 248 56.14 10.61 2.10
N PHE G 249 55.99 9.76 3.11
CA PHE G 249 56.91 8.66 3.38
C PHE G 249 56.19 7.36 3.08
N LEU G 250 56.42 6.81 1.89
CA LEU G 250 55.82 5.55 1.49
C LEU G 250 56.87 4.44 1.54
N ALA G 251 56.57 3.39 2.29
CA ALA G 251 57.50 2.29 2.44
C ALA G 251 57.40 1.33 1.25
N PRO G 252 58.53 0.80 0.77
CA PRO G 252 58.49 -0.10 -0.39
C PRO G 252 57.92 -1.47 -0.05
N LYS G 253 57.93 -2.37 -1.05
CA LYS G 253 57.44 -3.72 -0.87
C LYS G 253 58.60 -4.70 -1.02
N PHE G 254 58.58 -5.75 -0.20
CA PHE G 254 59.64 -6.75 -0.25
C PHE G 254 59.62 -7.52 -1.55
N ASN G 255 60.65 -7.36 -2.37
CA ASN G 255 60.74 -7.99 -3.69
C ASN G 255 62.02 -8.82 -3.74
N ASP G 256 61.89 -10.12 -4.00
CA ASP G 256 63.04 -10.99 -4.09
C ASP G 256 62.77 -12.12 -5.09
N MET H 1 59.25 -6.68 -40.37
CA MET H 1 58.28 -6.76 -39.24
C MET H 1 57.35 -5.55 -39.29
N LEU H 2 56.05 -5.77 -39.07
CA LEU H 2 55.06 -4.69 -39.04
C LEU H 2 55.54 -3.56 -38.14
N GLU H 3 55.66 -2.36 -38.70
CA GLU H 3 56.10 -1.19 -37.93
C GLU H 3 55.40 0.03 -38.52
N ALA H 4 54.29 0.43 -37.88
CA ALA H 4 53.55 1.62 -38.26
C ALA H 4 53.96 2.79 -37.38
N LYS H 5 53.87 3.99 -37.94
CA LYS H 5 54.27 5.22 -37.25
C LYS H 5 53.18 6.26 -37.49
N PHE H 6 52.23 6.35 -36.55
CA PHE H 6 51.11 7.27 -36.68
C PHE H 6 51.58 8.70 -36.73
N GLU H 7 50.95 9.49 -37.61
CA GLU H 7 51.29 10.91 -37.73
C GLU H 7 50.99 11.64 -36.43
N GLU H 8 49.84 11.35 -35.82
CA GLU H 8 49.43 11.95 -34.56
C GLU H 8 49.03 10.85 -33.60
N ALA H 9 49.43 10.98 -32.33
CA ALA H 9 49.01 10.02 -31.32
C ALA H 9 47.51 10.11 -31.08
N SER H 10 46.94 11.31 -31.22
CA SER H 10 45.51 11.48 -31.01
C SER H 10 44.70 10.85 -32.12
N LEU H 11 45.31 10.62 -33.28
CA LEU H 11 44.62 10.04 -34.42
C LEU H 11 44.06 8.68 -34.08
N PHE H 12 44.93 7.72 -33.76
CA PHE H 12 44.47 6.38 -33.41
C PHE H 12 43.55 6.40 -32.20
N LYS H 13 43.76 7.36 -31.29
CA LYS H 13 42.89 7.47 -30.11
C LYS H 13 41.46 7.78 -30.53
N ARG H 14 41.29 8.77 -31.42
CA ARG H 14 39.95 9.08 -31.92
C ARG H 14 39.40 7.93 -32.77
N ILE H 15 40.29 7.21 -33.47
CA ILE H 15 39.85 6.10 -34.31
C ILE H 15 39.26 4.99 -33.45
N ILE H 16 39.94 4.63 -32.37
CA ILE H 16 39.42 3.57 -31.51
C ILE H 16 38.23 4.05 -30.69
N ASP H 17 38.24 5.30 -30.21
CA ASP H 17 37.15 5.80 -29.37
C ASP H 17 35.84 5.94 -30.13
N GLY H 18 35.86 5.87 -31.47
CA GLY H 18 34.63 5.96 -32.24
C GLY H 18 33.82 4.69 -32.26
N PHE H 19 34.43 3.55 -31.94
CA PHE H 19 33.69 2.28 -32.00
C PHE H 19 34.01 1.35 -30.84
N LYS H 20 34.73 1.79 -29.82
CA LYS H 20 35.17 0.91 -28.74
C LYS H 20 34.06 0.54 -27.77
N ASP H 21 32.83 0.97 -28.02
CA ASP H 21 31.72 0.72 -27.11
C ASP H 21 30.76 -0.35 -27.60
N CYS H 22 30.61 -0.52 -28.91
CA CYS H 22 29.68 -1.49 -29.46
C CYS H 22 30.31 -2.84 -29.75
N VAL H 23 31.64 -2.91 -29.81
CA VAL H 23 32.36 -4.15 -30.07
C VAL H 23 33.47 -4.27 -29.04
N GLN H 24 33.83 -5.52 -28.72
CA GLN H 24 34.84 -5.81 -27.71
C GLN H 24 36.08 -6.47 -28.30
N LEU H 25 35.90 -7.39 -29.25
CA LEU H 25 37.01 -8.13 -29.83
C LEU H 25 37.00 -7.96 -31.35
N VAL H 26 38.11 -7.51 -31.90
CA VAL H 26 38.26 -7.29 -33.34
C VAL H 26 39.62 -7.79 -33.77
N ASN H 27 39.74 -8.14 -35.05
CA ASN H 27 41.01 -8.55 -35.64
C ASN H 27 41.51 -7.45 -36.57
N PHE H 28 42.73 -6.97 -36.33
CA PHE H 28 43.38 -5.98 -37.17
C PHE H 28 44.22 -6.70 -38.22
N GLN H 29 43.67 -6.88 -39.40
CA GLN H 29 44.40 -7.52 -40.49
C GLN H 29 45.26 -6.48 -41.20
N CYS H 30 46.56 -6.50 -40.91
CA CYS H 30 47.50 -5.53 -41.46
C CYS H 30 48.16 -6.11 -42.69
N LYS H 31 48.20 -5.32 -43.77
CA LYS H 31 48.77 -5.77 -45.04
C LYS H 31 49.68 -4.67 -45.57
N GLU H 32 50.24 -4.91 -46.76
CA GLU H 32 51.17 -3.95 -47.35
C GLU H 32 50.49 -2.60 -47.60
N ASP H 33 49.26 -2.63 -48.11
CA ASP H 33 48.53 -1.40 -48.37
C ASP H 33 48.14 -0.70 -47.08
N GLY H 34 47.72 -1.47 -46.07
CA GLY H 34 47.30 -0.90 -44.81
C GLY H 34 46.72 -1.93 -43.87
N ILE H 35 45.75 -1.52 -43.05
CA ILE H 35 45.13 -2.40 -42.07
C ILE H 35 43.63 -2.42 -42.31
N ILE H 36 43.05 -3.62 -42.38
CA ILE H 36 41.62 -3.82 -42.52
C ILE H 36 41.11 -4.50 -41.27
N ALA H 37 39.96 -4.05 -40.76
CA ALA H 37 39.41 -4.58 -39.52
C ALA H 37 37.89 -4.45 -39.55
N GLN H 38 37.21 -5.57 -39.32
CA GLN H 38 35.75 -5.59 -39.24
C GLN H 38 35.32 -6.59 -38.18
N ALA H 39 34.14 -6.35 -37.61
CA ALA H 39 33.58 -7.22 -36.58
C ALA H 39 32.11 -6.90 -36.40
N VAL H 40 31.36 -7.88 -35.94
CA VAL H 40 29.94 -7.71 -35.69
C VAL H 40 29.74 -7.26 -34.24
N ASP H 41 28.57 -6.67 -33.98
CA ASP H 41 28.24 -6.24 -32.62
C ASP H 41 28.01 -7.46 -31.73
N ASP H 42 28.06 -7.22 -30.42
CA ASP H 42 27.77 -8.28 -29.46
C ASP H 42 26.34 -8.79 -29.60
N SER H 43 25.40 -7.90 -29.94
CA SER H 43 24.03 -8.29 -30.22
C SER H 43 23.82 -8.67 -31.68
N ARG H 44 24.86 -8.58 -32.50
CA ARG H 44 24.81 -9.02 -33.90
C ARG H 44 23.80 -8.24 -34.72
N VAL H 45 23.78 -6.92 -34.52
CA VAL H 45 22.89 -6.05 -35.30
C VAL H 45 23.72 -4.96 -35.97
N LEU H 46 24.87 -4.64 -35.39
CA LEU H 46 25.73 -3.57 -35.88
C LEU H 46 27.02 -4.16 -36.43
N LEU H 47 27.35 -3.80 -37.66
CA LEU H 47 28.58 -4.22 -38.30
C LEU H 47 29.47 -3.02 -38.57
N VAL H 48 30.71 -3.07 -38.09
CA VAL H 48 31.67 -1.99 -38.26
C VAL H 48 32.82 -2.51 -39.12
N SER H 49 33.38 -1.62 -39.94
CA SER H 49 34.51 -1.96 -40.79
C SER H 49 35.49 -0.79 -40.78
N LEU H 50 36.74 -1.08 -40.48
CA LEU H 50 37.78 -0.06 -40.35
C LEU H 50 38.77 -0.20 -41.50
N GLU H 51 39.11 0.94 -42.10
CA GLU H 51 40.02 0.96 -43.24
C GLU H 51 40.99 2.12 -43.04
N ILE H 52 42.28 1.81 -43.01
CA ILE H 52 43.32 2.80 -42.88
C ILE H 52 44.38 2.52 -43.95
N GLY H 53 44.85 3.57 -44.62
CA GLY H 53 45.84 3.41 -45.65
C GLY H 53 47.25 3.69 -45.15
N VAL H 54 48.21 3.50 -46.05
CA VAL H 54 49.62 3.75 -45.74
C VAL H 54 49.86 5.26 -45.70
N GLU H 55 48.91 6.04 -46.20
CA GLU H 55 49.05 7.49 -46.32
C GLU H 55 48.90 8.22 -44.99
N ALA H 56 48.41 7.54 -43.95
CA ALA H 56 48.20 8.17 -42.65
C ALA H 56 49.35 7.92 -41.68
N PHE H 57 50.34 7.11 -42.06
CA PHE H 57 51.46 6.79 -41.21
C PHE H 57 52.71 7.48 -41.72
N GLN H 58 53.53 8.00 -40.81
CA GLN H 58 54.81 8.56 -41.20
C GLN H 58 55.78 7.49 -41.67
N GLU H 59 55.64 6.27 -41.19
CA GLU H 59 56.43 5.14 -41.67
C GLU H 59 55.66 3.84 -41.41
N TYR H 60 55.45 3.06 -42.46
CA TYR H 60 54.63 1.85 -42.38
C TYR H 60 55.28 0.76 -43.20
N ARG H 61 55.96 -0.17 -42.52
CA ARG H 61 56.69 -1.27 -43.19
C ARG H 61 55.73 -2.42 -43.50
N CYS H 62 55.17 -3.03 -42.46
CA CYS H 62 54.27 -4.18 -42.58
C CYS H 62 54.87 -5.25 -43.50
N ASP H 63 56.03 -5.79 -43.08
CA ASP H 63 56.77 -6.80 -43.87
C ASP H 63 55.82 -7.92 -44.33
N HIS H 64 55.26 -8.67 -43.39
CA HIS H 64 54.35 -9.76 -43.73
C HIS H 64 52.93 -9.45 -43.25
N PRO H 65 51.92 -9.90 -43.98
CA PRO H 65 50.53 -9.71 -43.52
C PRO H 65 50.26 -10.50 -42.25
N VAL H 66 50.05 -9.80 -41.15
CA VAL H 66 49.84 -10.41 -39.85
C VAL H 66 48.51 -9.92 -39.28
N THR H 67 47.86 -10.79 -38.49
CA THR H 67 46.56 -10.50 -37.90
C THR H 67 46.76 -10.11 -36.43
N LEU H 68 46.17 -8.99 -36.04
CA LEU H 68 46.26 -8.48 -34.67
C LEU H 68 44.89 -8.67 -34.00
N GLY H 69 44.76 -9.75 -33.24
CA GLY H 69 43.53 -10.03 -32.53
C GLY H 69 43.34 -9.19 -31.29
N ASP H 71 40.88 -7.09 -27.41
CA ASP H 71 40.18 -6.34 -26.37
C ASP H 71 40.31 -4.85 -26.59
N LEU H 72 39.23 -4.23 -27.09
CA LEU H 72 39.24 -2.79 -27.32
C LEU H 72 39.49 -2.02 -26.05
N THR H 73 39.07 -2.56 -24.90
CA THR H 73 39.28 -1.87 -23.63
C THR H 73 40.76 -1.75 -23.30
N SER H 74 41.52 -2.82 -23.50
CA SER H 74 42.95 -2.78 -23.23
C SER H 74 43.67 -1.82 -24.17
N LEU H 75 43.29 -1.85 -25.46
CA LEU H 75 43.87 -0.93 -26.43
C LEU H 75 43.59 0.52 -26.02
N SER H 76 42.36 0.81 -25.59
CA SER H 76 42.03 2.17 -25.19
C SER H 76 42.77 2.57 -23.92
N LYS H 77 42.90 1.65 -22.96
CA LYS H 77 43.63 1.96 -21.73
C LYS H 77 45.09 2.27 -22.02
N ILE H 78 45.69 1.55 -22.97
CA ILE H 78 47.09 1.81 -23.31
C ILE H 78 47.21 3.11 -24.09
N LEU H 79 46.31 3.32 -25.05
CA LEU H 79 46.37 4.54 -25.87
C LEU H 79 46.06 5.79 -25.06
N ARG H 80 45.39 5.64 -23.92
CA ARG H 80 45.09 6.79 -23.07
C ARG H 80 46.35 7.47 -22.56
N CYS H 81 47.44 6.73 -22.39
CA CYS H 81 48.67 7.31 -21.85
C CYS H 81 49.28 8.32 -22.82
N GLY H 82 49.07 8.12 -24.12
CA GLY H 82 49.62 9.00 -25.14
C GLY H 82 49.23 10.46 -24.97
N ASN H 83 50.23 11.33 -25.06
CA ASN H 83 50.01 12.77 -24.92
C ASN H 83 49.94 13.42 -26.31
N ASN H 84 49.85 14.74 -26.32
CA ASN H 84 49.75 15.48 -27.58
C ASN H 84 51.04 15.39 -28.38
N THR H 85 52.15 15.85 -27.81
CA THR H 85 53.44 15.83 -28.50
C THR H 85 54.05 14.44 -28.44
N ASP H 86 53.40 13.46 -29.06
CA ASP H 86 53.89 12.10 -29.06
C ASP H 86 53.57 11.45 -30.40
N THR H 87 54.45 10.57 -30.85
CA THR H 87 54.29 9.85 -32.12
C THR H 87 54.13 8.37 -31.78
N LEU H 88 52.89 7.89 -31.80
CA LEU H 88 52.62 6.49 -31.53
C LEU H 88 53.16 5.61 -32.64
N THR H 89 53.90 4.57 -32.26
CA THR H 89 54.50 3.64 -33.20
C THR H 89 54.06 2.22 -32.85
N LEU H 90 53.40 1.56 -33.80
CA LEU H 90 52.99 0.18 -33.61
C LEU H 90 54.11 -0.75 -34.04
N ILE H 91 54.34 -1.79 -33.24
CA ILE H 91 55.41 -2.75 -33.49
C ILE H 91 54.86 -4.15 -33.28
N ALA H 92 55.00 -5.01 -34.30
CA ALA H 92 54.53 -6.38 -34.23
C ALA H 92 55.59 -7.31 -34.83
N ASP H 93 55.94 -8.35 -34.09
CA ASP H 93 56.93 -9.33 -34.55
C ASP H 93 56.29 -10.36 -35.45
N ASN H 94 57.01 -11.44 -35.75
CA ASN H 94 56.49 -12.53 -36.55
C ASN H 94 55.70 -13.49 -35.68
N THR H 95 54.42 -13.69 -36.03
CA THR H 95 53.48 -14.45 -35.21
C THR H 95 53.51 -13.95 -33.77
N PRO H 96 52.96 -12.76 -33.50
CA PRO H 96 53.11 -12.17 -32.17
C PRO H 96 52.10 -12.69 -31.16
N ASP H 97 52.48 -12.63 -29.88
CA ASP H 97 51.53 -12.82 -28.78
C ASP H 97 51.23 -11.54 -28.04
N SER H 98 51.98 -10.46 -28.30
CA SER H 98 51.71 -9.15 -27.74
C SER H 98 52.01 -8.12 -28.82
N ILE H 99 52.00 -6.85 -28.46
CA ILE H 99 52.26 -5.78 -29.43
C ILE H 99 52.84 -4.57 -28.70
N ILE H 100 53.89 -3.98 -29.27
CA ILE H 100 54.55 -2.82 -28.69
C ILE H 100 53.97 -1.56 -29.28
N LEU H 101 53.66 -0.60 -28.40
CA LEU H 101 53.14 0.71 -28.80
C LEU H 101 54.12 1.76 -28.27
N LEU H 102 54.98 2.25 -29.14
CA LEU H 102 56.03 3.18 -28.75
C LEU H 102 55.52 4.62 -28.84
N PHE H 103 55.52 5.32 -27.71
CA PHE H 103 55.12 6.73 -27.64
C PHE H 103 56.39 7.56 -27.58
N GLU H 104 56.99 7.81 -28.73
CA GLU H 104 58.18 8.64 -28.81
C GLU H 104 57.81 10.11 -28.74
N ASP H 105 58.82 10.95 -28.50
CA ASP H 105 58.62 12.38 -28.36
C ASP H 105 59.65 13.11 -29.21
N THR H 106 59.32 14.33 -29.60
CA THR H 106 60.27 15.19 -30.30
C THR H 106 61.55 15.34 -29.48
N LYS H 107 61.40 15.53 -28.17
CA LYS H 107 62.53 15.49 -27.24
C LYS H 107 62.86 14.03 -26.95
N LYS H 108 64.06 13.61 -27.34
CA LYS H 108 64.44 12.20 -27.28
C LYS H 108 64.80 11.76 -25.87
N ASP H 109 64.53 12.61 -24.87
CA ASP H 109 64.74 12.26 -23.47
C ASP H 109 63.49 11.73 -22.80
N ARG H 110 62.39 11.57 -23.55
CA ARG H 110 61.14 11.06 -23.01
C ARG H 110 60.66 9.94 -23.92
N ILE H 111 60.71 8.71 -23.42
CA ILE H 111 60.31 7.53 -24.17
C ILE H 111 59.33 6.74 -23.33
N ALA H 112 58.23 6.30 -23.95
CA ALA H 112 57.21 5.50 -23.27
C ALA H 112 56.75 4.41 -24.22
N GLU H 113 57.06 3.17 -23.88
CA GLU H 113 56.66 2.02 -24.68
C GLU H 113 55.73 1.13 -23.85
N TYR H 114 54.73 0.55 -24.51
CA TYR H 114 53.74 -0.29 -23.86
C TYR H 114 53.55 -1.56 -24.66
N SER H 115 53.47 -2.69 -23.95
CA SER H 115 53.20 -3.98 -24.56
C SER H 115 51.82 -4.46 -24.13
N LEU H 116 51.08 -5.04 -25.07
CA LEU H 116 49.69 -5.43 -24.85
C LEU H 116 49.50 -6.84 -25.39
N LYS H 117 49.13 -7.77 -24.52
CA LYS H 117 48.89 -9.15 -24.93
C LYS H 117 47.71 -9.23 -25.88
N LEU H 118 47.92 -9.90 -27.01
CA LEU H 118 46.88 -10.05 -28.02
C LEU H 118 45.83 -11.06 -27.56
N ASP H 120 43.17 -14.34 -29.31
CA ASP H 120 42.51 -15.41 -30.04
C ASP H 120 41.06 -15.06 -30.33
N ILE H 121 40.77 -14.63 -31.54
CA ILE H 121 39.44 -14.20 -31.96
C ILE H 121 39.04 -14.98 -33.20
N ASP H 122 37.89 -15.64 -33.13
CA ASP H 122 37.35 -16.39 -34.27
C ASP H 122 36.36 -15.51 -35.02
N ALA H 123 36.92 -14.64 -35.86
CA ALA H 123 36.10 -13.68 -36.59
C ALA H 123 35.29 -14.39 -37.67
N ASP H 124 33.96 -14.26 -37.57
CA ASP H 124 33.05 -14.77 -38.59
C ASP H 124 33.06 -13.77 -39.75
N PHE H 125 34.06 -13.92 -40.62
CA PHE H 125 34.28 -12.96 -41.69
C PHE H 125 33.10 -12.94 -42.66
N LEU H 126 32.41 -11.81 -42.72
CA LEU H 126 31.30 -11.62 -43.63
C LEU H 126 31.80 -11.07 -44.97
N LYS H 127 30.97 -11.25 -46.00
CA LYS H 127 31.33 -10.80 -47.35
C LYS H 127 30.63 -9.48 -47.65
N ILE H 128 31.33 -8.39 -47.32
CA ILE H 128 30.81 -7.06 -47.62
C ILE H 128 30.91 -6.82 -49.12
N GLU H 129 29.88 -6.21 -49.69
CA GLU H 129 29.81 -5.95 -51.12
C GLU H 129 29.11 -4.62 -51.35
N GLU H 130 29.69 -3.78 -52.22
CA GLU H 130 29.12 -2.49 -52.53
C GLU H 130 27.78 -2.64 -53.23
N LEU H 131 26.70 -2.25 -52.54
CA LEU H 131 25.35 -2.36 -53.08
C LEU H 131 24.89 -1.01 -53.61
N GLN H 132 23.83 -1.05 -54.41
CA GLN H 132 23.21 0.14 -54.97
C GLN H 132 22.05 0.52 -54.05
N TYR H 133 22.29 1.48 -53.17
CA TYR H 133 21.29 1.86 -52.18
C TYR H 133 20.28 2.83 -52.77
N ASP H 134 19.11 2.88 -52.14
CA ASP H 134 18.02 3.71 -52.66
C ASP H 134 18.31 5.19 -52.51
N SER H 135 18.98 5.59 -51.43
CA SER H 135 19.31 6.99 -51.18
C SER H 135 20.74 7.10 -50.69
N THR H 136 21.40 8.18 -51.07
CA THR H 136 22.80 8.42 -50.73
C THR H 136 22.94 9.88 -50.34
N LEU H 137 22.99 10.15 -49.03
CA LEU H 137 23.05 11.50 -48.53
C LEU H 137 24.34 11.74 -47.74
N SER H 138 24.55 12.98 -47.33
CA SER H 138 25.71 13.36 -46.53
C SER H 138 25.42 14.69 -45.85
N LEU H 139 25.76 14.77 -44.57
CA LEU H 139 25.46 15.95 -43.77
C LEU H 139 26.53 16.07 -42.69
N PRO H 140 26.67 17.25 -42.08
CA PRO H 140 27.68 17.42 -41.03
C PRO H 140 27.51 16.41 -39.90
N SER H 141 28.64 15.92 -39.38
CA SER H 141 28.59 14.90 -38.34
C SER H 141 28.03 15.45 -37.03
N SER H 142 28.33 16.71 -36.71
CA SER H 142 27.82 17.29 -35.48
C SER H 142 26.31 17.46 -35.54
N GLU H 143 25.76 17.71 -36.74
CA GLU H 143 24.31 17.86 -36.88
C GLU H 143 23.59 16.54 -36.69
N PHE H 144 24.12 15.47 -37.31
CA PHE H 144 23.48 14.16 -37.18
C PHE H 144 23.56 13.66 -35.75
N SER H 145 24.71 13.81 -35.11
CA SER H 145 24.86 13.38 -33.72
C SER H 145 23.87 14.12 -32.81
N LYS H 146 23.75 15.44 -33.01
CA LYS H 146 22.81 16.23 -32.23
C LYS H 146 21.38 15.75 -32.47
N ILE H 147 21.02 15.52 -33.73
CA ILE H 147 19.65 15.11 -34.05
C ILE H 147 19.32 13.78 -33.40
N VAL H 148 20.27 12.83 -33.46
CA VAL H 148 20.02 11.51 -32.86
C VAL H 148 19.93 11.62 -31.35
N ARG H 149 20.86 12.36 -30.72
CA ARG H 149 20.80 12.53 -29.27
C ARG H 149 19.49 13.19 -28.86
N ASP H 150 18.94 14.06 -29.71
CA ASP H 150 17.68 14.71 -29.41
C ASP H 150 16.52 13.72 -29.51
N LEU H 151 16.43 13.02 -30.64
CA LEU H 151 15.23 12.24 -30.92
C LEU H 151 15.25 10.89 -30.21
N SER H 152 16.41 10.50 -29.64
CA SER H 152 16.50 9.24 -28.93
C SER H 152 15.82 9.30 -27.57
N GLN H 153 15.74 10.49 -26.97
CA GLN H 153 15.08 10.62 -25.67
C GLN H 153 13.58 10.37 -25.76
N LEU H 154 12.98 10.58 -26.92
CA LEU H 154 11.53 10.47 -27.10
C LEU H 154 11.07 9.03 -27.33
N SER H 155 11.87 8.22 -28.02
CA SER H 155 11.54 6.83 -28.27
C SER H 155 12.82 6.03 -28.49
N ASP H 156 12.68 4.71 -28.45
CA ASP H 156 13.80 3.82 -28.69
C ASP H 156 14.04 3.54 -30.17
N SER H 157 13.13 3.98 -31.04
CA SER H 157 13.23 3.75 -32.48
C SER H 157 13.15 5.07 -33.21
N ILE H 158 13.96 5.22 -34.26
CA ILE H 158 14.07 6.46 -35.01
C ILE H 158 13.66 6.18 -36.45
N ASN H 159 12.74 6.99 -36.97
CA ASN H 159 12.31 6.87 -38.36
C ASN H 159 12.98 7.94 -39.21
N ILE H 160 13.71 7.51 -40.23
CA ILE H 160 14.42 8.43 -41.12
C ILE H 160 13.60 8.70 -42.37
N ILE H 162 13.93 8.83 -47.10
CA ILE H 162 13.88 10.19 -47.73
C ILE H 162 12.80 10.17 -48.82
N THR H 163 11.88 11.13 -48.78
CA THR H 163 10.81 11.23 -49.76
C THR H 163 10.80 12.64 -50.36
N LYS H 164 10.77 12.72 -51.69
CA LYS H 164 10.76 13.98 -52.41
C LYS H 164 11.99 14.81 -52.04
N GLU H 165 13.16 14.21 -52.32
CA GLU H 165 14.48 14.78 -52.03
C GLU H 165 14.48 15.55 -50.71
N THR H 166 13.90 14.94 -49.68
CA THR H 166 13.84 15.59 -48.34
C THR H 166 13.66 14.53 -47.24
N ILE H 167 14.69 14.38 -46.39
CA ILE H 167 14.66 13.42 -45.24
C ILE H 167 13.83 14.04 -44.11
N LYS H 168 13.31 13.21 -43.20
CA LYS H 168 12.50 13.72 -42.06
C LYS H 168 12.72 12.80 -40.86
N PHE H 169 13.45 13.27 -39.85
CA PHE H 169 13.72 12.46 -38.66
C PHE H 169 12.52 12.52 -37.72
N VAL H 170 11.86 11.37 -37.55
CA VAL H 170 10.66 11.26 -36.73
C VAL H 170 10.85 10.16 -35.71
N ALA H 171 10.47 10.45 -34.47
CA ALA H 171 10.54 9.48 -33.38
C ALA H 171 9.24 9.58 -32.59
N ASP H 172 8.48 8.49 -32.56
CA ASP H 172 7.18 8.44 -31.88
C ASP H 172 7.31 7.56 -30.65
N GLY H 173 7.21 8.17 -29.47
CA GLY H 173 7.30 7.48 -28.22
C GLY H 173 6.04 7.60 -27.39
N ASP H 174 6.21 7.49 -26.07
CA ASP H 174 5.08 7.56 -25.15
C ASP H 174 4.84 8.96 -24.63
N ILE H 175 5.91 9.69 -24.30
CA ILE H 175 5.74 11.06 -23.82
C ILE H 175 5.33 11.99 -24.95
N GLY H 176 5.55 11.58 -26.19
CA GLY H 176 5.15 12.41 -27.32
C GLY H 176 5.90 12.00 -28.57
N SER H 177 5.88 12.90 -29.56
CA SER H 177 6.54 12.68 -30.83
C SER H 177 7.35 13.91 -31.21
N GLY H 178 8.33 13.70 -32.08
CA GLY H 178 9.19 14.78 -32.54
C GLY H 178 9.54 14.68 -34.00
N SER H 179 9.49 15.81 -34.72
CA SER H 179 9.77 15.86 -36.14
C SER H 179 10.81 16.91 -36.42
N VAL H 180 11.76 16.59 -37.31
CA VAL H 180 12.81 17.54 -37.76
C VAL H 180 12.99 17.36 -39.28
N ILE H 181 12.65 18.42 -40.06
CA ILE H 181 12.73 18.39 -41.55
C ILE H 181 14.19 18.44 -42.01
N ILE H 182 14.47 17.96 -43.23
CA ILE H 182 15.87 17.94 -43.77
C ILE H 182 15.88 18.25 -45.28
N LYS H 183 16.51 19.37 -45.66
CA LYS H 183 16.59 19.82 -47.07
C LYS H 183 18.05 20.05 -47.45
N PRO H 184 18.56 19.48 -48.58
CA PRO H 184 19.94 19.69 -49.00
C PRO H 184 20.20 21.16 -49.40
N PHE H 185 21.44 21.62 -49.23
CA PHE H 185 21.84 22.98 -49.55
C PHE H 185 23.36 23.04 -49.55
N VAL H 186 23.90 23.99 -50.34
CA VAL H 186 25.36 24.29 -50.45
C VAL H 186 25.48 25.82 -50.65
N ASP H 187 24.52 26.58 -50.10
CA ASP H 187 24.52 28.06 -50.29
C ASP H 187 25.76 28.69 -49.65
N MET H 188 26.13 28.26 -48.44
CA MET H 188 27.32 28.82 -47.76
C MET H 188 28.60 28.43 -48.51
N GLU H 189 29.55 29.37 -48.60
CA GLU H 189 30.85 29.11 -49.29
C GLU H 189 31.45 27.83 -48.73
N HIS H 190 31.56 27.73 -47.40
CA HIS H 190 32.09 26.49 -46.77
C HIS H 190 31.12 25.35 -47.12
N PRO H 191 31.60 24.22 -47.69
CA PRO H 191 30.74 23.10 -48.05
C PRO H 191 30.55 22.12 -46.88
N GLU H 192 31.53 22.04 -45.99
CA GLU H 192 31.50 21.14 -44.84
C GLU H 192 30.19 21.18 -44.10
N THR H 193 29.46 22.30 -44.14
CA THR H 193 28.14 22.39 -43.52
C THR H 193 27.01 22.14 -44.51
N SER H 194 27.33 21.61 -45.69
CA SER H 194 26.33 21.37 -46.72
C SER H 194 25.67 20.02 -46.53
N ILE H 195 24.47 19.88 -47.09
CA ILE H 195 23.72 18.62 -47.06
C ILE H 195 23.69 18.06 -48.48
N LYS H 196 24.13 16.82 -48.63
CA LYS H 196 24.08 16.12 -49.90
C LYS H 196 22.90 15.13 -49.89
N LEU H 197 22.39 14.84 -51.09
CA LEU H 197 21.29 13.90 -51.23
C LEU H 197 21.15 13.44 -52.68
N GLU H 198 21.03 12.13 -52.89
CA GLU H 198 20.85 11.56 -54.22
C GLU H 198 19.80 10.45 -54.21
N ASP H 200 17.29 8.53 -55.17
CA ASP H 200 16.79 7.89 -56.38
C ASP H 200 15.41 7.29 -56.14
N GLN H 201 15.25 6.64 -54.98
CA GLN H 201 14.01 5.95 -54.64
C GLN H 201 13.66 6.29 -53.21
N PRO H 202 12.38 6.55 -52.92
CA PRO H 202 11.99 6.86 -51.54
C PRO H 202 12.30 5.71 -50.60
N VAL H 203 12.66 6.06 -49.37
CA VAL H 203 13.10 5.09 -48.37
C VAL H 203 12.62 5.54 -47.00
N ASP H 204 12.03 4.61 -46.25
CA ASP H 204 11.52 4.87 -44.91
C ASP H 204 11.89 3.68 -44.03
N LEU H 205 12.97 3.81 -43.25
CA LEU H 205 13.44 2.77 -42.36
C LEU H 205 13.37 3.23 -40.92
N THR H 206 13.39 2.25 -40.01
CA THR H 206 13.33 2.50 -38.58
C THR H 206 14.43 1.70 -37.89
N PHE H 207 15.30 2.40 -37.16
CA PHE H 207 16.42 1.78 -36.47
C PHE H 207 16.30 1.98 -34.97
N GLY H 208 16.96 1.10 -34.22
CA GLY H 208 16.99 1.25 -32.77
C GLY H 208 17.80 2.48 -32.38
N ALA H 209 17.39 3.15 -31.30
CA ALA H 209 18.07 4.35 -30.87
C ALA H 209 19.48 4.04 -30.38
N LYS H 210 19.64 2.97 -29.61
CA LYS H 210 20.92 2.70 -28.95
C LYS H 210 22.05 2.51 -29.96
N TYR H 211 21.78 1.76 -31.04
CA TYR H 211 22.81 1.57 -32.06
C TYR H 211 23.16 2.88 -32.75
N LEU H 212 22.16 3.75 -32.96
CA LEU H 212 22.46 5.07 -33.50
C LEU H 212 23.27 5.90 -32.51
N LEU H 213 22.99 5.76 -31.21
CA LEU H 213 23.80 6.45 -30.21
C LEU H 213 25.23 5.94 -30.17
N ASP H 214 25.44 4.67 -30.47
CA ASP H 214 26.80 4.15 -30.59
C ASP H 214 27.48 4.58 -31.88
N ILE H 215 26.70 4.75 -32.95
CA ILE H 215 27.28 5.13 -34.23
C ILE H 215 27.68 6.59 -34.24
N ILE H 216 26.85 7.46 -33.67
CA ILE H 216 27.15 8.88 -33.63
C ILE H 216 28.40 9.19 -32.82
N LYS H 217 28.90 8.23 -32.04
CA LYS H 217 30.19 8.37 -31.39
C LYS H 217 31.34 8.43 -32.39
N GLY H 218 31.09 8.07 -33.65
CA GLY H 218 32.06 8.23 -34.70
C GLY H 218 32.19 9.63 -35.24
N SER H 219 31.49 10.61 -34.63
CA SER H 219 31.56 11.98 -35.07
C SER H 219 32.78 12.67 -34.49
N SER H 220 33.94 12.03 -34.64
CA SER H 220 35.19 12.61 -34.16
C SER H 220 36.33 12.49 -35.16
N LEU H 221 36.11 11.86 -36.30
CA LEU H 221 37.13 11.69 -37.34
C LEU H 221 36.90 12.58 -38.54
N SER H 222 35.64 12.83 -38.90
CA SER H 222 35.30 13.67 -40.03
C SER H 222 34.18 14.62 -39.62
N ASP H 223 34.15 15.79 -40.26
CA ASP H 223 33.07 16.73 -40.01
C ASP H 223 31.79 16.40 -40.77
N ARG H 224 31.82 15.36 -41.61
CA ARG H 224 30.65 14.94 -42.38
C ARG H 224 30.45 13.44 -42.23
N VAL H 225 29.23 13.00 -42.46
CA VAL H 225 28.87 11.59 -42.38
C VAL H 225 27.94 11.26 -43.54
N GLY H 226 28.27 10.20 -44.29
CA GLY H 226 27.46 9.77 -45.40
C GLY H 226 26.52 8.66 -44.97
N ILE H 227 25.29 8.72 -45.48
CA ILE H 227 24.26 7.73 -45.16
C ILE H 227 23.73 7.15 -46.47
N ARG H 228 23.75 5.83 -46.58
CA ARG H 228 23.25 5.12 -47.75
C ARG H 228 22.18 4.14 -47.28
N LEU H 229 20.96 4.34 -47.75
CA LEU H 229 19.79 3.60 -47.28
C LEU H 229 19.26 2.71 -48.38
N SER H 230 18.86 1.49 -47.99
CA SER H 230 18.27 0.53 -48.91
C SER H 230 17.20 -0.25 -48.17
N SER H 231 16.04 -0.44 -48.81
CA SER H 231 14.93 -1.11 -48.15
C SER H 231 15.22 -2.59 -47.94
N GLU H 232 16.16 -3.17 -48.68
CA GLU H 232 16.42 -4.60 -48.61
C GLU H 232 17.85 -4.90 -48.17
N ALA H 233 18.45 -4.00 -47.39
CA ALA H 233 19.81 -4.19 -46.92
C ALA H 233 20.10 -3.28 -45.75
N PRO H 234 21.01 -3.65 -44.85
CA PRO H 234 21.36 -2.76 -43.73
C PRO H 234 21.95 -1.45 -44.22
N ALA H 235 21.79 -0.41 -43.39
CA ALA H 235 22.22 0.92 -43.77
C ALA H 235 23.74 1.01 -43.84
N LEU H 236 24.21 2.15 -44.34
CA LEU H 236 25.64 2.43 -44.46
C LEU H 236 25.94 3.76 -43.79
N PHE H 237 26.59 3.70 -42.64
CA PHE H 237 27.04 4.89 -41.91
C PHE H 237 28.56 4.92 -41.91
N GLN H 238 29.14 5.83 -42.68
CA GLN H 238 30.58 5.88 -42.88
C GLN H 238 31.12 7.26 -42.56
N PHE H 239 32.24 7.30 -41.85
CA PHE H 239 32.98 8.53 -41.59
C PHE H 239 34.27 8.50 -42.40
N ASP H 240 34.53 9.59 -43.12
CA ASP H 240 35.65 9.64 -44.04
C ASP H 240 36.94 9.95 -43.32
N LEU H 241 38.04 9.33 -43.76
CA LEU H 241 39.37 9.59 -43.25
C LEU H 241 40.25 10.10 -44.37
N LYS H 242 41.36 10.74 -44.01
CA LYS H 242 42.32 11.20 -45.01
C LYS H 242 42.95 10.03 -45.73
N SER H 243 43.08 8.88 -45.06
CA SER H 243 43.67 7.69 -45.65
C SER H 243 42.82 6.46 -45.40
N GLY H 244 41.50 6.60 -45.46
CA GLY H 244 40.61 5.49 -45.26
C GLY H 244 39.22 5.92 -44.85
N PHE H 245 38.55 5.12 -44.02
CA PHE H 245 37.23 5.46 -43.49
C PHE H 245 36.85 4.42 -42.45
N LEU H 246 35.85 4.77 -41.64
CA LEU H 246 35.28 3.88 -40.63
C LEU H 246 33.78 3.84 -40.86
N GLN H 247 33.29 2.74 -41.43
CA GLN H 247 31.90 2.63 -41.83
C GLN H 247 31.14 1.72 -40.87
N PHE H 248 29.82 1.89 -40.86
CA PHE H 248 28.92 1.14 -39.99
C PHE H 248 27.78 0.55 -40.82
N PHE H 249 27.40 -0.67 -40.50
CA PHE H 249 26.27 -1.34 -41.13
C PHE H 249 25.25 -1.67 -40.03
N LEU H 250 24.10 -1.03 -40.08
CA LEU H 250 23.06 -1.20 -39.07
C LEU H 250 21.85 -1.90 -39.69
N ALA H 251 21.41 -2.98 -39.07
CA ALA H 251 20.21 -3.67 -39.53
C ALA H 251 18.97 -2.99 -38.96
N PRO H 252 18.03 -2.60 -39.81
CA PRO H 252 16.84 -1.87 -39.35
C PRO H 252 15.91 -2.79 -38.55
N LYS H 253 14.82 -2.20 -38.06
CA LYS H 253 13.84 -2.92 -37.26
C LYS H 253 12.81 -3.57 -38.17
N PHE H 254 11.86 -4.27 -37.56
CA PHE H 254 10.80 -4.94 -38.30
C PHE H 254 9.76 -3.94 -38.79
N ASN H 255 9.07 -4.31 -39.86
CA ASN H 255 8.04 -3.45 -40.43
C ASN H 255 6.68 -3.73 -39.79
#